data_8G43
# 
_entry.id   8G43 
# 
_audit_conform.dict_name       mmcif_pdbx.dic 
_audit_conform.dict_version    5.376 
_audit_conform.dict_location   http://mmcif.pdb.org/dictionaries/ascii/mmcif_pdbx.dic 
# 
loop_
_database_2.database_id 
_database_2.database_code 
_database_2.pdbx_database_accession 
_database_2.pdbx_DOI 
PDB   8G43         pdb_00008g43 10.2210/pdb8g43/pdb 
WWPDB D_1000272146 ?            ?                   
# 
_pdbx_database_status.status_code                     REL 
_pdbx_database_status.status_code_sf                  REL 
_pdbx_database_status.status_code_mr                  ? 
_pdbx_database_status.entry_id                        8G43 
_pdbx_database_status.recvd_initial_deposition_date   2023-02-08 
_pdbx_database_status.SG_entry                        Y 
_pdbx_database_status.deposit_site                    RCSB 
_pdbx_database_status.process_site                    RCSB 
_pdbx_database_status.status_code_cs                  ? 
_pdbx_database_status.status_code_nmr_data            ? 
_pdbx_database_status.methods_development_category    ? 
_pdbx_database_status.pdb_format_compatible           Y 
# 
loop_
_audit_author.name 
_audit_author.pdbx_ordinal 
_audit_author.identifier_ORCID 
'Harding, R.J.'                        1  0000-0002-1134-391X 
'Franzoni, I.'                         2  0000-0001-8110-6218 
'Mann, M.K.'                           3  0000-0002-8252-6107 
'Szewczyk, M.'                         4  0000-0001-9243-1630 
'Mirabi, B.'                           5  0000-0002-4852-3439 
'Owens, D.D.G.'                        6  ?                   
'Ackloo, S.'                           7  0000-0002-9696-1839 
'Scheremetjew, A.'                     8  0000-0002-2091-5924 
'Juarez-Ornelas, K.A.'                 9  ?                   
'Sanichar, R.'                         10 0000-0003-4373-5317 
'Baker, R.J.'                          11 0000-0001-5514-8887 
'Dank, C.'                             12 0000-0001-7440-4153 
'Brown, P.J.'                          13 0000-0002-8454-0367 
'Barsyte-Lovejoy, D.'                  14 0000-0002-6560-9621 
'Santhakumar, V.'                      15 0000-0002-7001-557X 
'Schapira, M.'                         16 0000-0002-1047-3309 
'Lautens, M.'                          17 0000-0002-0179-2914 
'Arrowsmith, C.H.'                     18 0000-0002-4971-3250 
'Structural Genomics Consortium (SGC)' 19 ?                   
# 
_citation.abstract                  ? 
_citation.abstract_id_CAS           ? 
_citation.book_id_ISBN              ? 
_citation.book_publisher            ? 
_citation.book_publisher_city       ? 
_citation.book_title                ? 
_citation.coordinate_linkage        ? 
_citation.country                   US 
_citation.database_id_Medline       ? 
_citation.details                   ? 
_citation.id                        primary 
_citation.journal_abbrev            J.Med.Chem. 
_citation.journal_id_ASTM           JMCMAR 
_citation.journal_id_CSD            0151 
_citation.journal_id_ISSN           0022-2623 
_citation.journal_full              ? 
_citation.journal_issue             ? 
_citation.journal_volume            66 
_citation.language                  ? 
_citation.page_first                10273 
_citation.page_last                 10288 
_citation.title                     
'Discovery and Characterization of a Chemical Probe Targeting the Zinc-Finger Ubiquitin-Binding Domain of HDAC6.' 
_citation.year                      2023 
_citation.database_id_CSD           ? 
_citation.pdbx_database_id_DOI      10.1021/acs.jmedchem.3c00314 
_citation.pdbx_database_id_PubMed   37499118 
_citation.pdbx_database_id_patent   ? 
_citation.unpublished_flag          ? 
# 
loop_
_citation_author.citation_id 
_citation_author.name 
_citation_author.ordinal 
_citation_author.identifier_ORCID 
primary 'Harding, R.J.'           1  0000-0002-1134-391X 
primary 'Franzoni, I.'            2  0000-0001-8110-6218 
primary 'Mann, M.K.'              3  0000-0002-8252-6107 
primary 'Szewczyk, M.M.'          4  ?                   
primary 'Mirabi, B.'              5  0000-0002-4852-3439 
primary 'Ferreira de Freitas, R.' 6  ?                   
primary 'Owens, D.D.G.'           7  ?                   
primary 'Ackloo, S.'              8  0000-0002-9696-1839 
primary 'Scheremetjew, A.'        9  ?                   
primary 'Juarez-Ornelas, K.A.'    10 ?                   
primary 'Sanichar, R.'            11 ?                   
primary 'Baker, R.J.'             12 0000-0001-5514-8887 
primary 'Dank, C.'                13 ?                   
primary 'Brown, P.J.'             14 0000-0002-8454-0367 
primary 'Barsyte-Lovejoy, D.'     15 ?                   
primary 'Santhakumar, V.'         16 0000-0002-7001-557X 
primary 'Schapira, M.'            17 0000-0002-1047-3309 
primary 'Lautens, M.'             18 0000-0002-0179-2914 
primary 'Arrowsmith, C.H.'        19 0000-0002-4971-3250 
# 
_cell.angle_alpha                  90.00 
_cell.angle_alpha_esd              ? 
_cell.angle_beta                   90.00 
_cell.angle_beta_esd               ? 
_cell.angle_gamma                  90.00 
_cell.angle_gamma_esd              ? 
_cell.entry_id                     8G43 
_cell.details                      ? 
_cell.formula_units_Z              ? 
_cell.length_a                     40.870 
_cell.length_a_esd                 ? 
_cell.length_b                     44.040 
_cell.length_b_esd                 ? 
_cell.length_c                     55.870 
_cell.length_c_esd                 ? 
_cell.volume                       ? 
_cell.volume_esd                   ? 
_cell.Z_PDB                        4 
_cell.reciprocal_angle_alpha       ? 
_cell.reciprocal_angle_beta        ? 
_cell.reciprocal_angle_gamma       ? 
_cell.reciprocal_angle_alpha_esd   ? 
_cell.reciprocal_angle_beta_esd    ? 
_cell.reciprocal_angle_gamma_esd   ? 
_cell.reciprocal_length_a          ? 
_cell.reciprocal_length_b          ? 
_cell.reciprocal_length_c          ? 
_cell.reciprocal_length_a_esd      ? 
_cell.reciprocal_length_b_esd      ? 
_cell.reciprocal_length_c_esd      ? 
_cell.pdbx_unique_axis             ? 
_cell.pdbx_esd_method              ? 
# 
_symmetry.entry_id                         8G43 
_symmetry.cell_setting                     ? 
_symmetry.Int_Tables_number                19 
_symmetry.space_group_name_Hall            ? 
_symmetry.space_group_name_H-M             'P 21 21 21' 
_symmetry.pdbx_full_space_group_name_H-M   ? 
# 
loop_
_entity.id 
_entity.type 
_entity.src_method 
_entity.pdbx_description 
_entity.formula_weight 
_entity.pdbx_number_of_molecules 
_entity.pdbx_ec 
_entity.pdbx_mutation 
_entity.pdbx_fragment 
_entity.details 
1 polymer     man 'Histone deacetylase 6'                                                             11932.607 1  3.5.1.98 ? ? ? 
2 non-polymer syn 'ZINC ION'                                                                          65.409    3  ?        ? ? ? 
3 non-polymer syn '3-{3-[2-(methylamino)-2-oxoethyl]-4-oxo-3,4-dihydroquinazolin-2-yl}propanoic acid' 289.287   1  ?        ? ? ? 
4 water       nat water                                                                               18.015    89 ?        ? ? ? 
# 
_entity_name_com.entity_id   1 
_entity_name_com.name        HD6 
# 
_entity_poly.entity_id                      1 
_entity_poly.type                           'polypeptide(L)' 
_entity_poly.nstd_linkage                   no 
_entity_poly.nstd_monomer                   no 
_entity_poly.pdbx_seq_one_letter_code       
;GSPLPWCPHLVAVCPIPAAGLDVTQPCGDCGTIQENWVCLSCYQVYCGRYINGHMLQHHGNSGHPLVLSYIDLSAWCYYC
QAYVHHQALLDVKNIAHQNKFGEDMPH
;
_entity_poly.pdbx_seq_one_letter_code_can   
;GSPLPWCPHLVAVCPIPAAGLDVTQPCGDCGTIQENWVCLSCYQVYCGRYINGHMLQHHGNSGHPLVLSYIDLSAWCYYC
QAYVHHQALLDVKNIAHQNKFGEDMPH
;
_entity_poly.pdbx_strand_id                 A 
_entity_poly.pdbx_target_identifier         ? 
# 
loop_
_entity_poly_seq.entity_id 
_entity_poly_seq.num 
_entity_poly_seq.mon_id 
_entity_poly_seq.hetero 
1 1   GLY n 
1 2   SER n 
1 3   PRO n 
1 4   LEU n 
1 5   PRO n 
1 6   TRP n 
1 7   CYS n 
1 8   PRO n 
1 9   HIS n 
1 10  LEU n 
1 11  VAL n 
1 12  ALA n 
1 13  VAL n 
1 14  CYS n 
1 15  PRO n 
1 16  ILE n 
1 17  PRO n 
1 18  ALA n 
1 19  ALA n 
1 20  GLY n 
1 21  LEU n 
1 22  ASP n 
1 23  VAL n 
1 24  THR n 
1 25  GLN n 
1 26  PRO n 
1 27  CYS n 
1 28  GLY n 
1 29  ASP n 
1 30  CYS n 
1 31  GLY n 
1 32  THR n 
1 33  ILE n 
1 34  GLN n 
1 35  GLU n 
1 36  ASN n 
1 37  TRP n 
1 38  VAL n 
1 39  CYS n 
1 40  LEU n 
1 41  SER n 
1 42  CYS n 
1 43  TYR n 
1 44  GLN n 
1 45  VAL n 
1 46  TYR n 
1 47  CYS n 
1 48  GLY n 
1 49  ARG n 
1 50  TYR n 
1 51  ILE n 
1 52  ASN n 
1 53  GLY n 
1 54  HIS n 
1 55  MET n 
1 56  LEU n 
1 57  GLN n 
1 58  HIS n 
1 59  HIS n 
1 60  GLY n 
1 61  ASN n 
1 62  SER n 
1 63  GLY n 
1 64  HIS n 
1 65  PRO n 
1 66  LEU n 
1 67  VAL n 
1 68  LEU n 
1 69  SER n 
1 70  TYR n 
1 71  ILE n 
1 72  ASP n 
1 73  LEU n 
1 74  SER n 
1 75  ALA n 
1 76  TRP n 
1 77  CYS n 
1 78  TYR n 
1 79  TYR n 
1 80  CYS n 
1 81  GLN n 
1 82  ALA n 
1 83  TYR n 
1 84  VAL n 
1 85  HIS n 
1 86  HIS n 
1 87  GLN n 
1 88  ALA n 
1 89  LEU n 
1 90  LEU n 
1 91  ASP n 
1 92  VAL n 
1 93  LYS n 
1 94  ASN n 
1 95  ILE n 
1 96  ALA n 
1 97  HIS n 
1 98  GLN n 
1 99  ASN n 
1 100 LYS n 
1 101 PHE n 
1 102 GLY n 
1 103 GLU n 
1 104 ASP n 
1 105 MET n 
1 106 PRO n 
1 107 HIS n 
# 
_entity_src_gen.entity_id                          1 
_entity_src_gen.pdbx_src_id                        1 
_entity_src_gen.pdbx_alt_source_flag               sample 
_entity_src_gen.pdbx_seq_type                      'Biological sequence' 
_entity_src_gen.pdbx_beg_seq_num                   1 
_entity_src_gen.pdbx_end_seq_num                   107 
_entity_src_gen.gene_src_common_name               human 
_entity_src_gen.gene_src_genus                     ? 
_entity_src_gen.pdbx_gene_src_gene                 'HDAC6, KIAA0901, JM21' 
_entity_src_gen.gene_src_species                   ? 
_entity_src_gen.gene_src_strain                    ? 
_entity_src_gen.gene_src_tissue                    ? 
_entity_src_gen.gene_src_tissue_fraction           ? 
_entity_src_gen.gene_src_details                   ? 
_entity_src_gen.pdbx_gene_src_fragment             ? 
_entity_src_gen.pdbx_gene_src_scientific_name      'Homo sapiens' 
_entity_src_gen.pdbx_gene_src_ncbi_taxonomy_id     9606 
_entity_src_gen.pdbx_gene_src_variant              ? 
_entity_src_gen.pdbx_gene_src_cell_line            ? 
_entity_src_gen.pdbx_gene_src_atcc                 ? 
_entity_src_gen.pdbx_gene_src_organ                ? 
_entity_src_gen.pdbx_gene_src_organelle            ? 
_entity_src_gen.pdbx_gene_src_cell                 ? 
_entity_src_gen.pdbx_gene_src_cellular_location    ? 
_entity_src_gen.host_org_common_name               ? 
_entity_src_gen.pdbx_host_org_scientific_name      'Escherichia coli' 
_entity_src_gen.pdbx_host_org_ncbi_taxonomy_id     562 
_entity_src_gen.host_org_genus                     ? 
_entity_src_gen.pdbx_host_org_gene                 ? 
_entity_src_gen.pdbx_host_org_organ                ? 
_entity_src_gen.host_org_species                   ? 
_entity_src_gen.pdbx_host_org_tissue               ? 
_entity_src_gen.pdbx_host_org_tissue_fraction      ? 
_entity_src_gen.pdbx_host_org_strain               ? 
_entity_src_gen.pdbx_host_org_variant              ? 
_entity_src_gen.pdbx_host_org_cell_line            ? 
_entity_src_gen.pdbx_host_org_atcc                 ? 
_entity_src_gen.pdbx_host_org_culture_collection   ? 
_entity_src_gen.pdbx_host_org_cell                 ? 
_entity_src_gen.pdbx_host_org_organelle            ? 
_entity_src_gen.pdbx_host_org_cellular_location    ? 
_entity_src_gen.pdbx_host_org_vector_type          ? 
_entity_src_gen.pdbx_host_org_vector               ? 
_entity_src_gen.host_org_details                   ? 
_entity_src_gen.expression_system_id               ? 
_entity_src_gen.plasmid_name                       ? 
_entity_src_gen.plasmid_details                    ? 
_entity_src_gen.pdbx_description                   ? 
# 
_struct_ref.id                         1 
_struct_ref.db_name                    UNP 
_struct_ref.db_code                    HDAC6_HUMAN 
_struct_ref.pdbx_db_accession          Q9UBN7 
_struct_ref.pdbx_db_isoform            ? 
_struct_ref.entity_id                  1 
_struct_ref.pdbx_seq_one_letter_code   
;PLPWCPHLVAVCPIPAAGLDVTQPCGDCGTIQENWVCLSCYQVYCGRYINGHMLQHHGNSGHPLVLSYIDLSAWCYYCQA
YVHHQALLDVKNIAHQNKFGEDMPH
;
_struct_ref.pdbx_align_begin           1109 
# 
_struct_ref_seq.align_id                      1 
_struct_ref_seq.ref_id                        1 
_struct_ref_seq.pdbx_PDB_id_code              8G43 
_struct_ref_seq.pdbx_strand_id                A 
_struct_ref_seq.seq_align_beg                 3 
_struct_ref_seq.pdbx_seq_align_beg_ins_code   ? 
_struct_ref_seq.seq_align_end                 107 
_struct_ref_seq.pdbx_seq_align_end_ins_code   ? 
_struct_ref_seq.pdbx_db_accession             Q9UBN7 
_struct_ref_seq.db_align_beg                  1109 
_struct_ref_seq.pdbx_db_align_beg_ins_code    ? 
_struct_ref_seq.db_align_end                  1213 
_struct_ref_seq.pdbx_db_align_end_ins_code    ? 
_struct_ref_seq.pdbx_auth_seq_align_beg       1109 
_struct_ref_seq.pdbx_auth_seq_align_end       1213 
# 
loop_
_struct_ref_seq_dif.align_id 
_struct_ref_seq_dif.pdbx_pdb_id_code 
_struct_ref_seq_dif.mon_id 
_struct_ref_seq_dif.pdbx_pdb_strand_id 
_struct_ref_seq_dif.seq_num 
_struct_ref_seq_dif.pdbx_pdb_ins_code 
_struct_ref_seq_dif.pdbx_seq_db_name 
_struct_ref_seq_dif.pdbx_seq_db_accession_code 
_struct_ref_seq_dif.db_mon_id 
_struct_ref_seq_dif.pdbx_seq_db_seq_num 
_struct_ref_seq_dif.details 
_struct_ref_seq_dif.pdbx_auth_seq_num 
_struct_ref_seq_dif.pdbx_ordinal 
1 8G43 GLY A 1 ? UNP Q9UBN7 ? ? 'expression tag' 1107 1 
1 8G43 SER A 2 ? UNP Q9UBN7 ? ? 'expression tag' 1108 2 
# 
loop_
_chem_comp.id 
_chem_comp.type 
_chem_comp.mon_nstd_flag 
_chem_comp.name 
_chem_comp.pdbx_synonyms 
_chem_comp.formula 
_chem_comp.formula_weight 
ALA 'L-peptide linking' y ALANINE                                                                             ? 'C3 H7 N O2'     
89.093  
ARG 'L-peptide linking' y ARGININE                                                                            ? 'C6 H15 N4 O2 1' 
175.209 
ASN 'L-peptide linking' y ASPARAGINE                                                                          ? 'C4 H8 N2 O3'    
132.118 
ASP 'L-peptide linking' y 'ASPARTIC ACID'                                                                     ? 'C4 H7 N O4'     
133.103 
CYS 'L-peptide linking' y CYSTEINE                                                                            ? 'C3 H7 N O2 S'   
121.158 
GLN 'L-peptide linking' y GLUTAMINE                                                                           ? 'C5 H10 N2 O3'   
146.144 
GLU 'L-peptide linking' y 'GLUTAMIC ACID'                                                                     ? 'C5 H9 N O4'     
147.129 
GLY 'peptide linking'   y GLYCINE                                                                             ? 'C2 H5 N O2'     
75.067  
HIS 'L-peptide linking' y HISTIDINE                                                                           ? 'C6 H10 N3 O2 1' 
156.162 
HOH non-polymer         . WATER                                                                               ? 'H2 O'           
18.015  
ILE 'L-peptide linking' y ISOLEUCINE                                                                          ? 'C6 H13 N O2'    
131.173 
LEU 'L-peptide linking' y LEUCINE                                                                             ? 'C6 H13 N O2'    
131.173 
LYS 'L-peptide linking' y LYSINE                                                                              ? 'C6 H15 N2 O2 1' 
147.195 
MET 'L-peptide linking' y METHIONINE                                                                          ? 'C5 H11 N O2 S'  
149.211 
PHE 'L-peptide linking' y PHENYLALANINE                                                                       ? 'C9 H11 N O2'    
165.189 
PRO 'L-peptide linking' y PROLINE                                                                             ? 'C5 H9 N O2'     
115.130 
SER 'L-peptide linking' y SERINE                                                                              ? 'C3 H7 N O3'     
105.093 
THR 'L-peptide linking' y THREONINE                                                                           ? 'C4 H9 N O3'     
119.119 
TRP 'L-peptide linking' y TRYPTOPHAN                                                                          ? 'C11 H12 N2 O2'  
204.225 
TYR 'L-peptide linking' y TYROSINE                                                                            ? 'C9 H11 N O3'    
181.189 
VAL 'L-peptide linking' y VALINE                                                                              ? 'C5 H11 N O2'    
117.146 
ZN  non-polymer         . 'ZINC ION'                                                                          ? 'Zn 2'           
65.409  
ZU6 non-polymer         . '3-{3-[2-(methylamino)-2-oxoethyl]-4-oxo-3,4-dihydroquinazolin-2-yl}propanoic acid' ? 'C14 H15 N3 O4'  
289.287 
# 
_exptl.absorpt_coefficient_mu     ? 
_exptl.absorpt_correction_T_max   ? 
_exptl.absorpt_correction_T_min   ? 
_exptl.absorpt_correction_type    ? 
_exptl.absorpt_process_details    ? 
_exptl.entry_id                   8G43 
_exptl.crystals_number            1 
_exptl.details                    ? 
_exptl.method                     'X-RAY DIFFRACTION' 
_exptl.method_details             ? 
# 
_exptl_crystal.colour                       ? 
_exptl_crystal.density_diffrn               ? 
_exptl_crystal.density_Matthews             2.27 
_exptl_crystal.density_method               ? 
_exptl_crystal.density_percent_sol          45.72 
_exptl_crystal.description                  ? 
_exptl_crystal.F_000                        ? 
_exptl_crystal.id                           1 
_exptl_crystal.preparation                  ? 
_exptl_crystal.size_max                     ? 
_exptl_crystal.size_mid                     ? 
_exptl_crystal.size_min                     ? 
_exptl_crystal.size_rad                     ? 
_exptl_crystal.colour_lustre                ? 
_exptl_crystal.colour_modifier              ? 
_exptl_crystal.colour_primary               ? 
_exptl_crystal.density_meas                 ? 
_exptl_crystal.density_meas_esd             ? 
_exptl_crystal.density_meas_gt              ? 
_exptl_crystal.density_meas_lt              ? 
_exptl_crystal.density_meas_temp            ? 
_exptl_crystal.density_meas_temp_esd        ? 
_exptl_crystal.density_meas_temp_gt         ? 
_exptl_crystal.density_meas_temp_lt         ? 
_exptl_crystal.pdbx_crystal_image_url       ? 
_exptl_crystal.pdbx_crystal_image_format    ? 
_exptl_crystal.pdbx_mosaicity               ? 
_exptl_crystal.pdbx_mosaicity_esd           ? 
_exptl_crystal.pdbx_mosaic_method           ? 
_exptl_crystal.pdbx_mosaic_block_size       ? 
_exptl_crystal.pdbx_mosaic_block_size_esd   ? 
# 
_exptl_crystal_grow.apparatus       ? 
_exptl_crystal_grow.atmosphere      ? 
_exptl_crystal_grow.crystal_id      1 
_exptl_crystal_grow.details         ? 
_exptl_crystal_grow.method          'VAPOR DIFFUSION, SITTING DROP' 
_exptl_crystal_grow.method_ref      ? 
_exptl_crystal_grow.pH              ? 
_exptl_crystal_grow.pressure        ? 
_exptl_crystal_grow.pressure_esd    ? 
_exptl_crystal_grow.seeding         ? 
_exptl_crystal_grow.seeding_ref     ? 
_exptl_crystal_grow.temp_details    ? 
_exptl_crystal_grow.temp_esd        ? 
_exptl_crystal_grow.time            ? 
_exptl_crystal_grow.pdbx_details    '2 M sodium formate, 0.2 M sodium acetate pH4.6, 5 % ethylene glycol' 
_exptl_crystal_grow.pdbx_pH_range   ? 
_exptl_crystal_grow.temp            291 
# 
_diffrn.ambient_environment              ? 
_diffrn.ambient_temp                     100 
_diffrn.ambient_temp_details             ? 
_diffrn.ambient_temp_esd                 ? 
_diffrn.crystal_id                       1 
_diffrn.crystal_support                  ? 
_diffrn.crystal_treatment                ? 
_diffrn.details                          ? 
_diffrn.id                               1 
_diffrn.ambient_pressure                 ? 
_diffrn.ambient_pressure_esd             ? 
_diffrn.ambient_pressure_gt              ? 
_diffrn.ambient_pressure_lt              ? 
_diffrn.ambient_temp_gt                  ? 
_diffrn.ambient_temp_lt                  ? 
_diffrn.pdbx_serial_crystal_experiment   N 
# 
_diffrn_detector.details                      ? 
_diffrn_detector.detector                     CCD 
_diffrn_detector.diffrn_id                    1 
_diffrn_detector.type                         'RIGAKU SATURN A200' 
_diffrn_detector.area_resol_mean              ? 
_diffrn_detector.dtime                        ? 
_diffrn_detector.pdbx_frames_total            ? 
_diffrn_detector.pdbx_collection_time_total   ? 
_diffrn_detector.pdbx_collection_date         2017-08-18 
_diffrn_detector.pdbx_frequency               ? 
_diffrn_detector.id                           ? 
_diffrn_detector.number_of_axes               ? 
# 
_diffrn_radiation.collimation                      ? 
_diffrn_radiation.diffrn_id                        1 
_diffrn_radiation.filter_edge                      ? 
_diffrn_radiation.inhomogeneity                    ? 
_diffrn_radiation.monochromator                    ? 
_diffrn_radiation.polarisn_norm                    ? 
_diffrn_radiation.polarisn_ratio                   ? 
_diffrn_radiation.probe                            ? 
_diffrn_radiation.type                             ? 
_diffrn_radiation.xray_symbol                      ? 
_diffrn_radiation.wavelength_id                    1 
_diffrn_radiation.pdbx_monochromatic_or_laue_m_l   M 
_diffrn_radiation.pdbx_wavelength_list             ? 
_diffrn_radiation.pdbx_wavelength                  ? 
_diffrn_radiation.pdbx_diffrn_protocol             'SINGLE WAVELENGTH' 
_diffrn_radiation.pdbx_analyzer                    ? 
_diffrn_radiation.pdbx_scattering_type             x-ray 
# 
_diffrn_radiation_wavelength.id           1 
_diffrn_radiation_wavelength.wavelength   1.54178 
_diffrn_radiation_wavelength.wt           1.0 
# 
_diffrn_source.current                     ? 
_diffrn_source.details                     ? 
_diffrn_source.diffrn_id                   1 
_diffrn_source.power                       ? 
_diffrn_source.size                        ? 
_diffrn_source.source                      'ROTATING ANODE' 
_diffrn_source.target                      ? 
_diffrn_source.type                        'RIGAKU FR-E SUPERBRIGHT' 
_diffrn_source.voltage                     ? 
_diffrn_source.take-off_angle              ? 
_diffrn_source.pdbx_wavelength_list        1.54178 
_diffrn_source.pdbx_wavelength             ? 
_diffrn_source.pdbx_synchrotron_beamline   ? 
_diffrn_source.pdbx_synchrotron_site       ? 
# 
_reflns.B_iso_Wilson_estimate                          ? 
_reflns.entry_id                                       8G43 
_reflns.data_reduction_details                         ? 
_reflns.data_reduction_method                          ? 
_reflns.d_resolution_high                              1.55 
_reflns.d_resolution_low                               29.98 
_reflns.details                                        ? 
_reflns.limit_h_max                                    ? 
_reflns.limit_h_min                                    ? 
_reflns.limit_k_max                                    ? 
_reflns.limit_k_min                                    ? 
_reflns.limit_l_max                                    ? 
_reflns.limit_l_min                                    ? 
_reflns.number_all                                     ? 
_reflns.number_obs                                     15157 
_reflns.observed_criterion                             ? 
_reflns.observed_criterion_F_max                       ? 
_reflns.observed_criterion_F_min                       ? 
_reflns.observed_criterion_I_max                       ? 
_reflns.observed_criterion_I_min                       ? 
_reflns.observed_criterion_sigma_F                     ? 
_reflns.observed_criterion_sigma_I                     ? 
_reflns.percent_possible_obs                           99.9 
_reflns.R_free_details                                 ? 
_reflns.Rmerge_F_all                                   ? 
_reflns.Rmerge_F_obs                                   ? 
_reflns.Friedel_coverage                               ? 
_reflns.number_gt                                      ? 
_reflns.threshold_expression                           ? 
_reflns.pdbx_redundancy                                6.6 
_reflns.pdbx_netI_over_av_sigmaI                       ? 
_reflns.pdbx_netI_over_sigmaI                          30.7 
_reflns.pdbx_res_netI_over_av_sigmaI_2                 ? 
_reflns.pdbx_res_netI_over_sigmaI_2                    ? 
_reflns.pdbx_chi_squared                               0.90 
_reflns.pdbx_scaling_rejects                           ? 
_reflns.pdbx_d_res_high_opt                            ? 
_reflns.pdbx_d_res_low_opt                             ? 
_reflns.pdbx_d_res_opt_method                          ? 
_reflns.phase_calculation_details                      ? 
_reflns.pdbx_Rrim_I_all                                0.046 
_reflns.pdbx_Rpim_I_all                                0.018 
_reflns.pdbx_d_opt                                     ? 
_reflns.pdbx_number_measured_all                       ? 
_reflns.pdbx_diffrn_id                                 1 
_reflns.pdbx_ordinal                                   1 
_reflns.pdbx_CC_half                                   1.000 
_reflns.pdbx_CC_star                                   ? 
_reflns.pdbx_R_split                                   ? 
_reflns.pdbx_Rmerge_I_obs                              0.042 
_reflns.pdbx_Rmerge_I_all                              ? 
_reflns.pdbx_Rsym_value                                ? 
_reflns.pdbx_CC_split_method                           ? 
_reflns.pdbx_aniso_diffraction_limit_axis_1_ortho[1]   ? 
_reflns.pdbx_aniso_diffraction_limit_axis_1_ortho[2]   ? 
_reflns.pdbx_aniso_diffraction_limit_axis_1_ortho[3]   ? 
_reflns.pdbx_aniso_diffraction_limit_axis_2_ortho[1]   ? 
_reflns.pdbx_aniso_diffraction_limit_axis_2_ortho[2]   ? 
_reflns.pdbx_aniso_diffraction_limit_axis_2_ortho[3]   ? 
_reflns.pdbx_aniso_diffraction_limit_axis_3_ortho[1]   ? 
_reflns.pdbx_aniso_diffraction_limit_axis_3_ortho[2]   ? 
_reflns.pdbx_aniso_diffraction_limit_axis_3_ortho[3]   ? 
_reflns.pdbx_aniso_diffraction_limit_1                 ? 
_reflns.pdbx_aniso_diffraction_limit_2                 ? 
_reflns.pdbx_aniso_diffraction_limit_3                 ? 
_reflns.pdbx_aniso_B_tensor_eigenvector_1_ortho[1]     ? 
_reflns.pdbx_aniso_B_tensor_eigenvector_1_ortho[2]     ? 
_reflns.pdbx_aniso_B_tensor_eigenvector_1_ortho[3]     ? 
_reflns.pdbx_aniso_B_tensor_eigenvector_2_ortho[1]     ? 
_reflns.pdbx_aniso_B_tensor_eigenvector_2_ortho[2]     ? 
_reflns.pdbx_aniso_B_tensor_eigenvector_2_ortho[3]     ? 
_reflns.pdbx_aniso_B_tensor_eigenvector_3_ortho[1]     ? 
_reflns.pdbx_aniso_B_tensor_eigenvector_3_ortho[2]     ? 
_reflns.pdbx_aniso_B_tensor_eigenvector_3_ortho[3]     ? 
_reflns.pdbx_aniso_B_tensor_eigenvalue_1               ? 
_reflns.pdbx_aniso_B_tensor_eigenvalue_2               ? 
_reflns.pdbx_aniso_B_tensor_eigenvalue_3               ? 
_reflns.pdbx_orthogonalization_convention              ? 
_reflns.pdbx_percent_possible_ellipsoidal              ? 
_reflns.pdbx_percent_possible_spherical                ? 
_reflns.pdbx_percent_possible_ellipsoidal_anomalous    ? 
_reflns.pdbx_percent_possible_spherical_anomalous      ? 
_reflns.pdbx_redundancy_anomalous                      ? 
_reflns.pdbx_CC_half_anomalous                         ? 
_reflns.pdbx_absDiff_over_sigma_anomalous              ? 
_reflns.pdbx_percent_possible_anomalous                ? 
_reflns.pdbx_observed_signal_threshold                 ? 
_reflns.pdbx_signal_type                               ? 
_reflns.pdbx_signal_details                            ? 
_reflns.pdbx_signal_software_id                        ? 
# 
_reflns_shell.d_res_high                                    1.55 
_reflns_shell.d_res_low                                     1.58 
_reflns_shell.meanI_over_sigI_all                           ? 
_reflns_shell.meanI_over_sigI_obs                           ? 
_reflns_shell.number_measured_all                           4598 
_reflns_shell.number_measured_obs                           ? 
_reflns_shell.number_possible                               ? 
_reflns_shell.number_unique_all                             ? 
_reflns_shell.number_unique_obs                             760 
_reflns_shell.percent_possible_obs                          100.0 
_reflns_shell.Rmerge_F_all                                  ? 
_reflns_shell.Rmerge_F_obs                                  ? 
_reflns_shell.meanI_over_sigI_gt                            ? 
_reflns_shell.meanI_over_uI_all                             ? 
_reflns_shell.meanI_over_uI_gt                              ? 
_reflns_shell.number_measured_gt                            ? 
_reflns_shell.number_unique_gt                              ? 
_reflns_shell.percent_possible_gt                           ? 
_reflns_shell.Rmerge_F_gt                                   ? 
_reflns_shell.Rmerge_I_gt                                   ? 
_reflns_shell.pdbx_redundancy                               6.1 
_reflns_shell.pdbx_chi_squared                              1.05 
_reflns_shell.pdbx_netI_over_sigmaI_all                     ? 
_reflns_shell.pdbx_netI_over_sigmaI_obs                     7.9 
_reflns_shell.pdbx_Rrim_I_all                               0.279 
_reflns_shell.pdbx_Rpim_I_all                               0.112 
_reflns_shell.pdbx_rejects                                  ? 
_reflns_shell.pdbx_ordinal                                  1 
_reflns_shell.pdbx_diffrn_id                                1 
_reflns_shell.pdbx_CC_half                                  0.974 
_reflns_shell.pdbx_CC_star                                  ? 
_reflns_shell.pdbx_R_split                                  ? 
_reflns_shell.percent_possible_all                          ? 
_reflns_shell.Rmerge_I_all                                  ? 
_reflns_shell.Rmerge_I_obs                                  0.254 
_reflns_shell.pdbx_Rsym_value                               ? 
_reflns_shell.pdbx_percent_possible_ellipsoidal             ? 
_reflns_shell.pdbx_percent_possible_spherical               ? 
_reflns_shell.pdbx_percent_possible_ellipsoidal_anomalous   ? 
_reflns_shell.pdbx_percent_possible_spherical_anomalous     ? 
_reflns_shell.pdbx_redundancy_anomalous                     ? 
_reflns_shell.pdbx_CC_half_anomalous                        ? 
_reflns_shell.pdbx_absDiff_over_sigma_anomalous             ? 
_reflns_shell.pdbx_percent_possible_anomalous               ? 
# 
_refine.aniso_B[1][1]                            0.25 
_refine.aniso_B[1][2]                            0.00 
_refine.aniso_B[1][3]                            0.00 
_refine.aniso_B[2][2]                            0.59 
_refine.aniso_B[2][3]                            -0.00 
_refine.aniso_B[3][3]                            -0.84 
_refine.B_iso_max                                ? 
_refine.B_iso_mean                               12.136 
_refine.B_iso_min                                ? 
_refine.correlation_coeff_Fo_to_Fc               0.961 
_refine.correlation_coeff_Fo_to_Fc_free          0.952 
_refine.details                                  'HYDROGENS HAVE BEEN ADDED IN THE RIDING POSITIONS' 
_refine.diff_density_max                         ? 
_refine.diff_density_max_esd                     ? 
_refine.diff_density_min                         ? 
_refine.diff_density_min_esd                     ? 
_refine.diff_density_rms                         ? 
_refine.diff_density_rms_esd                     ? 
_refine.entry_id                                 8G43 
_refine.pdbx_refine_id                           'X-RAY DIFFRACTION' 
_refine.ls_abs_structure_details                 ? 
_refine.ls_abs_structure_Flack                   ? 
_refine.ls_abs_structure_Flack_esd               ? 
_refine.ls_abs_structure_Rogers                  ? 
_refine.ls_abs_structure_Rogers_esd              ? 
_refine.ls_d_res_high                            1.55 
_refine.ls_d_res_low                             29.98 
_refine.ls_extinction_coef                       ? 
_refine.ls_extinction_coef_esd                   ? 
_refine.ls_extinction_expression                 ? 
_refine.ls_extinction_method                     ? 
_refine.ls_goodness_of_fit_all                   ? 
_refine.ls_goodness_of_fit_all_esd               ? 
_refine.ls_goodness_of_fit_obs                   ? 
_refine.ls_goodness_of_fit_obs_esd               ? 
_refine.ls_hydrogen_treatment                    ? 
_refine.ls_matrix_type                           ? 
_refine.ls_number_constraints                    ? 
_refine.ls_number_parameters                     ? 
_refine.ls_number_reflns_all                     ? 
_refine.ls_number_reflns_obs                     14457 
_refine.ls_number_reflns_R_free                  699 
_refine.ls_number_reflns_R_work                  ? 
_refine.ls_number_restraints                     ? 
_refine.ls_percent_reflns_obs                    99.82 
_refine.ls_percent_reflns_R_free                 4.6 
_refine.ls_R_factor_all                          ? 
_refine.ls_R_factor_obs                          0.16154 
_refine.ls_R_factor_R_free                       0.17700 
_refine.ls_R_factor_R_free_error                 ? 
_refine.ls_R_factor_R_free_error_details         ? 
_refine.ls_R_factor_R_work                       0.16074 
_refine.ls_R_Fsqd_factor_obs                     ? 
_refine.ls_R_I_factor_obs                        ? 
_refine.ls_redundancy_reflns_all                 ? 
_refine.ls_redundancy_reflns_obs                 ? 
_refine.ls_restrained_S_all                      ? 
_refine.ls_restrained_S_obs                      ? 
_refine.ls_shift_over_esd_max                    ? 
_refine.ls_shift_over_esd_mean                   ? 
_refine.ls_structure_factor_coef                 ? 
_refine.ls_weighting_details                     ? 
_refine.ls_weighting_scheme                      ? 
_refine.ls_wR_factor_all                         ? 
_refine.ls_wR_factor_obs                         ? 
_refine.ls_wR_factor_R_free                      ? 
_refine.ls_wR_factor_R_work                      ? 
_refine.occupancy_max                            ? 
_refine.occupancy_min                            ? 
_refine.solvent_model_details                    MASK 
_refine.solvent_model_param_bsol                 ? 
_refine.solvent_model_param_ksol                 ? 
_refine.pdbx_R_complete                          ? 
_refine.ls_R_factor_gt                           ? 
_refine.ls_goodness_of_fit_gt                    ? 
_refine.ls_goodness_of_fit_ref                   ? 
_refine.ls_shift_over_su_max                     ? 
_refine.ls_shift_over_su_max_lt                  ? 
_refine.ls_shift_over_su_mean                    ? 
_refine.ls_shift_over_su_mean_lt                 ? 
_refine.pdbx_ls_sigma_I                          ? 
_refine.pdbx_ls_sigma_F                          ? 
_refine.pdbx_ls_sigma_Fsqd                       ? 
_refine.pdbx_data_cutoff_high_absF               ? 
_refine.pdbx_data_cutoff_high_rms_absF           ? 
_refine.pdbx_data_cutoff_low_absF                ? 
_refine.pdbx_isotropic_thermal_model             ? 
_refine.pdbx_ls_cross_valid_method               THROUGHOUT 
_refine.pdbx_method_to_determine_struct          'MOLECULAR REPLACEMENT' 
_refine.pdbx_starting_model                      ? 
_refine.pdbx_stereochemistry_target_values       'MAXIMUM LIKELIHOOD' 
_refine.pdbx_R_Free_selection_details            RANDOM 
_refine.pdbx_stereochem_target_val_spec_case     ? 
_refine.pdbx_overall_ESU_R                       0.073 
_refine.pdbx_overall_ESU_R_Free                  0.070 
_refine.pdbx_solvent_vdw_probe_radii             1.20 
_refine.pdbx_solvent_ion_probe_radii             0.80 
_refine.pdbx_solvent_shrinkage_radii             0.80 
_refine.pdbx_real_space_R                        ? 
_refine.pdbx_density_correlation                 ? 
_refine.pdbx_pd_number_of_powder_patterns        ? 
_refine.pdbx_pd_number_of_points                 ? 
_refine.pdbx_pd_meas_number_of_points            ? 
_refine.pdbx_pd_proc_ls_prof_R_factor            ? 
_refine.pdbx_pd_proc_ls_prof_wR_factor           ? 
_refine.pdbx_pd_Marquardt_correlation_coeff      ? 
_refine.pdbx_pd_Fsqrd_R_factor                   ? 
_refine.pdbx_pd_ls_matrix_band_width             ? 
_refine.pdbx_overall_phase_error                 ? 
_refine.pdbx_overall_SU_R_free_Cruickshank_DPI   ? 
_refine.pdbx_overall_SU_R_free_Blow_DPI          ? 
_refine.pdbx_overall_SU_R_Blow_DPI               ? 
_refine.pdbx_TLS_residual_ADP_flag               ? 
_refine.pdbx_diffrn_id                           1 
_refine.overall_SU_B                             1.127 
_refine.overall_SU_ML                            0.042 
_refine.overall_SU_R_Cruickshank_DPI             ? 
_refine.overall_SU_R_free                        ? 
_refine.overall_FOM_free_R_set                   ? 
_refine.overall_FOM_work_R_set                   ? 
_refine.pdbx_average_fsc_overall                 ? 
_refine.pdbx_average_fsc_work                    ? 
_refine.pdbx_average_fsc_free                    ? 
# 
_refine_hist.pdbx_refine_id                   'X-RAY DIFFRACTION' 
_refine_hist.cycle_id                         1 
_refine_hist.details                          ? 
_refine_hist.d_res_high                       1.55 
_refine_hist.d_res_low                        29.98 
_refine_hist.number_atoms_solvent             89 
_refine_hist.number_atoms_total               884 
_refine_hist.number_reflns_all                ? 
_refine_hist.number_reflns_obs                ? 
_refine_hist.number_reflns_R_free             ? 
_refine_hist.number_reflns_R_work             ? 
_refine_hist.R_factor_all                     ? 
_refine_hist.R_factor_obs                     ? 
_refine_hist.R_factor_R_free                  ? 
_refine_hist.R_factor_R_work                  ? 
_refine_hist.pdbx_number_residues_total       ? 
_refine_hist.pdbx_B_iso_mean_ligand           ? 
_refine_hist.pdbx_B_iso_mean_solvent          ? 
_refine_hist.pdbx_number_atoms_protein        771 
_refine_hist.pdbx_number_atoms_nucleic_acid   0 
_refine_hist.pdbx_number_atoms_ligand         24 
_refine_hist.pdbx_number_atoms_lipid          ? 
_refine_hist.pdbx_number_atoms_carb           ? 
_refine_hist.pdbx_pseudo_atom_details         ? 
# 
loop_
_refine_ls_restr.pdbx_refine_id 
_refine_ls_restr.criterion 
_refine_ls_restr.dev_ideal 
_refine_ls_restr.dev_ideal_target 
_refine_ls_restr.number 
_refine_ls_restr.rejects 
_refine_ls_restr.type 
_refine_ls_restr.weight 
_refine_ls_restr.pdbx_restraint_function 
'X-RAY DIFFRACTION' ? 0.028  0.013  851  ? r_bond_refined_d             ? ? 
'X-RAY DIFFRACTION' ? 0.001  0.016  727  ? r_bond_other_d               ? ? 
'X-RAY DIFFRACTION' ? 1.850  1.651  1170 ? r_angle_refined_deg          ? ? 
'X-RAY DIFFRACTION' ? 1.596  1.591  1677 ? r_angle_other_deg            ? ? 
'X-RAY DIFFRACTION' ? 6.714  5.000  102  ? r_dihedral_angle_1_deg       ? ? 
'X-RAY DIFFRACTION' ? 34.318 23.784 37   ? r_dihedral_angle_2_deg       ? ? 
'X-RAY DIFFRACTION' ? 10.442 15.000 111  ? r_dihedral_angle_3_deg       ? ? 
'X-RAY DIFFRACTION' ? 13.556 15.000 1    ? r_dihedral_angle_4_deg       ? ? 
'X-RAY DIFFRACTION' ? 0.111  0.200  101  ? r_chiral_restr               ? ? 
'X-RAY DIFFRACTION' ? 0.013  0.020  1041 ? r_gen_planes_refined         ? ? 
'X-RAY DIFFRACTION' ? 0.002  0.020  193  ? r_gen_planes_other           ? ? 
'X-RAY DIFFRACTION' ? ?      ?      ?    ? r_nbd_refined                ? ? 
'X-RAY DIFFRACTION' ? ?      ?      ?    ? r_nbd_other                  ? ? 
'X-RAY DIFFRACTION' ? ?      ?      ?    ? r_nbtor_refined              ? ? 
'X-RAY DIFFRACTION' ? ?      ?      ?    ? r_nbtor_other                ? ? 
'X-RAY DIFFRACTION' ? ?      ?      ?    ? r_xyhbond_nbd_refined        ? ? 
'X-RAY DIFFRACTION' ? ?      ?      ?    ? r_xyhbond_nbd_other          ? ? 
'X-RAY DIFFRACTION' ? ?      ?      ?    ? r_metal_ion_refined          ? ? 
'X-RAY DIFFRACTION' ? ?      ?      ?    ? r_metal_ion_other            ? ? 
'X-RAY DIFFRACTION' ? ?      ?      ?    ? r_symmetry_vdw_refined       ? ? 
'X-RAY DIFFRACTION' ? ?      ?      ?    ? r_symmetry_vdw_other         ? ? 
'X-RAY DIFFRACTION' ? ?      ?      ?    ? r_symmetry_hbond_refined     ? ? 
'X-RAY DIFFRACTION' ? ?      ?      ?    ? r_symmetry_hbond_other       ? ? 
'X-RAY DIFFRACTION' ? ?      ?      ?    ? r_symmetry_metal_ion_refined ? ? 
'X-RAY DIFFRACTION' ? ?      ?      ?    ? r_symmetry_metal_ion_other   ? ? 
'X-RAY DIFFRACTION' ? 1.099  1.148  406  ? r_mcbond_it                  ? ? 
'X-RAY DIFFRACTION' ? 1.098  1.148  407  ? r_mcbond_other               ? ? 
'X-RAY DIFFRACTION' ? 1.641  1.716  508  ? r_mcangle_it                 ? ? 
'X-RAY DIFFRACTION' ? 1.639  1.717  509  ? r_mcangle_other              ? ? 
'X-RAY DIFFRACTION' ? 1.710  1.269  445  ? r_scbond_it                  ? ? 
'X-RAY DIFFRACTION' ? 1.712  1.270  443  ? r_scbond_other               ? ? 
'X-RAY DIFFRACTION' ? ?      ?      ?    ? r_scangle_it                 ? ? 
'X-RAY DIFFRACTION' ? 2.544  1.864  662  ? r_scangle_other              ? ? 
'X-RAY DIFFRACTION' ? 3.356  14.530 979  ? r_long_range_B_refined       ? ? 
'X-RAY DIFFRACTION' ? 3.354  14.530 980  ? r_long_range_B_other         ? ? 
'X-RAY DIFFRACTION' ? ?      ?      ?    ? r_rigid_bond_restr           ? ? 
'X-RAY DIFFRACTION' ? ?      ?      ?    ? r_sphericity_free            ? ? 
'X-RAY DIFFRACTION' ? ?      ?      ?    ? r_sphericity_bonded          ? ? 
# 
_refine_ls_shell.pdbx_refine_id                   'X-RAY DIFFRACTION' 
_refine_ls_shell.d_res_high                       1.550 
_refine_ls_shell.d_res_low                        1.590 
_refine_ls_shell.number_reflns_all                ? 
_refine_ls_shell.number_reflns_obs                ? 
_refine_ls_shell.number_reflns_R_free             40 
_refine_ls_shell.number_reflns_R_work             1048 
_refine_ls_shell.percent_reflns_obs               99.91 
_refine_ls_shell.percent_reflns_R_free            ? 
_refine_ls_shell.R_factor_all                     ? 
_refine_ls_shell.R_factor_obs                     ? 
_refine_ls_shell.R_factor_R_free_error            ? 
_refine_ls_shell.R_factor_R_work                  0.179 
_refine_ls_shell.redundancy_reflns_all            ? 
_refine_ls_shell.redundancy_reflns_obs            ? 
_refine_ls_shell.wR_factor_all                    ? 
_refine_ls_shell.wR_factor_obs                    ? 
_refine_ls_shell.wR_factor_R_free                 ? 
_refine_ls_shell.wR_factor_R_work                 ? 
_refine_ls_shell.pdbx_R_complete                  ? 
_refine_ls_shell.pdbx_total_number_of_bins_used   20 
_refine_ls_shell.pdbx_phase_error                 ? 
_refine_ls_shell.pdbx_fsc_work                    ? 
_refine_ls_shell.pdbx_fsc_free                    ? 
_refine_ls_shell.R_factor_R_free                  0.160 
# 
_struct.entry_id                     8G43 
_struct.title                        
;Structure of HDAC6 zinc-finger ubiquitin binding domain in complex with 3-(3-(2-(methylamino)-2-oxoethyl)-4-oxo-3,4-dihydroquinazolin-2-yl)propanoic acid
;
_struct.pdbx_model_details           ? 
_struct.pdbx_formula_weight          ? 
_struct.pdbx_formula_weight_method   ? 
_struct.pdbx_model_type_details      ? 
_struct.pdbx_CASP_flag               N 
# 
_struct_keywords.entry_id        8G43 
_struct_keywords.text            
;Inhibitor, chemical probe, HDAC6, histone deacetylase, Structural Genomics, Structural Genomics Consortium, SGC, HYDROLASE, HYDROLASE-INHIBITOR complex
;
_struct_keywords.pdbx_keywords   HYDROLASE/INHIBITOR 
# 
loop_
_struct_asym.id 
_struct_asym.pdbx_blank_PDB_chainid_flag 
_struct_asym.pdbx_modified 
_struct_asym.entity_id 
_struct_asym.details 
A N N 1 ? 
B N N 2 ? 
C N N 2 ? 
D N N 2 ? 
E N N 3 ? 
F N N 4 ? 
# 
loop_
_struct_conf.conf_type_id 
_struct_conf.id 
_struct_conf.pdbx_PDB_helix_id 
_struct_conf.beg_label_comp_id 
_struct_conf.beg_label_asym_id 
_struct_conf.beg_label_seq_id 
_struct_conf.pdbx_beg_PDB_ins_code 
_struct_conf.end_label_comp_id 
_struct_conf.end_label_asym_id 
_struct_conf.end_label_seq_id 
_struct_conf.pdbx_end_PDB_ins_code 
_struct_conf.beg_auth_comp_id 
_struct_conf.beg_auth_asym_id 
_struct_conf.beg_auth_seq_id 
_struct_conf.end_auth_comp_id 
_struct_conf.end_auth_asym_id 
_struct_conf.end_auth_seq_id 
_struct_conf.pdbx_PDB_helix_class 
_struct_conf.details 
_struct_conf.pdbx_PDB_helix_length 
HELX_P HELX_P1 AA1 HIS A 9  ? VAL A 13  ? HIS A 1115 VAL A 1119 5 ? 5  
HELX_P HELX_P2 AA2 GLY A 53 ? GLY A 63  ? GLY A 1159 GLY A 1169 1 ? 11 
HELX_P HELX_P3 AA3 HIS A 86 ? ALA A 88  ? HIS A 1192 ALA A 1194 5 ? 3  
HELX_P HELX_P4 AA4 LEU A 89 ? PHE A 101 ? LEU A 1195 PHE A 1207 1 ? 13 
# 
_struct_conf_type.id          HELX_P 
_struct_conf_type.criteria    ? 
_struct_conf_type.reference   ? 
# 
loop_
_struct_conn.id 
_struct_conn.conn_type_id 
_struct_conn.pdbx_leaving_atom_flag 
_struct_conn.pdbx_PDB_id 
_struct_conn.ptnr1_label_asym_id 
_struct_conn.ptnr1_label_comp_id 
_struct_conn.ptnr1_label_seq_id 
_struct_conn.ptnr1_label_atom_id 
_struct_conn.pdbx_ptnr1_label_alt_id 
_struct_conn.pdbx_ptnr1_PDB_ins_code 
_struct_conn.pdbx_ptnr1_standard_comp_id 
_struct_conn.ptnr1_symmetry 
_struct_conn.ptnr2_label_asym_id 
_struct_conn.ptnr2_label_comp_id 
_struct_conn.ptnr2_label_seq_id 
_struct_conn.ptnr2_label_atom_id 
_struct_conn.pdbx_ptnr2_label_alt_id 
_struct_conn.pdbx_ptnr2_PDB_ins_code 
_struct_conn.ptnr1_auth_asym_id 
_struct_conn.ptnr1_auth_comp_id 
_struct_conn.ptnr1_auth_seq_id 
_struct_conn.ptnr2_auth_asym_id 
_struct_conn.ptnr2_auth_comp_id 
_struct_conn.ptnr2_auth_seq_id 
_struct_conn.ptnr2_symmetry 
_struct_conn.pdbx_ptnr3_label_atom_id 
_struct_conn.pdbx_ptnr3_label_seq_id 
_struct_conn.pdbx_ptnr3_label_comp_id 
_struct_conn.pdbx_ptnr3_label_asym_id 
_struct_conn.pdbx_ptnr3_label_alt_id 
_struct_conn.pdbx_ptnr3_PDB_ins_code 
_struct_conn.details 
_struct_conn.pdbx_dist_value 
_struct_conn.pdbx_value_order 
_struct_conn.pdbx_role 
metalc1  metalc ? ? A CYS 7  SG  ? ? ? 1_555 D ZN . ZN ? ? A CYS 1113 A ZN 1303 1_555 ? ? ? ? ? ? ? 2.310 ? ? 
metalc2  metalc ? ? A HIS 9  ND1 ? ? ? 1_555 D ZN . ZN ? ? A HIS 1115 A ZN 1303 1_555 ? ? ? ? ? ? ? 2.113 ? ? 
metalc3  metalc ? ? A CYS 27 SG  ? ? ? 1_555 C ZN . ZN ? ? A CYS 1133 A ZN 1302 1_555 ? ? ? ? ? ? ? 2.379 ? ? 
metalc4  metalc ? ? A CYS 30 SG  ? ? ? 1_555 C ZN . ZN ? ? A CYS 1136 A ZN 1302 1_555 ? ? ? ? ? ? ? 2.303 ? ? 
metalc5  metalc ? ? A CYS 39 SG  ? ? ? 1_555 B ZN . ZN ? ? A CYS 1145 A ZN 1301 1_555 ? ? ? ? ? ? ? 2.303 ? ? 
metalc6  metalc ? ? A CYS 47 SG  ? ? ? 1_555 C ZN . ZN ? ? A CYS 1153 A ZN 1302 1_555 ? ? ? ? ? ? ? 2.337 ? ? 
metalc7  metalc ? ? A HIS 54 ND1 ? ? ? 1_555 C ZN . ZN ? ? A HIS 1160 A ZN 1302 1_555 ? ? ? ? ? ? ? 2.050 ? ? 
metalc8  metalc ? ? A HIS 58 NE2 ? ? ? 1_555 B ZN . ZN ? ? A HIS 1164 A ZN 1301 1_555 ? ? ? ? ? ? ? 1.998 ? ? 
metalc9  metalc ? ? A HIS 64 ND1 ? ? ? 1_555 B ZN . ZN ? ? A HIS 1170 A ZN 1301 1_555 ? ? ? ? ? ? ? 2.027 ? ? 
metalc10 metalc ? ? A CYS 77 SG  ? ? ? 1_555 D ZN . ZN ? ? A CYS 1183 A ZN 1303 1_555 ? ? ? ? ? ? ? 2.318 ? ? 
metalc11 metalc ? ? A CYS 80 SG  ? ? ? 1_555 D ZN . ZN ? ? A CYS 1186 A ZN 1303 1_555 ? ? ? ? ? ? ? 2.390 ? ? 
# 
_struct_conn_type.id          metalc 
_struct_conn_type.criteria    ? 
_struct_conn_type.reference   ? 
# 
_struct_sheet.id               AA1 
_struct_sheet.type             ? 
_struct_sheet.number_strands   5 
_struct_sheet.details          ? 
# 
loop_
_struct_sheet_order.sheet_id 
_struct_sheet_order.range_id_1 
_struct_sheet_order.range_id_2 
_struct_sheet_order.offset 
_struct_sheet_order.sense 
AA1 1 2 ? anti-parallel 
AA1 2 3 ? anti-parallel 
AA1 3 4 ? anti-parallel 
AA1 4 5 ? anti-parallel 
# 
loop_
_struct_sheet_range.sheet_id 
_struct_sheet_range.id 
_struct_sheet_range.beg_label_comp_id 
_struct_sheet_range.beg_label_asym_id 
_struct_sheet_range.beg_label_seq_id 
_struct_sheet_range.pdbx_beg_PDB_ins_code 
_struct_sheet_range.end_label_comp_id 
_struct_sheet_range.end_label_asym_id 
_struct_sheet_range.end_label_seq_id 
_struct_sheet_range.pdbx_end_PDB_ins_code 
_struct_sheet_range.beg_auth_comp_id 
_struct_sheet_range.beg_auth_asym_id 
_struct_sheet_range.beg_auth_seq_id 
_struct_sheet_range.end_auth_comp_id 
_struct_sheet_range.end_auth_asym_id 
_struct_sheet_range.end_auth_seq_id 
AA1 1 VAL A 45 ? CYS A 47 ? VAL A 1151 CYS A 1153 
AA1 2 ASN A 36 ? CYS A 39 ? ASN A 1142 CYS A 1145 
AA1 3 LEU A 66 ? SER A 69 ? LEU A 1172 SER A 1175 
AA1 4 ALA A 75 ? CYS A 77 ? ALA A 1181 CYS A 1183 
AA1 5 ALA A 82 ? TYR A 83 ? ALA A 1188 TYR A 1189 
# 
loop_
_pdbx_struct_sheet_hbond.sheet_id 
_pdbx_struct_sheet_hbond.range_id_1 
_pdbx_struct_sheet_hbond.range_id_2 
_pdbx_struct_sheet_hbond.range_1_label_atom_id 
_pdbx_struct_sheet_hbond.range_1_label_comp_id 
_pdbx_struct_sheet_hbond.range_1_label_asym_id 
_pdbx_struct_sheet_hbond.range_1_label_seq_id 
_pdbx_struct_sheet_hbond.range_1_PDB_ins_code 
_pdbx_struct_sheet_hbond.range_1_auth_atom_id 
_pdbx_struct_sheet_hbond.range_1_auth_comp_id 
_pdbx_struct_sheet_hbond.range_1_auth_asym_id 
_pdbx_struct_sheet_hbond.range_1_auth_seq_id 
_pdbx_struct_sheet_hbond.range_2_label_atom_id 
_pdbx_struct_sheet_hbond.range_2_label_comp_id 
_pdbx_struct_sheet_hbond.range_2_label_asym_id 
_pdbx_struct_sheet_hbond.range_2_label_seq_id 
_pdbx_struct_sheet_hbond.range_2_PDB_ins_code 
_pdbx_struct_sheet_hbond.range_2_auth_atom_id 
_pdbx_struct_sheet_hbond.range_2_auth_comp_id 
_pdbx_struct_sheet_hbond.range_2_auth_asym_id 
_pdbx_struct_sheet_hbond.range_2_auth_seq_id 
AA1 1 2 O TYR A 46 ? O TYR A 1152 N TRP A 37 ? N TRP A 1143 
AA1 2 3 N VAL A 38 ? N VAL A 1144 O LEU A 68 ? O LEU A 1174 
AA1 3 4 N VAL A 67 ? N VAL A 1173 O TRP A 76 ? O TRP A 1182 
AA1 4 5 N CYS A 77 ? N CYS A 1183 O ALA A 82 ? O ALA A 1188 
# 
_atom_sites.entry_id                    8G43 
_atom_sites.Cartn_transf_matrix[1][1]   ? 
_atom_sites.Cartn_transf_matrix[1][2]   ? 
_atom_sites.Cartn_transf_matrix[1][3]   ? 
_atom_sites.Cartn_transf_matrix[2][1]   ? 
_atom_sites.Cartn_transf_matrix[2][2]   ? 
_atom_sites.Cartn_transf_matrix[2][3]   ? 
_atom_sites.Cartn_transf_matrix[3][1]   ? 
_atom_sites.Cartn_transf_matrix[3][2]   ? 
_atom_sites.Cartn_transf_matrix[3][3]   ? 
_atom_sites.Cartn_transf_vector[1]      ? 
_atom_sites.Cartn_transf_vector[2]      ? 
_atom_sites.Cartn_transf_vector[3]      ? 
_atom_sites.fract_transf_matrix[1][1]   0.01288857 
_atom_sites.fract_transf_matrix[1][2]   -0.01935261 
_atom_sites.fract_transf_matrix[1][3]   0.00761867 
_atom_sites.fract_transf_matrix[2][1]   -0.01340379 
_atom_sites.fract_transf_matrix[2][2]   -0.01371397 
_atom_sites.fract_transf_matrix[2][3]   -0.01216032 
_atom_sites.fract_transf_matrix[3][1]   0.01094749 
_atom_sites.fract_transf_matrix[3][2]   0.00175931 
_atom_sites.fract_transf_matrix[3][3]   -0.01405103 
_atom_sites.fract_transf_vector[1]      0.189453 
_atom_sites.fract_transf_vector[2]      -0.092278 
_atom_sites.fract_transf_vector[3]      0.155753 
_atom_sites.solution_primary            ? 
_atom_sites.solution_secondary          ? 
_atom_sites.solution_hydrogens          ? 
_atom_sites.special_details             ? 
# 
loop_
_atom_type.symbol 
C  
N  
O  
S  
ZN 
# 
loop_
_atom_site.group_PDB 
_atom_site.id 
_atom_site.type_symbol 
_atom_site.label_atom_id 
_atom_site.label_alt_id 
_atom_site.label_comp_id 
_atom_site.label_asym_id 
_atom_site.label_entity_id 
_atom_site.label_seq_id 
_atom_site.pdbx_PDB_ins_code 
_atom_site.Cartn_x 
_atom_site.Cartn_y 
_atom_site.Cartn_z 
_atom_site.occupancy 
_atom_site.B_iso_or_equiv 
_atom_site.pdbx_formal_charge 
_atom_site.auth_seq_id 
_atom_site.auth_comp_id 
_atom_site.auth_asym_id 
_atom_site.auth_atom_id 
_atom_site.pdbx_PDB_model_num 
ATOM   1   N  N   . PRO A 1 3   ? -5.529  15.006  -2.360  1.00 19.10 ? 1109 PRO A N   1 
ATOM   2   C  CA  . PRO A 1 3   ? -5.952  13.905  -1.469  1.00 17.21 ? 1109 PRO A CA  1 
ATOM   3   C  C   . PRO A 1 3   ? -6.501  14.489  -0.157  1.00 16.69 ? 1109 PRO A C   1 
ATOM   4   O  O   . PRO A 1 3   ? -6.408  15.698  0.053   1.00 16.90 ? 1109 PRO A O   1 
ATOM   5   C  CB  . PRO A 1 3   ? -4.681  13.094  -1.222  1.00 18.07 ? 1109 PRO A CB  1 
ATOM   6   C  CG  . PRO A 1 3   ? -3.562  14.116  -1.385  1.00 20.63 ? 1109 PRO A CG  1 
ATOM   7   C  CD  . PRO A 1 3   ? -4.081  15.029  -2.464  1.00 18.77 ? 1109 PRO A CD  1 
ATOM   8   N  N   . LEU A 1 4   ? -7.089  13.658  0.709   1.00 13.72 ? 1110 LEU A N   1 
ATOM   9   C  CA  . LEU A 1 4   ? -7.363  14.072  2.102   1.00 13.43 ? 1110 LEU A CA  1 
ATOM   10  C  C   . LEU A 1 4   ? -6.043  14.342  2.807   1.00 13.65 ? 1110 LEU A C   1 
ATOM   11  O  O   . LEU A 1 4   ? -5.064  13.586  2.703   1.00 13.16 ? 1110 LEU A O   1 
ATOM   12  C  CB  . LEU A 1 4   ? -8.103  12.983  2.884   1.00 13.75 ? 1110 LEU A CB  1 
ATOM   13  C  CG  . LEU A 1 4   ? -9.473  12.561  2.393   1.00 15.04 ? 1110 LEU A CG  1 
ATOM   14  C  CD1 . LEU A 1 4   ? -9.984  11.356  3.165   1.00 16.47 ? 1110 LEU A CD1 1 
ATOM   15  C  CD2 . LEU A 1 4   ? -10.448 13.706  2.514   1.00 17.01 ? 1110 LEU A CD2 1 
ATOM   16  N  N   . PRO A 1 5   ? -5.945  15.428  3.607   1.00 12.32 ? 1111 PRO A N   1 
ATOM   17  C  CA  . PRO A 1 5   ? -4.731  15.707  4.365   1.00 11.94 ? 1111 PRO A CA  1 
ATOM   18  C  C   . PRO A 1 5   ? -4.537  14.878  5.632   1.00 11.95 ? 1111 PRO A C   1 
ATOM   19  O  O   . PRO A 1 5   ? -3.536  15.024  6.317   1.00 15.07 ? 1111 PRO A O   1 
ATOM   20  C  CB  . PRO A 1 5   ? -4.915  17.197  4.694   1.00 13.44 ? 1111 PRO A CB  1 
ATOM   21  C  CG  . PRO A 1 5   ? -6.405  17.348  4.815   1.00 13.79 ? 1111 PRO A CG  1 
ATOM   22  C  CD  . PRO A 1 5   ? -6.959  16.496  3.696   1.00 13.72 ? 1111 PRO A CD  1 
ATOM   23  N  N   . TRP A 1 6   ? -5.530  14.057  5.970   1.00 11.47 ? 1112 TRP A N   1 
ATOM   24  C  CA  . TRP A 1 6   ? -5.525  13.245  7.194   1.00 11.27 ? 1112 TRP A CA  1 
ATOM   25  C  C   . TRP A 1 6   ? -6.622  12.209  7.048   1.00 10.73 ? 1112 TRP A C   1 
ATOM   26  O  O   . TRP A 1 6   ? -7.623  12.483  6.390   1.00 11.30 ? 1112 TRP A O   1 
ATOM   27  C  CB  . TRP A 1 6   ? -5.818  14.109  8.428   1.00 12.25 ? 1112 TRP A CB  1 
ATOM   28  C  CG  . TRP A 1 6   ? -5.694  13.430  9.748   1.00 11.74 ? 1112 TRP A CG  1 
ATOM   29  C  CD1 . TRP A 1 6   ? -4.556  13.197  10.464  1.00 11.69 ? 1112 TRP A CD1 1 
ATOM   30  C  CD2 . TRP A 1 6   ? -6.761  12.854  10.517  1.00 11.01 ? 1112 TRP A CD2 1 
ATOM   31  N  NE1 . TRP A 1 6   ? -4.847  12.527  11.618  1.00 12.63 ? 1112 TRP A NE1 1 
ATOM   32  C  CE2 . TRP A 1 6   ? -6.198  12.298  11.679  1.00 11.07 ? 1112 TRP A CE2 1 
ATOM   33  C  CE3 . TRP A 1 6   ? -8.144  12.754  10.327  1.00 10.88 ? 1112 TRP A CE3 1 
ATOM   34  C  CZ2 . TRP A 1 6   ? -6.979  11.679  12.638  1.00 10.54 ? 1112 TRP A CZ2 1 
ATOM   35  C  CZ3 . TRP A 1 6   ? -8.910  12.121  11.283  1.00 11.09 ? 1112 TRP A CZ3 1 
ATOM   36  C  CH2 . TRP A 1 6   ? -8.334  11.627  12.446  1.00 10.84 ? 1112 TRP A CH2 1 
ATOM   37  N  N   . CYS A 1 7   ? -6.502  11.110  7.746   1.00 10.07 ? 1113 CYS A N   1 
ATOM   38  C  CA  . CYS A 1 7   ? -7.677  10.258  7.976   1.00 11.04 ? 1113 CYS A CA  1 
ATOM   39  C  C   . CYS A 1 7   ? -7.485  9.540   9.301   1.00 10.68 ? 1113 CYS A C   1 
ATOM   40  O  O   . CYS A 1 7   ? -6.380  9.444   9.852   1.00 11.04 ? 1113 CYS A O   1 
ATOM   41  C  CB  . CYS A 1 7   ? -7.933  9.307   6.815   1.00 10.77 ? 1113 CYS A CB  1 
ATOM   42  S  SG  . CYS A 1 7   ? -7.279  7.619   6.930   1.00 9.63  ? 1113 CYS A SG  1 
ATOM   43  N  N   . PRO A 1 8   ? -8.595  9.034   9.861   1.00 11.08 ? 1114 PRO A N   1 
ATOM   44  C  CA  . PRO A 1 8   ? -8.537  8.446   11.189  1.00 11.38 ? 1114 PRO A CA  1 
ATOM   45  C  C   . PRO A 1 8   ? -7.877  7.059   11.211  1.00 12.27 ? 1114 PRO A C   1 
ATOM   46  O  O   . PRO A 1 8   ? -7.720  6.443   12.274  1.00 13.39 ? 1114 PRO A O   1 
ATOM   47  C  CB  . PRO A 1 8   ? -10.007 8.327   11.596  1.00 12.82 ? 1114 PRO A CB  1 
ATOM   48  C  CG  . PRO A 1 8   ? -10.789 8.398   10.287  1.00 13.98 ? 1114 PRO A CG  1 
ATOM   49  C  CD  . PRO A 1 8   ? -9.944  9.176   9.314   1.00 11.98 ? 1114 PRO A CD  1 
ATOM   50  N  N   . HIS A 1 9   ? -7.429  6.590   10.057  1.00 11.21 ? 1115 HIS A N   1 
ATOM   51  C  CA  . HIS A 1 9   ? -6.750  5.266   10.015  1.00 10.47 ? 1115 HIS A CA  1 
ATOM   52  C  C   . HIS A 1 9   ? -5.227  5.401   9.961   1.00 11.44 ? 1115 HIS A C   1 
ATOM   53  O  O   . HIS A 1 9   ? -4.579  4.360   9.927   1.00 11.88 ? 1115 HIS A O   1 
ATOM   54  C  CB  . HIS A 1 9   ? -7.286  4.441   8.842   1.00 9.25  ? 1115 HIS A CB  1 
ATOM   55  C  CG  . HIS A 1 9   ? -8.764  4.336   8.879   1.00 9.29  ? 1115 HIS A CG  1 
ATOM   56  N  ND1 . HIS A 1 9   ? -9.640  5.128   8.165   1.00 10.49 ? 1115 HIS A ND1 1 
ATOM   57  C  CD2 . HIS A 1 9   ? -9.532  3.508   9.650   1.00 10.29 ? 1115 HIS A CD2 1 
ATOM   58  C  CE1 . HIS A 1 9   ? -10.874 4.806   8.525   1.00 11.07 ? 1115 HIS A CE1 1 
ATOM   59  N  NE2 . HIS A 1 9   ? -10.834 3.825   9.437   1.00 11.00 ? 1115 HIS A NE2 1 
ATOM   60  N  N   . LEU A 1 10  ? -4.664  6.609   9.872   1.00 11.94 ? 1116 LEU A N   1 
ATOM   61  C  CA  . LEU A 1 10  ? -3.180  6.763   9.854   1.00 12.50 ? 1116 LEU A CA  1 
ATOM   62  C  C   . LEU A 1 10  ? -2.522  6.110   11.089  1.00 12.65 ? 1116 LEU A C   1 
ATOM   63  O  O   . LEU A 1 10  ? -1.355  5.716   11.000  1.00 12.30 ? 1116 LEU A O   1 
ATOM   64  C  CB  . LEU A 1 10  ? -2.814  8.237   9.716   1.00 12.27 ? 1116 LEU A CB  1 
ATOM   65  C  CG  . LEU A 1 10  ? -3.203  8.882   8.381   1.00 12.90 ? 1116 LEU A CG  1 
ATOM   66  C  CD1 . LEU A 1 10  ? -3.043  10.392  8.483   1.00 13.95 ? 1116 LEU A CD1 1 
ATOM   67  C  CD2 . LEU A 1 10  ? -2.285  8.382   7.248   1.00 12.79 ? 1116 LEU A CD2 1 
ATOM   68  N  N   . VAL A 1 11  ? -3.253  5.943   12.190  1.00 13.42 ? 1117 VAL A N   1 
ATOM   69  C  CA  . VAL A 1 11  ? -2.756  5.269   13.422  1.00 14.44 ? 1117 VAL A CA  1 
ATOM   70  C  C   . VAL A 1 11  ? -2.363  3.829   13.141  1.00 15.05 ? 1117 VAL A C   1 
ATOM   71  O  O   . VAL A 1 11  ? -1.579  3.294   13.910  1.00 16.01 ? 1117 VAL A O   1 
ATOM   72  C  CB  . VAL A 1 11  ? -3.747  5.363   14.592  1.00 15.09 ? 1117 VAL A CB  1 
ATOM   73  C  CG1 . VAL A 1 11  ? -3.856  6.796   15.050  1.00 16.36 ? 1117 VAL A CG1 1 
ATOM   74  C  CG2 . VAL A 1 11  ? -5.112  4.790   14.258  1.00 15.10 ? 1117 VAL A CG2 1 
ATOM   75  N  N   . ALA A 1 12  ? -2.859  3.211   12.066  1.00 13.41 ? 1118 ALA A N   1 
ATOM   76  C  CA  . ALA A 1 12  ? -2.598  1.795   11.718  1.00 12.39 ? 1118 ALA A CA  1 
ATOM   77  C  C   . ALA A 1 12  ? -1.383  1.679   10.798  1.00 13.01 ? 1118 ALA A C   1 
ATOM   78  O  O   . ALA A 1 12  ? -1.005  0.541   10.458  1.00 12.16 ? 1118 ALA A O   1 
ATOM   79  C  CB  . ALA A 1 12  ? -3.840  1.181   11.095  1.00 13.01 ? 1118 ALA A CB  1 
ATOM   80  N  N   . VAL A 1 13  ? -0.795  2.794   10.372  1.00 12.21 ? 1119 VAL A N   1 
ATOM   81  C  CA  . VAL A 1 13  ? 0.454   2.743   9.545   1.00 12.33 ? 1119 VAL A CA  1 
ATOM   82  C  C   . VAL A 1 13  ? 1.613   2.332   10.453  1.00 13.52 ? 1119 VAL A C   1 
ATOM   83  O  O   . VAL A 1 13  ? 1.836   3.032   11.516  1.00 14.63 ? 1119 VAL A O   1 
ATOM   84  C  CB  . VAL A 1 13  ? 0.719   4.065   8.841   1.00 12.74 ? 1119 VAL A CB  1 
ATOM   85  C  CG1 . VAL A 1 13  ? 2.076   4.048   8.133   1.00 12.50 ? 1119 VAL A CG1 1 
ATOM   86  C  CG2 . VAL A 1 13  ? -0.442  4.363   7.906   1.00 12.83 ? 1119 VAL A CG2 1 
ATOM   87  N  N   . CYS A 1 14  ? 2.275   1.219   10.102  1.00 12.43 ? 1120 CYS A N   1 
ATOM   88  C  CA  . CYS A 1 14  ? 3.314   0.624   10.968  1.00 13.28 ? 1120 CYS A CA  1 
ATOM   89  C  C   . CYS A 1 14  ? 4.702   0.961   10.441  1.00 14.64 ? 1120 CYS A C   1 
ATOM   90  O  O   . CYS A 1 14  ? 4.914   1.420   9.313   1.00 14.22 ? 1120 CYS A O   1 
ATOM   91  C  CB  . CYS A 1 14  ? 3.073   -0.865  11.129  1.00 13.45 ? 1120 CYS A CB  1 
ATOM   92  S  SG  . CYS A 1 14  ? 1.489   -1.199  11.942  1.00 13.66 ? 1120 CYS A SG  1 
ATOM   93  N  N   . PRO A 1 15  ? 5.723   0.765   11.289  1.00 14.93 ? 1121 PRO A N   1 
ATOM   94  C  CA  . PRO A 1 15  ? 7.071   1.149   10.919  1.00 15.70 ? 1121 PRO A CA  1 
ATOM   95  C  C   . PRO A 1 15  ? 7.540   0.333   9.717   1.00 15.63 ? 1121 PRO A C   1 
ATOM   96  O  O   . PRO A 1 15  ? 7.246   -0.857  9.582   1.00 16.02 ? 1121 PRO A O   1 
ATOM   97  C  CB  . PRO A 1 15  ? 7.889   0.819   12.182  1.00 15.80 ? 1121 PRO A CB  1 
ATOM   98  C  CG  . PRO A 1 15  ? 6.896   0.946   13.277  1.00 16.44 ? 1121 PRO A CG  1 
ATOM   99  C  CD  . PRO A 1 15  ? 5.645   0.327   12.691  1.00 16.57 ? 1121 PRO A CD  1 
ATOM   100 N  N   . ILE A 1 16  ? 8.298   1.024   8.881   1.00 17.74 ? 1122 ILE A N   1 
ATOM   101 C  CA  . ILE A 1 16  ? 8.846   0.437   7.646   1.00 17.72 ? 1122 ILE A CA  1 
ATOM   102 C  C   . ILE A 1 16  ? 9.812   -0.653  8.049   1.00 17.63 ? 1122 ILE A C   1 
ATOM   103 O  O   . ILE A 1 16  ? 10.701  -0.432  8.882   1.00 18.87 ? 1122 ILE A O   1 
ATOM   104 C  CB  . ILE A 1 16  ? 9.547   1.481   6.778   1.00 19.97 ? 1122 ILE A CB  1 
ATOM   105 C  CG1 . ILE A 1 16  ? 8.602   2.625   6.409   1.00 23.76 ? 1122 ILE A CG1 1 
ATOM   106 C  CG2 . ILE A 1 16  ? 10.132  0.792   5.566   1.00 21.29 ? 1122 ILE A CG2 1 
ATOM   107 C  CD1 . ILE A 1 16  ? 9.281   3.979   6.339   1.00 24.08 ? 1122 ILE A CD1 1 
ATOM   108 N  N   . PRO A 1 17  ? 9.707   -1.835  7.436   1.00 15.55 ? 1123 PRO A N   1 
ATOM   109 C  CA  . PRO A 1 17  ? 10.746  -2.833  7.669   1.00 15.61 ? 1123 PRO A CA  1 
ATOM   110 C  C   . PRO A 1 17  ? 12.139  -2.268  7.316   1.00 15.63 ? 1123 PRO A C   1 
ATOM   111 O  O   . PRO A 1 17  ? 12.362  -1.551  6.341   1.00 15.64 ? 1123 PRO A O   1 
ATOM   112 C  CB  . PRO A 1 17  ? 10.357  -3.999  6.763   1.00 17.04 ? 1123 PRO A CB  1 
ATOM   113 C  CG  . PRO A 1 17  ? 8.883   -3.748  6.394   1.00 17.16 ? 1123 PRO A CG  1 
ATOM   114 C  CD  . PRO A 1 17  ? 8.709   -2.253  6.433   1.00 16.50 ? 1123 PRO A CD  1 
ATOM   115 N  N   . ALA A 1 18  ? 13.133  -2.653  8.114   1.00 16.02 ? 1124 ALA A N   1 
ATOM   116 C  CA  . ALA A 1 18  ? 14.549  -2.328  7.845   1.00 16.18 ? 1124 ALA A CA  1 
ATOM   117 C  C   . ALA A 1 18  ? 15.009  -2.929  6.505   1.00 16.58 ? 1124 ALA A C   1 
ATOM   118 O  O   . ALA A 1 18  ? 15.967  -2.359  5.931   1.00 20.74 ? 1124 ALA A O   1 
ATOM   119 C  CB  . ALA A 1 18  ? 15.417  -2.830  8.998   1.00 16.57 ? 1124 ALA A CB  1 
ATOM   120 N  N   . ALA A 1 19  ? 14.375  -3.976  5.980   1.00 17.59 ? 1125 ALA A N   1 
ATOM   121 C  CA  . ALA A 1 19  ? 14.713  -4.526  4.639   1.00 19.84 ? 1125 ALA A CA  1 
ATOM   122 C  C   . ALA A 1 19  ? 14.340  -3.493  3.566   1.00 21.15 ? 1125 ALA A C   1 
ATOM   123 O  O   . ALA A 1 19  ? 14.907  -3.540  2.438   1.00 22.45 ? 1125 ALA A O   1 
ATOM   124 C  CB  . ALA A 1 19  ? 14.013  -5.827  4.423   1.00 21.01 ? 1125 ALA A CB  1 
ATOM   125 N  N   . GLY A 1 20  ? 13.463  -2.547  3.907   1.00 18.71 ? 1126 GLY A N   1 
ATOM   126 C  CA  . GLY A 1 20  ? 12.998  -1.540  2.953   1.00 19.05 ? 1126 GLY A CA  1 
ATOM   127 C  C   . GLY A 1 20  ? 11.873  -2.132  2.109   1.00 17.21 ? 1126 GLY A C   1 
ATOM   128 O  O   . GLY A 1 20  ? 11.300  -3.170  2.469   1.00 20.21 ? 1126 GLY A O   1 
ATOM   129 N  N   . LEU A 1 21  ? 11.576  -1.458  1.024   1.00 14.43 ? 1127 LEU A N   1 
ATOM   130 C  CA  . LEU A 1 21  ? 10.470  -1.862  0.120   1.00 13.28 ? 1127 LEU A CA  1 
ATOM   131 C  C   . LEU A 1 21  ? 11.072  -2.303  -1.202  1.00 13.44 ? 1127 LEU A C   1 
ATOM   132 O  O   . LEU A 1 21  ? 12.087  -1.716  -1.606  1.00 14.92 ? 1127 LEU A O   1 
ATOM   133 C  CB  . LEU A 1 21  ? 9.562   -0.657  -0.126  1.00 13.62 ? 1127 LEU A CB  1 
ATOM   134 C  CG  . LEU A 1 21  ? 8.863   -0.128  1.116   1.00 16.13 ? 1127 LEU A CG  1 
ATOM   135 C  CD1 . LEU A 1 21  ? 8.085   1.124   0.790   1.00 18.39 ? 1127 LEU A CD1 1 
ATOM   136 C  CD2 . LEU A 1 21  ? 7.970   -1.183  1.722   1.00 17.21 ? 1127 LEU A CD2 1 
ATOM   137 N  N   . ASP A 1 22  ? 10.372  -3.170  -1.912  1.00 11.30 ? 1128 ASP A N   1 
ATOM   138 C  CA  . ASP A 1 22  ? 10.767  -3.634  -3.246  1.00 12.24 ? 1128 ASP A CA  1 
ATOM   139 C  C   . ASP A 1 22  ? 9.593   -3.383  -4.171  1.00 10.72 ? 1128 ASP A C   1 
ATOM   140 O  O   . ASP A 1 22  ? 8.592   -4.113  -4.141  1.00 10.11 ? 1128 ASP A O   1 
ATOM   141 C  CB  . ASP A 1 22  ? 11.079  -5.122  -3.263  1.00 13.64 ? 1128 ASP A CB  1 
ATOM   142 C  CG  . ASP A 1 22  ? 11.450  -5.608  -4.651  1.00 15.45 ? 1128 ASP A CG  1 
ATOM   143 O  OD1 . ASP A 1 22  ? 11.434  -4.837  -5.607  1.00 15.40 ? 1128 ASP A OD1 1 
ATOM   144 O  OD2 . ASP A 1 22  ? 11.692  -6.823  -4.759  1.00 23.80 ? 1128 ASP A OD2 1 
ATOM   145 N  N   . VAL A 1 23  ? 9.675   -2.300  -4.914  1.00 11.03 ? 1129 VAL A N   1 
ATOM   146 C  CA  . VAL A 1 23  ? 8.531   -1.842  -5.714  1.00 10.95 ? 1129 VAL A CA  1 
ATOM   147 C  C   . VAL A 1 23  ? 8.307   -2.820  -6.883  1.00 10.24 ? 1129 VAL A C   1 
ATOM   148 O  O   . VAL A 1 23  ? 7.242   -2.680  -7.497  1.00 10.31 ? 1129 VAL A O   1 
ATOM   149 C  CB  . VAL A 1 23  ? 8.673   -0.401  -6.219  1.00 11.69 ? 1129 VAL A CB  1 
ATOM   150 C  CG1 . VAL A 1 23  ? 8.903   0.559   -5.066  1.00 12.14 ? 1129 VAL A CG1 1 
ATOM   151 C  CG2 . VAL A 1 23  ? 9.761   -0.281  -7.268  1.00 12.94 ? 1129 VAL A CG2 1 
ATOM   152 N  N   . THR A 1 24  ? 9.230   -3.772  -7.118  1.00 9.55  ? 1130 THR A N   1 
ATOM   153 C  CA  . THR A 1 24  ? 9.036   -4.775  -8.194  1.00 10.97 ? 1130 THR A CA  1 
ATOM   154 C  C   . THR A 1 24  ? 8.542   -6.089  -7.618  1.00 11.29 ? 1130 THR A C   1 
ATOM   155 O  O   . THR A 1 24  ? 8.482   -7.098  -8.356  1.00 13.24 ? 1130 THR A O   1 
ATOM   156 C  CB  . THR A 1 24  ? 10.279  -4.974  -9.059  1.00 10.99 ? 1130 THR A CB  1 
ATOM   157 O  OG1 . THR A 1 24  ? 11.307  -5.633  -8.329  1.00 11.31 ? 1130 THR A OG1 1 
ATOM   158 C  CG2 . THR A 1 24  ? 10.767  -3.665  -9.600  1.00 11.70 ? 1130 THR A CG2 1 
ATOM   159 N  N   . GLN A 1 25  ? 8.213   -6.130  -6.338  1.00 10.68 ? 1131 GLN A N   1 
ATOM   160 C  CA  . GLN A 1 25  ? 7.748   -7.366  -5.705  1.00 10.91 ? 1131 GLN A CA  1 
ATOM   161 C  C   . GLN A 1 25  ? 6.415   -7.773  -6.311  1.00 11.20 ? 1131 GLN A C   1 
ATOM   162 O  O   . GLN A 1 25  ? 5.510   -6.948  -6.495  1.00 10.97 ? 1131 GLN A O   1 
ATOM   163 C  CB  . GLN A 1 25  ? 7.611   -7.116  -4.211  1.00 11.24 ? 1131 GLN A CB  1 
ATOM   164 C  CG  . GLN A 1 25  ? 7.208   -8.328  -3.396  1.00 11.17 ? 1131 GLN A CG  1 
ATOM   165 C  CD  . GLN A 1 25  ? 7.358   -8.089  -1.913  1.00 12.12 ? 1131 GLN A CD  1 
ATOM   166 O  OE1 . GLN A 1 25  ? 8.162   -7.267  -1.470  1.00 14.35 ? 1131 GLN A OE1 1 
ATOM   167 N  NE2 . GLN A 1 25  ? 6.625   -8.850  -1.149  1.00 12.95 ? 1131 GLN A NE2 1 
ATOM   168 N  N   . PRO A 1 26  ? 6.220   -9.064  -6.621  1.00 10.58 ? 1132 PRO A N   1 
ATOM   169 C  CA  . PRO A 1 26  ? 4.970   -9.485  -7.226  1.00 10.01 ? 1132 PRO A CA  1 
ATOM   170 C  C   . PRO A 1 26  ? 3.877   -9.676  -6.177  1.00 9.39  ? 1132 PRO A C   1 
ATOM   171 O  O   . PRO A 1 26  ? 4.130   -9.709  -4.952  1.00 8.82  ? 1132 PRO A O   1 
ATOM   172 C  CB  . PRO A 1 26  ? 5.308   -10.829 -7.875  1.00 11.68 ? 1132 PRO A CB  1 
ATOM   173 C  CG  . PRO A 1 26  ? 6.450   -11.332 -7.083  1.00 11.94 ? 1132 PRO A CG  1 
ATOM   174 C  CD  . PRO A 1 26  ? 7.230   -10.116 -6.594  1.00 11.65 ? 1132 PRO A CD  1 
ATOM   175 N  N   . CYS A 1 27  ? 2.658   -9.860  -6.676  1.00 9.11  ? 1133 CYS A N   1 
ATOM   176 C  CA  . CYS A 1 27  ? 1.508   -10.126 -5.802  1.00 8.98  ? 1133 CYS A CA  1 
ATOM   177 C  C   . CYS A 1 27  ? 1.754   -11.398 -5.015  1.00 10.48 ? 1133 CYS A C   1 
ATOM   178 O  O   . CYS A 1 27  ? 2.100   -12.445 -5.621  1.00 11.03 ? 1133 CYS A O   1 
ATOM   179 C  CB  . CYS A 1 27  ? 0.224   -10.273 -6.590  1.00 8.83  ? 1133 CYS A CB  1 
ATOM   180 S  SG  . CYS A 1 27  ? -1.206  -10.649 -5.627  1.00 9.46  ? 1133 CYS A SG  1 
ATOM   181 N  N   . GLY A 1 28  ? 1.523   -11.321 -3.705  1.00 9.56  ? 1134 GLY A N   1 
ATOM   182 C  CA  . GLY A 1 28  ? 1.736   -12.493 -2.843  1.00 11.10 ? 1134 GLY A CA  1 
ATOM   183 C  C   . GLY A 1 28  ? 0.778   -13.635 -3.118  1.00 12.33 ? 1134 GLY A C   1 
ATOM   184 O  O   . GLY A 1 28  ? 1.087   -14.761 -2.671  1.00 14.73 ? 1134 GLY A O   1 
ATOM   185 N  N   A ASP A 1 29  ? -0.372  -13.383 -3.730  0.70 12.65 ? 1135 ASP A N   1 
ATOM   186 N  N   B ASP A 1 29  ? -0.307  -13.412 -3.858  0.30 12.20 ? 1135 ASP A N   1 
ATOM   187 C  CA  A ASP A 1 29  ? -1.363  -14.438 -4.080  0.70 13.86 ? 1135 ASP A CA  1 
ATOM   188 C  CA  B ASP A 1 29  ? -1.364  -14.434 -4.090  0.30 12.26 ? 1135 ASP A CA  1 
ATOM   189 C  C   A ASP A 1 29  ? -1.067  -14.959 -5.488  0.70 12.81 ? 1135 ASP A C   1 
ATOM   190 C  C   B ASP A 1 29  ? -1.309  -14.989 -5.516  0.30 11.77 ? 1135 ASP A C   1 
ATOM   191 O  O   A ASP A 1 29  ? -0.653  -16.138 -5.599  0.70 12.84 ? 1135 ASP A O   1 
ATOM   192 O  O   B ASP A 1 29  ? -1.432  -16.226 -5.686  0.30 11.11 ? 1135 ASP A O   1 
ATOM   193 C  CB  A ASP A 1 29  ? -2.800  -13.920 -3.923  0.70 14.27 ? 1135 ASP A CB  1 
ATOM   194 C  CB  B ASP A 1 29  ? -2.751  -13.850 -3.830  0.30 12.25 ? 1135 ASP A CB  1 
ATOM   195 C  CG  A ASP A 1 29  ? -3.249  -13.755 -2.477  0.70 17.39 ? 1135 ASP A CG  1 
ATOM   196 C  CG  B ASP A 1 29  ? -3.815  -14.925 -3.847  0.30 13.13 ? 1135 ASP A CG  1 
ATOM   197 O  OD1 A ASP A 1 29  ? -2.751  -14.514 -1.607  0.70 19.88 ? 1135 ASP A OD1 1 
ATOM   198 O  OD1 B ASP A 1 29  ? -3.561  -15.972 -4.458  0.30 13.92 ? 1135 ASP A OD1 1 
ATOM   199 O  OD2 A ASP A 1 29  ? -4.097  -12.865 -2.229  0.70 21.22 ? 1135 ASP A OD2 1 
ATOM   200 O  OD2 B ASP A 1 29  ? -4.847  -14.722 -3.211  0.30 14.09 ? 1135 ASP A OD2 1 
ATOM   201 N  N   . CYS A 1 30  ? -1.212  -14.127 -6.529  1.00 11.22 ? 1136 CYS A N   1 
ATOM   202 C  CA  . CYS A 1 30  ? -1.262  -14.592 -7.946  1.00 11.21 ? 1136 CYS A CA  1 
ATOM   203 C  C   . CYS A 1 30  ? 0.077   -14.425 -8.638  1.00 11.27 ? 1136 CYS A C   1 
ATOM   204 O  O   . CYS A 1 30  ? 0.189   -14.882 -9.773  1.00 11.72 ? 1136 CYS A O   1 
ATOM   205 C  CB  . CYS A 1 30  ? -2.377  -13.889 -8.707  1.00 11.38 ? 1136 CYS A CB  1 
ATOM   206 S  SG  . CYS A 1 30  ? -2.136  -12.131 -9.046  1.00 10.62 ? 1136 CYS A SG  1 
ATOM   207 N  N   . GLY A 1 31  ? 1.046   -13.769 -8.023  1.00 12.24 ? 1137 GLY A N   1 
ATOM   208 C  CA  . GLY A 1 31  ? 2.390   -13.594 -8.619  1.00 12.42 ? 1137 GLY A CA  1 
ATOM   209 C  C   . GLY A 1 31  ? 2.458   -12.574 -9.747  1.00 12.18 ? 1137 GLY A C   1 
ATOM   210 O  O   . GLY A 1 31  ? 3.551   -12.404 -10.309 1.00 12.87 ? 1137 GLY A O   1 
ATOM   211 N  N   . THR A 1 32  ? 1.379   -11.809 -10.042 1.00 10.90 ? 1138 THR A N   1 
ATOM   212 C  CA  . THR A 1 32  ? 1.421   -10.791 -11.119 1.00 11.38 ? 1138 THR A CA  1 
ATOM   213 C  C   . THR A 1 32  ? 2.462   -9.707  -10.790 1.00 12.16 ? 1138 THR A C   1 
ATOM   214 O  O   . THR A 1 32  ? 2.640   -9.360  -9.595  1.00 10.97 ? 1138 THR A O   1 
ATOM   215 C  CB  . THR A 1 32  ? 0.069   -10.134 -11.385 1.00 13.05 ? 1138 THR A CB  1 
ATOM   216 O  OG1 . THR A 1 32  ? 0.302   -9.344  -12.549 1.00 13.62 ? 1138 THR A OG1 1 
ATOM   217 C  CG2 . THR A 1 32  ? -0.443  -9.249  -10.274 1.00 11.93 ? 1138 THR A CG2 1 
ATOM   218 N  N   . ILE A 1 33  ? 3.190   -9.243  -11.795 1.00 13.26 ? 1139 ILE A N   1 
ATOM   219 C  CA  . ILE A 1 33  ? 4.119   -8.090  -11.684 1.00 14.62 ? 1139 ILE A CA  1 
ATOM   220 C  C   . ILE A 1 33  ? 3.337   -6.789  -11.849 1.00 14.32 ? 1139 ILE A C   1 
ATOM   221 O  O   . ILE A 1 33  ? 3.970   -5.736  -11.680 1.00 14.83 ? 1139 ILE A O   1 
ATOM   222 C  CB  . ILE A 1 33  ? 5.200   -8.158  -12.780 1.00 18.99 ? 1139 ILE A CB  1 
ATOM   223 C  CG1 . ILE A 1 33  ? 4.620   -7.839  -14.161 1.00 22.04 ? 1139 ILE A CG1 1 
ATOM   224 C  CG2 . ILE A 1 33  ? 5.898   -9.491  -12.780 1.00 22.63 ? 1139 ILE A CG2 1 
ATOM   225 C  CD1 . ILE A 1 33  ? 5.639   -7.815  -15.278 1.00 24.36 ? 1139 ILE A CD1 1 
ATOM   226 N  N   . GLN A 1 34  ? 2.063   -6.839  -12.218 1.00 13.73 ? 1140 GLN A N   1 
ATOM   227 C  CA  . GLN A 1 34  ? 1.299   -5.619  -12.592 1.00 14.70 ? 1140 GLN A CA  1 
ATOM   228 C  C   . GLN A 1 34  ? 0.546   -5.015  -11.406 1.00 13.43 ? 1140 GLN A C   1 
ATOM   229 O  O   . GLN A 1 34  ? -0.172  -5.729  -10.729 1.00 12.08 ? 1140 GLN A O   1 
ATOM   230 C  CB  . GLN A 1 34  ? 0.268   -5.956  -13.667 1.00 14.86 ? 1140 GLN A CB  1 
ATOM   231 C  CG  . GLN A 1 34  ? 0.903   -6.404  -14.949 1.00 17.47 ? 1140 GLN A CG  1 
ATOM   232 C  CD  . GLN A 1 34  ? -0.152  -6.642  -16.002 1.00 18.56 ? 1140 GLN A CD  1 
ATOM   233 O  OE1 . GLN A 1 34  ? -0.944  -5.754  -16.321 1.00 21.53 ? 1140 GLN A OE1 1 
ATOM   234 N  NE2 . GLN A 1 34  ? -0.168  -7.847  -16.525 1.00 20.40 ? 1140 GLN A NE2 1 
ATOM   235 N  N   . GLU A 1 35  ? 0.585   -3.688  -11.302 1.00 13.18 ? 1141 GLU A N   1 
ATOM   236 C  CA  . GLU A 1 35  ? -0.335  -2.855  -10.498 1.00 13.73 ? 1141 GLU A CA  1 
ATOM   237 C  C   . GLU A 1 35  ? -0.345  -3.367  -9.051  1.00 10.79 ? 1141 GLU A C   1 
ATOM   238 O  O   . GLU A 1 35  ? -1.376  -3.441  -8.439  1.00 11.17 ? 1141 GLU A O   1 
ATOM   239 C  CB  . GLU A 1 35  ? -1.804  -2.983  -10.927 1.00 16.89 ? 1141 GLU A CB  1 
ATOM   240 C  CG  . GLU A 1 35  ? -2.155  -2.454  -12.290 1.00 18.35 ? 1141 GLU A CG  1 
ATOM   241 C  CD  . GLU A 1 35  ? -2.620  -0.992  -12.330 1.00 14.88 ? 1141 GLU A CD  1 
ATOM   242 O  OE1 . GLU A 1 35  ? -3.557  -0.593  -11.620 1.00 14.44 ? 1141 GLU A OE1 1 
ATOM   243 O  OE2 . GLU A 1 35  ? -2.149  -0.355  -13.192 1.00 16.03 ? 1141 GLU A OE2 1 
ATOM   244 N  N   . ASN A 1 36  ? 0.818   -3.649  -8.494  1.00 9.86  ? 1142 ASN A N   1 
ATOM   245 C  CA  . ASN A 1 36  ? 0.845   -4.050  -7.082  1.00 8.63  ? 1142 ASN A CA  1 
ATOM   246 C  C   . ASN A 1 36  ? 0.852   -2.847  -6.140  1.00 8.37  ? 1142 ASN A C   1 
ATOM   247 O  O   . ASN A 1 36  ? 1.369   -1.762  -6.441  1.00 8.98  ? 1142 ASN A O   1 
ATOM   248 C  CB  . ASN A 1 36  ? 2.039   -4.971  -6.797  1.00 8.86  ? 1142 ASN A CB  1 
ATOM   249 C  CG  . ASN A 1 36  ? 1.813   -6.331  -7.433  1.00 10.06 ? 1142 ASN A CG  1 
ATOM   250 O  OD1 . ASN A 1 36  ? 0.811   -6.974  -7.179  1.00 10.79 ? 1142 ASN A OD1 1 
ATOM   251 N  ND2 . ASN A 1 36  ? 2.701   -6.734  -8.315  1.00 10.76 ? 1142 ASN A ND2 1 
ATOM   252 N  N   . TRP A 1 37  ? 0.346   -3.108  -4.954  1.00 8.06  ? 1143 TRP A N   1 
ATOM   253 C  CA  . TRP A 1 37  ? 0.284   -2.173  -3.808  1.00 7.92  ? 1143 TRP A CA  1 
ATOM   254 C  C   . TRP A 1 37  ? 0.957   -2.847  -2.610  1.00 7.28  ? 1143 TRP A C   1 
ATOM   255 O  O   . TRP A 1 37  ? 1.002   -4.092  -2.555  1.00 7.27  ? 1143 TRP A O   1 
ATOM   256 C  CB  . TRP A 1 37  ? -1.147  -1.787  -3.470  1.00 7.64  ? 1143 TRP A CB  1 
ATOM   257 C  CG  . TRP A 1 37  ? -1.917  -1.077  -4.554  1.00 8.46  ? 1143 TRP A CG  1 
ATOM   258 C  CD1 . TRP A 1 37  ? -2.224  -1.530  -5.808  1.00 9.18  ? 1143 TRP A CD1 1 
ATOM   259 C  CD2 . TRP A 1 37  ? -2.452  0.253   -4.461  1.00 8.55  ? 1143 TRP A CD2 1 
ATOM   260 N  NE1 . TRP A 1 37  ? -2.935  -0.561  -6.487  1.00 9.20  ? 1143 TRP A NE1 1 
ATOM   261 C  CE2 . TRP A 1 37  ? -3.051  0.545   -5.695  1.00 9.19  ? 1143 TRP A CE2 1 
ATOM   262 C  CE3 . TRP A 1 37  ? -2.473  1.240   -3.470  1.00 8.67  ? 1143 TRP A CE3 1 
ATOM   263 C  CZ2 . TRP A 1 37  ? -3.727  1.741   -5.925  1.00 8.66  ? 1143 TRP A CZ2 1 
ATOM   264 C  CZ3 . TRP A 1 37  ? -3.111  2.425   -3.700  1.00 8.40  ? 1143 TRP A CZ3 1 
ATOM   265 C  CH2 . TRP A 1 37  ? -3.738  2.668   -4.922  1.00 8.94  ? 1143 TRP A CH2 1 
ATOM   266 N  N   . VAL A 1 38  ? 1.390   -2.052  -1.631  1.00 7.34  ? 1144 VAL A N   1 
ATOM   267 C  CA  . VAL A 1 38  ? 1.975   -2.609  -0.382  1.00 7.55  ? 1144 VAL A CA  1 
ATOM   268 C  C   . VAL A 1 38  ? 1.079   -2.131  0.756   1.00 7.20  ? 1144 VAL A C   1 
ATOM   269 O  O   . VAL A 1 38  ? 0.675   -0.978  0.798   1.00 6.81  ? 1144 VAL A O   1 
ATOM   270 C  CB  . VAL A 1 38  ? 3.449   -2.216  -0.197  1.00 7.90  ? 1144 VAL A CB  1 
ATOM   271 C  CG1 . VAL A 1 38  ? 3.690   -0.708  -0.150  1.00 8.41  ? 1144 VAL A CG1 1 
ATOM   272 C  CG2 . VAL A 1 38  ? 4.039   -2.938  1.014   1.00 8.61  ? 1144 VAL A CG2 1 
ATOM   273 N  N   . CYS A 1 39  ? 0.710   -3.029  1.636   1.00 7.39  ? 1145 CYS A N   1 
ATOM   274 C  CA  . CYS A 1 39  ? -0.074  -2.700  2.840   1.00 7.76  ? 1145 CYS A CA  1 
ATOM   275 C  C   . CYS A 1 39  ? 0.790   -1.984  3.884   1.00 8.10  ? 1145 CYS A C   1 
ATOM   276 O  O   . CYS A 1 39  ? 1.838   -2.476  4.287   1.00 7.97  ? 1145 CYS A O   1 
ATOM   277 C  CB  . CYS A 1 39  ? -0.717  -3.938  3.413   1.00 7.38  ? 1145 CYS A CB  1 
ATOM   278 S  SG  . CYS A 1 39  ? -1.731  -3.553  4.804   1.00 8.02  ? 1145 CYS A SG  1 
ATOM   279 N  N   . LEU A 1 40  ? 0.344   -0.814  4.313   1.00 8.12  ? 1146 LEU A N   1 
ATOM   280 C  CA  . LEU A 1 40  ? 1.130   0.017   5.238   1.00 8.50  ? 1146 LEU A CA  1 
ATOM   281 C  C   . LEU A 1 40  ? 0.930   -0.439  6.690   1.00 9.87  ? 1146 LEU A C   1 
ATOM   282 O  O   . LEU A 1 40  ? 1.596   0.181   7.542   1.00 9.14  ? 1146 LEU A O   1 
ATOM   283 C  CB  . LEU A 1 40  ? 0.748   1.481   5.043   1.00 8.75  ? 1146 LEU A CB  1 
ATOM   284 C  CG  . LEU A 1 40  ? 1.090   2.060   3.662   1.00 9.28  ? 1146 LEU A CG  1 
ATOM   285 C  CD1 . LEU A 1 40  ? 0.782   3.544   3.629   1.00 10.25 ? 1146 LEU A CD1 1 
ATOM   286 C  CD2 . LEU A 1 40  ? 2.532   1.772   3.265   1.00 10.14 ? 1146 LEU A CD2 1 
ATOM   287 N  N   . SER A 1 41  ? 0.195   -1.529  6.931   1.00 9.34  ? 1147 SER A N   1 
ATOM   288 C  CA  . SER A 1 41  ? 0.155   -2.156  8.277   1.00 10.04 ? 1147 SER A CA  1 
ATOM   289 C  C   . SER A 1 41  ? 1.177   -3.295  8.319   1.00 10.04 ? 1147 SER A C   1 
ATOM   290 O  O   . SER A 1 41  ? 2.064   -3.239  9.182   1.00 11.93 ? 1147 SER A O   1 
ATOM   291 C  CB  . SER A 1 41  ? -1.240  -2.568  8.643   1.00 10.25 ? 1147 SER A CB  1 
ATOM   292 O  OG  . SER A 1 41  ? -2.094  -1.445  8.749   1.00 10.16 ? 1147 SER A OG  1 
ATOM   293 N  N   . CYS A 1 42  ? 1.107   -4.276  7.419   1.00 10.26 ? 1148 CYS A N   1 
ATOM   294 C  CA  . CYS A 1 42  ? 1.932   -5.489  7.554   1.00 9.66  ? 1148 CYS A CA  1 
ATOM   295 C  C   . CYS A 1 42  ? 2.884   -5.677  6.369   1.00 9.96  ? 1148 CYS A C   1 
ATOM   296 O  O   . CYS A 1 42  ? 3.618   -6.664  6.349   1.00 9.68  ? 1148 CYS A O   1 
ATOM   297 C  CB  . CYS A 1 42  ? 1.083   -6.721  7.825   1.00 9.92  ? 1148 CYS A CB  1 
ATOM   298 S  SG  . CYS A 1 42  ? 0.311   -7.448  6.414   1.00 12.11 ? 1148 CYS A SG  1 
ATOM   299 N  N   . TYR A 1 43  ? 2.944   -4.739  5.421   1.00 8.81  ? 1149 TYR A N   1 
ATOM   300 C  CA  . TYR A 1 43  ? 3.963   -4.687  4.339   1.00 8.67  ? 1149 TYR A CA  1 
ATOM   301 C  C   . TYR A 1 43  ? 3.948   -5.934  3.436   1.00 8.63  ? 1149 TYR A C   1 
ATOM   302 O  O   . TYR A 1 43  ? 4.901   -6.174  2.682   1.00 10.09 ? 1149 TYR A O   1 
ATOM   303 C  CB  . TYR A 1 43  ? 5.329   -4.305  4.911   1.00 9.11  ? 1149 TYR A CB  1 
ATOM   304 C  CG  . TYR A 1 43  ? 5.297   -2.889  5.392   1.00 9.84  ? 1149 TYR A CG  1 
ATOM   305 C  CD1 . TYR A 1 43  ? 5.584   -1.854  4.526   1.00 11.12 ? 1149 TYR A CD1 1 
ATOM   306 C  CD2 . TYR A 1 43  ? 4.878   -2.584  6.674   1.00 10.56 ? 1149 TYR A CD2 1 
ATOM   307 C  CE1 . TYR A 1 43  ? 5.468   -0.531  4.917   1.00 11.02 ? 1149 TYR A CE1 1 
ATOM   308 C  CE2 . TYR A 1 43  ? 4.787   -1.271  7.095   1.00 11.40 ? 1149 TYR A CE2 1 
ATOM   309 C  CZ  . TYR A 1 43  ? 5.133   -0.252  6.225   1.00 10.72 ? 1149 TYR A CZ  1 
ATOM   310 O  OH  . TYR A 1 43  ? 4.983   1.040   6.591   1.00 13.84 ? 1149 TYR A OH  1 
ATOM   311 N  N   . GLN A 1 44  ? 2.790   -6.590  3.354   1.00 8.76  ? 1150 GLN A N   1 
ATOM   312 C  CA  . GLN A 1 44  ? 2.502   -7.581  2.287   1.00 9.40  ? 1150 GLN A CA  1 
ATOM   313 C  C   . GLN A 1 44  ? 2.109   -6.841  1.006   1.00 8.16  ? 1150 GLN A C   1 
ATOM   314 O  O   . GLN A 1 44  ? 1.560   -5.717  1.013   1.00 8.09  ? 1150 GLN A O   1 
ATOM   315 C  CB  . GLN A 1 44  ? 1.458   -8.595  2.698   1.00 9.65  ? 1150 GLN A CB  1 
ATOM   316 C  CG  . GLN A 1 44  ? 1.999   -9.506  3.815   1.00 10.70 ? 1150 GLN A CG  1 
ATOM   317 C  CD  . GLN A 1 44  ? 0.939   -10.330 4.480   1.00 12.94 ? 1150 GLN A CD  1 
ATOM   318 O  OE1 . GLN A 1 44  ? -0.155  -10.531 3.981   1.00 14.38 ? 1150 GLN A OE1 1 
ATOM   319 N  NE2 . GLN A 1 44  ? 1.268   -10.829 5.669   1.00 14.73 ? 1150 GLN A NE2 1 
ATOM   320 N  N   . VAL A 1 45  ? 2.433   -7.468  -0.111  1.00 7.43  ? 1151 VAL A N   1 
ATOM   321 C  CA  . VAL A 1 45  ? 2.256   -6.890  -1.459  1.00 7.31  ? 1151 VAL A CA  1 
ATOM   322 C  C   . VAL A 1 45  ? 1.203   -7.673  -2.208  1.00 7.85  ? 1151 VAL A C   1 
ATOM   323 O  O   . VAL A 1 45  ? 1.346   -8.902  -2.331  1.00 8.06  ? 1151 VAL A O   1 
ATOM   324 C  CB  . VAL A 1 45  ? 3.592   -6.838  -2.227  1.00 7.42  ? 1151 VAL A CB  1 
ATOM   325 C  CG1 . VAL A 1 45  ? 3.383   -6.379  -3.666  1.00 7.32  ? 1151 VAL A CG1 1 
ATOM   326 C  CG2 . VAL A 1 45  ? 4.612   -5.947  -1.519  1.00 7.44  ? 1151 VAL A CG2 1 
ATOM   327 N  N   . TYR A 1 46  ? 0.195   -6.978  -2.729  1.00 7.19  ? 1152 TYR A N   1 
ATOM   328 C  CA  . TYR A 1 46  ? -0.918  -7.639  -3.438  1.00 7.53  ? 1152 TYR A CA  1 
ATOM   329 C  C   . TYR A 1 46  ? -1.393  -6.776  -4.586  1.00 7.26  ? 1152 TYR A C   1 
ATOM   330 O  O   . TYR A 1 46  ? -1.234  -5.528  -4.479  1.00 6.72  ? 1152 TYR A O   1 
ATOM   331 C  CB  . TYR A 1 46  ? -2.091  -7.992  -2.523  1.00 8.29  ? 1152 TYR A CB  1 
ATOM   332 C  CG  . TYR A 1 46  ? -1.764  -8.967  -1.419  1.00 8.87  ? 1152 TYR A CG  1 
ATOM   333 C  CD1 . TYR A 1 46  ? -1.590  -10.313 -1.708  1.00 10.16 ? 1152 TYR A CD1 1 
ATOM   334 C  CD2 . TYR A 1 46  ? -1.737  -8.548  -0.095  1.00 9.67  ? 1152 TYR A CD2 1 
ATOM   335 C  CE1 . TYR A 1 46  ? -1.284  -11.202 -0.699  1.00 11.16 ? 1152 TYR A CE1 1 
ATOM   336 C  CE2 . TYR A 1 46  ? -1.406  -9.439  0.930   1.00 9.97  ? 1152 TYR A CE2 1 
ATOM   337 C  CZ  . TYR A 1 46  ? -1.219  -10.767 0.610   1.00 11.87 ? 1152 TYR A CZ  1 
ATOM   338 O  OH  . TYR A 1 46  ? -0.864  -11.646 1.612   1.00 13.38 ? 1152 TYR A OH  1 
ATOM   339 N  N   . CYS A 1 47  ? -2.004  -7.384  -5.596  1.00 7.63  ? 1153 CYS A N   1 
ATOM   340 C  CA  . CYS A 1 47  ? -2.361  -6.606  -6.802  1.00 7.99  ? 1153 CYS A CA  1 
ATOM   341 C  C   . CYS A 1 47  ? -3.613  -5.730  -6.615  1.00 7.90  ? 1153 CYS A C   1 
ATOM   342 O  O   . CYS A 1 47  ? -4.504  -6.006  -5.794  1.00 8.09  ? 1153 CYS A O   1 
ATOM   343 C  CB  . CYS A 1 47  ? -2.513  -7.495  -8.030  1.00 8.67  ? 1153 CYS A CB  1 
ATOM   344 S  SG  . CYS A 1 47  ? -3.805  -8.761  -7.904  1.00 9.28  ? 1153 CYS A SG  1 
ATOM   345 N  N   . GLY A 1 48  ? -3.676  -4.725  -7.460  1.00 8.17  ? 1154 GLY A N   1 
ATOM   346 C  CA  . GLY A 1 48  ? -4.795  -3.778  -7.501  1.00 8.02  ? 1154 GLY A CA  1 
ATOM   347 C  C   . GLY A 1 48  ? -6.077  -4.374  -8.061  1.00 9.19  ? 1154 GLY A C   1 
ATOM   348 O  O   . GLY A 1 48  ? -6.104  -5.441  -8.695  1.00 9.78  ? 1154 GLY A O   1 
ATOM   349 N  N   . ARG A 1 49  ? -7.135  -3.611  -7.893  1.00 9.84  ? 1155 ARG A N   1 
ATOM   350 C  CA  . ARG A 1 49  ? -8.491  -4.084  -8.297  1.00 10.93 ? 1155 ARG A CA  1 
ATOM   351 C  C   . ARG A 1 49  ? -8.653  -4.237  -9.813  1.00 10.66 ? 1155 ARG A C   1 
ATOM   352 O  O   . ARG A 1 49  ? -9.511  -5.051  -10.200 1.00 12.12 ? 1155 ARG A O   1 
ATOM   353 C  CB  . ARG A 1 49  ? -9.533  -3.117  -7.761  1.00 12.23 ? 1155 ARG A CB  1 
ATOM   354 C  CG  . ARG A 1 49  ? -9.485  -1.740  -8.389  1.00 13.80 ? 1155 ARG A CG  1 
ATOM   355 C  CD  . ARG A 1 49  ? -10.275 -0.781  -7.580  1.00 15.94 ? 1155 ARG A CD  1 
ATOM   356 N  NE  . ARG A 1 49  ? -10.277 0.571   -8.043  1.00 15.81 ? 1155 ARG A NE  1 
ATOM   357 C  CZ  . ARG A 1 49  ? -11.269 1.175   -8.687  1.00 19.25 ? 1155 ARG A CZ  1 
ATOM   358 N  NH1 . ARG A 1 49  ? -11.181 2.459   -8.980  1.00 20.17 ? 1155 ARG A NH1 1 
ATOM   359 N  NH2 . ARG A 1 49  ? -12.310 0.466   -9.058  1.00 21.26 ? 1155 ARG A NH2 1 
ATOM   360 N  N   . TYR A 1 50  ? -7.837  -3.605  -10.635 1.00 11.04 ? 1156 TYR A N   1 
ATOM   361 C  CA  . TYR A 1 50  ? -7.934  -3.759  -12.110 1.00 11.34 ? 1156 TYR A CA  1 
ATOM   362 C  C   . TYR A 1 50  ? -7.190  -4.997  -12.574 1.00 12.03 ? 1156 TYR A C   1 
ATOM   363 O  O   . TYR A 1 50  ? -7.389  -5.403  -13.756 1.00 11.89 ? 1156 TYR A O   1 
ATOM   364 C  CB  . TYR A 1 50  ? -7.471  -2.488  -12.822 1.00 11.43 ? 1156 TYR A CB  1 
ATOM   365 C  CG  . TYR A 1 50  ? -8.402  -1.320  -12.599 1.00 12.01 ? 1156 TYR A CG  1 
ATOM   366 C  CD1 . TYR A 1 50  ? -9.764  -1.427  -12.882 1.00 12.04 ? 1156 TYR A CD1 1 
ATOM   367 C  CD2 . TYR A 1 50  ? -7.960  -0.145  -12.051 1.00 13.66 ? 1156 TYR A CD2 1 
ATOM   368 C  CE1 . TYR A 1 50  ? -10.635 -0.357  -12.700 1.00 13.11 ? 1156 TYR A CE1 1 
ATOM   369 C  CE2 . TYR A 1 50  ? -8.808  0.941   -11.886 1.00 15.35 ? 1156 TYR A CE2 1 
ATOM   370 C  CZ  . TYR A 1 50  ? -10.160 0.827   -12.172 1.00 14.88 ? 1156 TYR A CZ  1 
ATOM   371 O  OH  . TYR A 1 50  ? -10.979 1.915   -12.008 1.00 15.45 ? 1156 TYR A OH  1 
ATOM   372 N  N   . ILE A 1 51  ? -6.413  -5.665  -11.710 1.00 10.78 ? 1157 ILE A N   1 
ATOM   373 C  CA  . ILE A 1 51  ? -5.759  -6.966  -12.036 1.00 12.03 ? 1157 ILE A CA  1 
ATOM   374 C  C   . ILE A 1 51  ? -6.635  -8.042  -11.400 1.00 12.11 ? 1157 ILE A C   1 
ATOM   375 O  O   . ILE A 1 51  ? -7.725  -8.342  -11.952 1.00 13.11 ? 1157 ILE A O   1 
ATOM   376 C  CB  . ILE A 1 51  ? -4.273  -6.966  -11.637 1.00 12.32 ? 1157 ILE A CB  1 
ATOM   377 C  CG1 . ILE A 1 51  ? -3.581  -5.703  -12.143 1.00 13.66 ? 1157 ILE A CG1 1 
ATOM   378 C  CG2 . ILE A 1 51  ? -3.602  -8.229  -12.187 1.00 14.07 ? 1157 ILE A CG2 1 
ATOM   379 C  CD1 . ILE A 1 51  ? -3.548  -5.648  -13.658 1.00 15.69 ? 1157 ILE A CD1 1 
ATOM   380 N  N   . ASN A 1 52  ? -6.290  -8.556  -10.243 1.00 11.69 ? 1158 ASN A N   1 
ATOM   381 C  CA  . ASN A 1 52  ? -7.048  -9.670  -9.637  1.00 11.38 ? 1158 ASN A CA  1 
ATOM   382 C  C   . ASN A 1 52  ? -7.568  -9.295  -8.258  1.00 11.01 ? 1158 ASN A C   1 
ATOM   383 O  O   . ASN A 1 52  ? -8.203  -10.156 -7.643  1.00 12.26 ? 1158 ASN A O   1 
ATOM   384 C  CB  . ASN A 1 52  ? -6.222  -10.940 -9.620  1.00 11.85 ? 1158 ASN A CB  1 
ATOM   385 C  CG  . ASN A 1 52  ? -5.947  -11.453 -11.019 1.00 13.27 ? 1158 ASN A CG  1 
ATOM   386 O  OD1 . ASN A 1 52  ? -6.854  -11.448 -11.859 1.00 15.57 ? 1158 ASN A OD1 1 
ATOM   387 N  ND2 . ASN A 1 52  ? -4.727  -11.877 -11.260 1.00 13.61 ? 1158 ASN A ND2 1 
ATOM   388 N  N   . GLY A 1 53  ? -7.396  -8.025  -7.860  1.00 9.77  ? 1159 GLY A N   1 
ATOM   389 C  CA  . GLY A 1 53  ? -8.025  -7.519  -6.631  1.00 10.04 ? 1159 GLY A CA  1 
ATOM   390 C  C   . GLY A 1 53  ? -7.549  -8.185  -5.365  1.00 9.41  ? 1159 GLY A C   1 
ATOM   391 O  O   . GLY A 1 53  ? -8.297  -8.232  -4.372  1.00 8.94  ? 1159 GLY A O   1 
ATOM   392 N  N   . HIS A 1 54  ? -6.327  -8.652  -5.300  1.00 9.32  ? 1160 HIS A N   1 
ATOM   393 C  CA  . HIS A 1 54  ? -5.823  -9.326  -4.073  1.00 9.07  ? 1160 HIS A CA  1 
ATOM   394 C  C   . HIS A 1 54  ? -5.582  -8.330  -2.942  1.00 8.79  ? 1160 HIS A C   1 
ATOM   395 O  O   . HIS A 1 54  ? -5.754  -8.723  -1.805  1.00 9.07  ? 1160 HIS A O   1 
ATOM   396 C  CB  . HIS A 1 54  ? -4.630  -10.233 -4.367  1.00 9.28  ? 1160 HIS A CB  1 
ATOM   397 C  CG  . HIS A 1 54  ? -5.079  -11.393 -5.195  1.00 9.56  ? 1160 HIS A CG  1 
ATOM   398 N  ND1 . HIS A 1 54  ? -4.474  -11.756 -6.405  1.00 10.46 ? 1160 HIS A ND1 1 
ATOM   399 C  CD2 . HIS A 1 54  ? -6.098  -12.260 -4.996  1.00 12.12 ? 1160 HIS A CD2 1 
ATOM   400 C  CE1 . HIS A 1 54  ? -5.137  -12.804 -6.886  1.00 10.84 ? 1160 HIS A CE1 1 
ATOM   401 N  NE2 . HIS A 1 54  ? -6.129  -13.130 -6.050  1.00 11.41 ? 1160 HIS A NE2 1 
ATOM   402 N  N   . MET A 1 55  ? -5.263  -7.066  -3.228  1.00 8.19  ? 1161 MET A N   1 
ATOM   403 C  CA  . MET A 1 55  ? -5.125  -6.140  -2.083  1.00 7.96  ? 1161 MET A CA  1 
ATOM   404 C  C   . MET A 1 55  ? -6.492  -5.831  -1.470  1.00 8.33  ? 1161 MET A C   1 
ATOM   405 O  O   . MET A 1 55  ? -6.580  -5.755  -0.255  1.00 8.78  ? 1161 MET A O   1 
ATOM   406 C  CB  . MET A 1 55  ? -4.375  -4.853  -2.445  1.00 7.84  ? 1161 MET A CB  1 
ATOM   407 C  CG  . MET A 1 55  ? -4.085  -4.019  -1.201  1.00 7.07  ? 1161 MET A CG  1 
ATOM   408 S  SD  . MET A 1 55  ? -3.025  -4.879  0.003   1.00 7.69  ? 1161 MET A SD  1 
ATOM   409 C  CE  . MET A 1 55  ? -1.418  -4.563  -0.716  1.00 8.01  ? 1161 MET A CE  1 
ATOM   410 N  N   A LEU A 1 56  ? -7.530  -5.710  -2.298  0.60 9.00  ? 1162 LEU A N   1 
ATOM   411 N  N   B LEU A 1 56  ? -7.561  -5.644  -2.262  0.40 8.58  ? 1162 LEU A N   1 
ATOM   412 C  CA  A LEU A 1 56  ? -8.917  -5.503  -1.833  0.60 9.74  ? 1162 LEU A CA  1 
ATOM   413 C  CA  B LEU A 1 56  ? -8.914  -5.441  -1.670  0.40 8.91  ? 1162 LEU A CA  1 
ATOM   414 C  C   A LEU A 1 56  ? -9.354  -6.709  -0.985  0.60 9.42  ? 1162 LEU A C   1 
ATOM   415 C  C   B LEU A 1 56  ? -9.275  -6.711  -0.880  0.40 9.04  ? 1162 LEU A C   1 
ATOM   416 O  O   A LEU A 1 56  ? -10.007 -6.542  0.074   0.60 10.44 ? 1162 LEU A O   1 
ATOM   417 O  O   B LEU A 1 56  ? -9.740  -6.578  0.286   0.40 9.30  ? 1162 LEU A O   1 
ATOM   418 C  CB  A LEU A 1 56  ? -9.765  -5.330  -3.093  0.60 10.50 ? 1162 LEU A CB  1 
ATOM   419 C  CB  B LEU A 1 56  ? -9.960  -5.092  -2.743  0.40 9.05  ? 1162 LEU A CB  1 
ATOM   420 C  CG  A LEU A 1 56  ? -11.241 -5.056  -2.881  0.60 11.98 ? 1162 LEU A CG  1 
ATOM   421 C  CG  B LEU A 1 56  ? -11.388 -4.841  -2.231  0.40 9.47  ? 1162 LEU A CG  1 
ATOM   422 C  CD1 A LEU A 1 56  ? -11.471 -3.910  -1.907  0.60 11.77 ? 1162 LEU A CD1 1 
ATOM   423 C  CD1 B LEU A 1 56  ? -11.473 -3.679  -1.238  0.40 9.24  ? 1162 LEU A CD1 1 
ATOM   424 C  CD2 A LEU A 1 56  ? -11.952 -4.791  -4.199  0.60 12.41 ? 1162 LEU A CD2 1 
ATOM   425 C  CD2 B LEU A 1 56  ? -12.350 -4.618  -3.404  0.40 9.64  ? 1162 LEU A CD2 1 
ATOM   426 N  N   . GLN A 1 57  ? -8.963  -7.908  -1.394  1.00 9.55  ? 1163 GLN A N   1 
ATOM   427 C  CA  . GLN A 1 57  ? -9.242  -9.137  -0.629  1.00 10.29 ? 1163 GLN A CA  1 
ATOM   428 C  C   . GLN A 1 57  ? -8.482  -9.086  0.707   1.00 9.54  ? 1163 GLN A C   1 
ATOM   429 O  O   . GLN A 1 57  ? -9.032  -9.459  1.762   1.00 10.49 ? 1163 GLN A O   1 
ATOM   430 C  CB  . GLN A 1 57  ? -8.852  -10.365 -1.446  1.00 13.04 ? 1163 GLN A CB  1 
ATOM   431 C  CG  . GLN A 1 57  ? -9.092  -11.676 -0.721  1.00 18.34 ? 1163 GLN A CG  1 
ATOM   432 C  CD  . GLN A 1 57  ? -8.701  -12.827 -1.624  1.00 23.97 ? 1163 GLN A CD  1 
ATOM   433 O  OE1 . GLN A 1 57  ? -8.831  -12.735 -2.836  1.00 25.07 ? 1163 GLN A OE1 1 
ATOM   434 N  NE2 . GLN A 1 57  ? -8.212  -13.911 -1.032  1.00 33.76 ? 1163 GLN A NE2 1 
ATOM   435 N  N   . HIS A 1 58  ? -7.218  -8.681  0.674   1.00 8.93  ? 1164 HIS A N   1 
ATOM   436 C  CA  . HIS A 1 58  ? -6.404  -8.560  1.890   1.00 8.34  ? 1164 HIS A CA  1 
ATOM   437 C  C   . HIS A 1 58  ? -7.093  -7.590  2.853   1.00 7.96  ? 1164 HIS A C   1 
ATOM   438 O  O   . HIS A 1 58  ? -7.155  -7.847  4.064   1.00 9.14  ? 1164 HIS A O   1 
ATOM   439 C  CB  . HIS A 1 58  ? -4.987  -8.130  1.543   1.00 8.26  ? 1164 HIS A CB  1 
ATOM   440 C  CG  . HIS A 1 58  ? -4.172  -7.846  2.766   1.00 7.96  ? 1164 HIS A CG  1 
ATOM   441 N  ND1 . HIS A 1 58  ? -3.775  -8.877  3.644   1.00 9.10  ? 1164 HIS A ND1 1 
ATOM   442 C  CD2 . HIS A 1 58  ? -3.688  -6.688  3.285   1.00 8.33  ? 1164 HIS A CD2 1 
ATOM   443 C  CE1 . HIS A 1 58  ? -3.036  -8.302  4.585   1.00 8.51  ? 1164 HIS A CE1 1 
ATOM   444 N  NE2 . HIS A 1 58  ? -3.008  -6.950  4.450   1.00 8.80  ? 1164 HIS A NE2 1 
ATOM   445 N  N   . HIS A 1 59  ? -7.559  -6.454  2.357   1.00 8.37  ? 1165 HIS A N   1 
ATOM   446 C  CA  . HIS A 1 59  ? -8.279  -5.505  3.221   1.00 7.85  ? 1165 HIS A CA  1 
ATOM   447 C  C   . HIS A 1 59  ? -9.477  -6.221  3.866   1.00 8.34  ? 1165 HIS A C   1 
ATOM   448 O  O   . HIS A 1 59  ? -9.722  -6.026  5.064   1.00 9.42  ? 1165 HIS A O   1 
ATOM   449 C  CB  . HIS A 1 59  ? -8.747  -4.298  2.419   1.00 8.52  ? 1165 HIS A CB  1 
ATOM   450 C  CG  . HIS A 1 59  ? -9.758  -3.495  3.159   1.00 8.34  ? 1165 HIS A CG  1 
ATOM   451 N  ND1 . HIS A 1 59  ? -9.443  -2.726  4.251   1.00 8.55  ? 1165 HIS A ND1 1 
ATOM   452 C  CD2 . HIS A 1 59  ? -11.103 -3.432  3.020   1.00 8.16  ? 1165 HIS A CD2 1 
ATOM   453 C  CE1 . HIS A 1 59  ? -10.562 -2.242  4.756   1.00 9.47  ? 1165 HIS A CE1 1 
ATOM   454 N  NE2 . HIS A 1 59  ? -11.591 -2.630  4.022   1.00 9.74  ? 1165 HIS A NE2 1 
ATOM   455 N  N   . GLY A 1 60  ? -10.198 -6.989  3.074   1.00 8.87  ? 1166 GLY A N   1 
ATOM   456 C  CA  . GLY A 1 60  ? -11.443 -7.598  3.582   1.00 9.27  ? 1166 GLY A CA  1 
ATOM   457 C  C   . GLY A 1 60  ? -11.101 -8.572  4.676   1.00 9.60  ? 1166 GLY A C   1 
ATOM   458 O  O   . GLY A 1 60  ? -11.909 -8.707  5.614   1.00 10.28 ? 1166 GLY A O   1 
ATOM   459 N  N   . ASN A 1 61  ? -9.997  -9.298  4.584   1.00 10.43 ? 1167 ASN A N   1 
ATOM   460 C  CA  . ASN A 1 61  ? -9.776  -10.370 5.575   1.00 12.53 ? 1167 ASN A CA  1 
ATOM   461 C  C   . ASN A 1 61  ? -8.835  -9.931  6.684   1.00 12.02 ? 1167 ASN A C   1 
ATOM   462 O  O   . ASN A 1 61  ? -8.731  -10.674 7.688   1.00 12.00 ? 1167 ASN A O   1 
ATOM   463 C  CB  . ASN A 1 61  ? -9.342  -11.659 4.912   1.00 15.05 ? 1167 ASN A CB  1 
ATOM   464 C  CG  . ASN A 1 61  ? -7.983  -11.565 4.284   1.00 16.57 ? 1167 ASN A CG  1 
ATOM   465 O  OD1 . ASN A 1 61  ? -7.061  -11.040 4.909   1.00 20.57 ? 1167 ASN A OD1 1 
ATOM   466 N  ND2 . ASN A 1 61  ? -7.847  -12.147 3.096   1.00 19.61 ? 1167 ASN A ND2 1 
ATOM   467 N  N   . SER A 1 62  ? -8.266  -8.722  6.625   1.00 9.75  ? 1168 SER A N   1 
ATOM   468 C  CA  . SER A 1 62  ? -7.379  -8.218  7.693   1.00 9.79  ? 1168 SER A CA  1 
ATOM   469 C  C   . SER A 1 62  ? -7.966  -6.976  8.389   1.00 9.73  ? 1168 SER A C   1 
ATOM   470 O  O   . SER A 1 62  ? -7.554  -6.702  9.545   1.00 11.15 ? 1168 SER A O   1 
ATOM   471 C  CB  . SER A 1 62  ? -6.001  -7.903  7.143   1.00 10.12 ? 1168 SER A CB  1 
ATOM   472 O  OG  . SER A 1 62  ? -6.057  -6.768  6.295   1.00 9.91  ? 1168 SER A OG  1 
ATOM   473 N  N   . GLY A 1 63  ? -8.740  -6.195  7.630   1.00 9.88  ? 1169 GLY A N   1 
ATOM   474 C  CA  . GLY A 1 63  ? -9.219  -4.871  8.039   1.00 9.11  ? 1169 GLY A CA  1 
ATOM   475 C  C   . GLY A 1 63  ? -8.175  -3.780  7.880   1.00 9.34  ? 1169 GLY A C   1 
ATOM   476 O  O   . GLY A 1 63  ? -8.436  -2.638  8.289   1.00 10.07 ? 1169 GLY A O   1 
ATOM   477 N  N   . HIS A 1 64  ? -6.984  -4.105  7.387   1.00 8.82  ? 1170 HIS A N   1 
ATOM   478 C  CA  . HIS A 1 64  ? -5.918  -3.098  7.245   1.00 8.43  ? 1170 HIS A CA  1 
ATOM   479 C  C   . HIS A 1 64  ? -6.373  -1.988  6.305   1.00 8.30  ? 1170 HIS A C   1 
ATOM   480 O  O   . HIS A 1 64  ? -6.884  -2.264  5.225   1.00 8.97  ? 1170 HIS A O   1 
ATOM   481 C  CB  . HIS A 1 64  ? -4.587  -3.716  6.828   1.00 8.61  ? 1170 HIS A CB  1 
ATOM   482 C  CG  . HIS A 1 64  ? -4.008  -4.663  7.793   1.00 8.31  ? 1170 HIS A CG  1 
ATOM   483 N  ND1 . HIS A 1 64  ? -3.051  -5.557  7.426   1.00 8.55  ? 1170 HIS A ND1 1 
ATOM   484 C  CD2 . HIS A 1 64  ? -4.319  -4.885  9.096   1.00 8.59  ? 1170 HIS A CD2 1 
ATOM   485 C  CE1 . HIS A 1 64  ? -2.701  -6.264  8.506   1.00 8.34  ? 1170 HIS A CE1 1 
ATOM   486 N  NE2 . HIS A 1 64  ? -3.474  -5.858  9.562   1.00 8.83  ? 1170 HIS A NE2 1 
ATOM   487 N  N   . PRO A 1 65  ? -6.203  -0.711  6.721   1.00 7.44  ? 1171 PRO A N   1 
ATOM   488 C  CA  . PRO A 1 65  ? -6.850  0.395   6.039   1.00 7.74  ? 1171 PRO A CA  1 
ATOM   489 C  C   . PRO A 1 65  ? -6.133  0.969   4.802   1.00 6.94  ? 1171 PRO A C   1 
ATOM   490 O  O   . PRO A 1 65  ? -6.838  1.319   3.839   1.00 6.85  ? 1171 PRO A O   1 
ATOM   491 C  CB  . PRO A 1 65  ? -6.907  1.478   7.143   1.00 8.01  ? 1171 PRO A CB  1 
ATOM   492 C  CG  . PRO A 1 65  ? -5.742  1.176   8.045   1.00 8.09  ? 1171 PRO A CG  1 
ATOM   493 C  CD  . PRO A 1 65  ? -5.647  -0.323  8.037   1.00 8.35  ? 1171 PRO A CD  1 
ATOM   494 N  N   . LEU A 1 66  ? -4.811  1.133   4.903   1.00 7.34  ? 1172 LEU A N   1 
ATOM   495 C  CA  . LEU A 1 66  ? -4.035  2.032   4.020   1.00 7.80  ? 1172 LEU A CA  1 
ATOM   496 C  C   . LEU A 1 66  ? -3.036  1.217   3.222   1.00 7.16  ? 1172 LEU A C   1 
ATOM   497 O  O   . LEU A 1 66  ? -2.260  0.409   3.813   1.00 7.86  ? 1172 LEU A O   1 
ATOM   498 C  CB  . LEU A 1 66  ? -3.342  3.134   4.838   1.00 8.07  ? 1172 LEU A CB  1 
ATOM   499 C  CG  . LEU A 1 66  ? -4.271  4.293   5.186   1.00 9.60  ? 1172 LEU A CG  1 
ATOM   500 C  CD1 . LEU A 1 66  ? -3.909  4.979   6.518   1.00 10.33 ? 1172 LEU A CD1 1 
ATOM   501 C  CD2 . LEU A 1 66  ? -4.287  5.298   4.036   1.00 9.90  ? 1172 LEU A CD2 1 
ATOM   502 N  N   . VAL A 1 67  ? -3.029  1.467   1.926   1.00 6.80  ? 1173 VAL A N   1 
ATOM   503 C  CA  . VAL A 1 67  ? -2.172  0.735   0.962   1.00 7.21  ? 1173 VAL A CA  1 
ATOM   504 C  C   . VAL A 1 67  ? -1.510  1.762   0.036   1.00 7.63  ? 1173 VAL A C   1 
ATOM   505 O  O   . VAL A 1 67  ? -2.105  2.794   -0.281  1.00 7.33  ? 1173 VAL A O   1 
ATOM   506 C  CB  . VAL A 1 67  ? -2.996  -0.344  0.223   1.00 7.73  ? 1173 VAL A CB  1 
ATOM   507 C  CG1 . VAL A 1 67  ? -3.474  -1.397  1.209   1.00 8.09  ? 1173 VAL A CG1 1 
ATOM   508 C  CG2 . VAL A 1 67  ? -4.169  0.253   -0.558  1.00 8.20  ? 1173 VAL A CG2 1 
ATOM   509 N  N   . LEU A 1 68  ? -0.284  1.493   -0.344  1.00 7.47  ? 1174 LEU A N   1 
ATOM   510 C  CA  . LEU A 1 68  ? 0.527   2.369   -1.178  1.00 8.23  ? 1174 LEU A CA  1 
ATOM   511 C  C   . LEU A 1 68  ? 0.726   1.725   -2.542  1.00 7.78  ? 1174 LEU A C   1 
ATOM   512 O  O   . LEU A 1 68  ? 1.161   0.568   -2.661  1.00 8.13  ? 1174 LEU A O   1 
ATOM   513 C  CB  . LEU A 1 68  ? 1.859   2.602   -0.468  1.00 8.90  ? 1174 LEU A CB  1 
ATOM   514 C  CG  . LEU A 1 68  ? 2.872   3.474   -1.195  1.00 10.00 ? 1174 LEU A CG  1 
ATOM   515 C  CD1 . LEU A 1 68  ? 2.387   4.926   -1.210  1.00 10.86 ? 1174 LEU A CD1 1 
ATOM   516 C  CD2 . LEU A 1 68  ? 4.225   3.344   -0.535  1.00 12.01 ? 1174 LEU A CD2 1 
ATOM   517 N  N   . SER A 1 69  ? 0.467   2.524   -3.568  1.00 7.99  ? 1175 SER A N   1 
ATOM   518 C  CA  . SER A 1 69  ? 0.602   2.102   -4.976  1.00 7.69  ? 1175 SER A CA  1 
ATOM   519 C  C   . SER A 1 69  ? 2.051   2.108   -5.421  1.00 8.64  ? 1175 SER A C   1 
ATOM   520 O  O   . SER A 1 69  ? 2.735   3.140   -5.301  1.00 9.23  ? 1175 SER A O   1 
ATOM   521 C  CB  . SER A 1 69  ? -0.149  3.033   -5.853  1.00 8.03  ? 1175 SER A CB  1 
ATOM   522 O  OG  . SER A 1 69  ? 0.094   2.680   -7.218  1.00 10.24 ? 1175 SER A OG  1 
ATOM   523 N  N   . TYR A 1 70  ? 2.523   0.995   -5.971  1.00 9.18  ? 1176 TYR A N   1 
ATOM   524 C  CA  . TYR A 1 70  ? 3.893   0.978   -6.544  1.00 9.19  ? 1176 TYR A CA  1 
ATOM   525 C  C   . TYR A 1 70  ? 3.895   1.642   -7.915  1.00 12.09 ? 1176 TYR A C   1 
ATOM   526 O  O   . TYR A 1 70  ? 4.992   1.769   -8.469  1.00 15.02 ? 1176 TYR A O   1 
ATOM   527 C  CB  . TYR A 1 70  ? 4.413   -0.446  -6.501  1.00 8.59  ? 1176 TYR A CB  1 
ATOM   528 C  CG  . TYR A 1 70  ? 4.942   -0.870  -5.142  1.00 8.52  ? 1176 TYR A CG  1 
ATOM   529 C  CD1 . TYR A 1 70  ? 5.347   0.037   -4.174  1.00 8.83  ? 1176 TYR A CD1 1 
ATOM   530 C  CD2 . TYR A 1 70  ? 5.025   -2.213  -4.831  1.00 8.80  ? 1176 TYR A CD2 1 
ATOM   531 C  CE1 . TYR A 1 70  ? 5.895   -0.411  -2.980  1.00 8.84  ? 1176 TYR A CE1 1 
ATOM   532 C  CE2 . TYR A 1 70  ? 5.573   -2.666  -3.645  1.00 9.32  ? 1176 TYR A CE2 1 
ATOM   533 C  CZ  . TYR A 1 70  ? 6.025   -1.759  -2.722  1.00 9.69  ? 1176 TYR A CZ  1 
ATOM   534 O  OH  . TYR A 1 70  ? 6.598   -2.185  -1.546  1.00 10.72 ? 1176 TYR A OH  1 
ATOM   535 N  N   . ILE A 1 71  ? 2.739   1.978   -8.492  1.00 10.56 ? 1177 ILE A N   1 
ATOM   536 C  CA  . ILE A 1 71  ? 2.661   2.688   -9.803  1.00 12.34 ? 1177 ILE A CA  1 
ATOM   537 C  C   . ILE A 1 71  ? 2.948   4.171   -9.598  1.00 13.55 ? 1177 ILE A C   1 
ATOM   538 O  O   . ILE A 1 71  ? 3.770   4.718   -10.346 1.00 15.04 ? 1177 ILE A O   1 
ATOM   539 C  CB  . ILE A 1 71  ? 1.282   2.527   -10.471 1.00 15.71 ? 1177 ILE A CB  1 
ATOM   540 C  CG1 . ILE A 1 71  ? 0.892   1.063   -10.719 1.00 19.68 ? 1177 ILE A CG1 1 
ATOM   541 C  CG2 . ILE A 1 71  ? 1.240   3.357   -11.755 1.00 17.21 ? 1177 ILE A CG2 1 
ATOM   542 C  CD1 . ILE A 1 71  ? 1.741   0.349   -11.707 1.00 22.86 ? 1177 ILE A CD1 1 
ATOM   543 N  N   . ASP A 1 72  ? 2.340   4.815   -8.617  1.00 11.30 ? 1178 ASP A N   1 
ATOM   544 C  CA  . ASP A 1 72  ? 2.432   6.296   -8.502  1.00 11.55 ? 1178 ASP A CA  1 
ATOM   545 C  C   . ASP A 1 72  ? 2.636   6.776   -7.063  1.00 11.93 ? 1178 ASP A C   1 
ATOM   546 O  O   . ASP A 1 72  ? 2.695   8.008   -6.853  1.00 12.64 ? 1178 ASP A O   1 
ATOM   547 C  CB  . ASP A 1 72  ? 1.207   6.964   -9.126  1.00 12.81 ? 1178 ASP A CB  1 
ATOM   548 C  CG  . ASP A 1 72  ? -0.098  6.714   -8.416  1.00 13.59 ? 1178 ASP A CG  1 
ATOM   549 O  OD1 . ASP A 1 72  ? -0.122  6.017   -7.396  1.00 11.83 ? 1178 ASP A OD1 1 
ATOM   550 O  OD2 . ASP A 1 72  ? -1.136  7.243   -8.908  1.00 17.70 ? 1178 ASP A OD2 1 
ATOM   551 N  N   . LEU A 1 73  ? 2.848   5.863   -6.118  1.00 10.69 ? 1179 LEU A N   1 
ATOM   552 C  CA  . LEU A 1 73  ? 3.167   6.182   -4.693  1.00 11.37 ? 1179 LEU A CA  1 
ATOM   553 C  C   . LEU A 1 73  ? 2.045   7.030   -4.079  1.00 11.44 ? 1179 LEU A C   1 
ATOM   554 O  O   . LEU A 1 73  ? 2.307   7.700   -3.072  1.00 12.69 ? 1179 LEU A O   1 
ATOM   555 C  CB  . LEU A 1 73  ? 4.539   6.887   -4.586  1.00 12.54 ? 1179 LEU A CB  1 
ATOM   556 C  CG  . LEU A 1 73  ? 5.712   6.221   -5.295  1.00 14.84 ? 1179 LEU A CG  1 
ATOM   557 C  CD1 . LEU A 1 73  ? 6.991   6.982   -5.000  1.00 15.25 ? 1179 LEU A CD1 1 
ATOM   558 C  CD2 . LEU A 1 73  ? 5.857   4.767   -4.925  1.00 14.90 ? 1179 LEU A CD2 1 
ATOM   559 N  N   . SER A 1 74  ? 0.805   6.880   -4.543  1.00 11.08 ? 1180 SER A N   1 
ATOM   560 C  CA  . SER A 1 74  ? -0.421  7.374   -3.863  1.00 10.36 ? 1180 SER A CA  1 
ATOM   561 C  C   . SER A 1 74  ? -0.812  6.361   -2.782  1.00 9.08  ? 1180 SER A C   1 
ATOM   562 O  O   . SER A 1 74  ? -0.566  5.165   -2.977  1.00 9.80  ? 1180 SER A O   1 
ATOM   563 C  CB  . SER A 1 74  ? -1.549  7.540   -4.807  1.00 12.69 ? 1180 SER A CB  1 
ATOM   564 O  OG  . SER A 1 74  ? -1.836  6.287   -5.463  1.00 18.56 ? 1180 SER A OG  1 
ATOM   565 N  N   . ALA A 1 75  ? -1.420  6.821   -1.702  1.00 9.40  ? 1181 ALA A N   1 
ATOM   566 C  CA  . ALA A 1 75  ? -1.898  5.997   -0.569  1.00 8.93  ? 1181 ALA A CA  1 
ATOM   567 C  C   . ALA A 1 75  ? -3.414  6.072   -0.520  1.00 9.39  ? 1181 ALA A C   1 
ATOM   568 O  O   . ALA A 1 75  ? -3.964  7.158   -0.536  1.00 9.29  ? 1181 ALA A O   1 
ATOM   569 C  CB  . ALA A 1 75  ? -1.258  6.409   0.741   1.00 9.48  ? 1181 ALA A CB  1 
ATOM   570 N  N   . TRP A 1 76  ? -4.074  4.908   -0.570  1.00 8.35  ? 1182 TRP A N   1 
ATOM   571 C  CA  . TRP A 1 76  ? -5.536  4.750   -0.603  1.00 8.54  ? 1182 TRP A CA  1 
ATOM   572 C  C   . TRP A 1 76  ? -5.957  4.232   0.754   1.00 8.75  ? 1182 TRP A C   1 
ATOM   573 O  O   . TRP A 1 76  ? -5.350  3.254   1.211   1.00 7.78  ? 1182 TRP A O   1 
ATOM   574 C  CB  . TRP A 1 76  ? -5.984  3.788   -1.722  1.00 8.70  ? 1182 TRP A CB  1 
ATOM   575 C  CG  . TRP A 1 76  ? -7.459  3.572   -1.825  1.00 9.31  ? 1182 TRP A CG  1 
ATOM   576 C  CD1 . TRP A 1 76  ? -8.169  2.490   -1.381  1.00 9.28  ? 1182 TRP A CD1 1 
ATOM   577 C  CD2 . TRP A 1 76  ? -8.409  4.439   -2.461  1.00 10.12 ? 1182 TRP A CD2 1 
ATOM   578 N  NE1 . TRP A 1 76  ? -9.496  2.647   -1.660  1.00 10.21 ? 1182 TRP A NE1 1 
ATOM   579 C  CE2 . TRP A 1 76  ? -9.677  3.817   -2.350  1.00 9.77  ? 1182 TRP A CE2 1 
ATOM   580 C  CE3 . TRP A 1 76  ? -8.296  5.666   -3.122  1.00 10.31 ? 1182 TRP A CE3 1 
ATOM   581 C  CZ2 . TRP A 1 76  ? -10.827 4.401   -2.872  1.00 11.15 ? 1182 TRP A CZ2 1 
ATOM   582 C  CZ3 . TRP A 1 76  ? -9.437  6.231   -3.633  1.00 11.72 ? 1182 TRP A CZ3 1 
ATOM   583 C  CH2 . TRP A 1 76  ? -10.675 5.615   -3.482  1.00 11.09 ? 1182 TRP A CH2 1 
ATOM   584 N  N   . CYS A 1 77  ? -7.002  4.810   1.315   1.00 8.26  ? 1183 CYS A N   1 
ATOM   585 C  CA  . CYS A 1 77  ? -7.672  4.246   2.490   1.00 8.83  ? 1183 CYS A CA  1 
ATOM   586 C  C   . CYS A 1 77  ? -8.948  3.571   2.042   1.00 8.81  ? 1183 CYS A C   1 
ATOM   587 O  O   . CYS A 1 77  ? -9.852  4.249   1.529   1.00 8.24  ? 1183 CYS A O   1 
ATOM   588 C  CB  . CYS A 1 77  ? -7.943  5.290   3.551   1.00 9.16  ? 1183 CYS A CB  1 
ATOM   589 S  SG  . CYS A 1 77  ? -8.788  4.555   4.981   1.00 8.46  ? 1183 CYS A SG  1 
ATOM   590 N  N   . TYR A 1 78  ? -9.066  2.299   2.346   1.00 7.96  ? 1184 TYR A N   1 
ATOM   591 C  CA  . TYR A 1 78  ? -10.265 1.555   1.895   1.00 8.83  ? 1184 TYR A CA  1 
ATOM   592 C  C   . TYR A 1 78  ? -11.506 1.982   2.669   1.00 9.13  ? 1184 TYR A C   1 
ATOM   593 O  O   . TYR A 1 78  ? -12.628 1.793   2.145   1.00 10.98 ? 1184 TYR A O   1 
ATOM   594 C  CB  . TYR A 1 78  ? -10.069 0.055   2.056   1.00 8.43  ? 1184 TYR A CB  1 
ATOM   595 C  CG  . TYR A 1 78  ? -9.161  -0.563  1.032   1.00 8.17  ? 1184 TYR A CG  1 
ATOM   596 C  CD1 . TYR A 1 78  ? -9.543  -0.700  -0.293  1.00 8.39  ? 1184 TYR A CD1 1 
ATOM   597 C  CD2 . TYR A 1 78  ? -7.920  -1.055  1.405   1.00 8.43  ? 1184 TYR A CD2 1 
ATOM   598 C  CE1 . TYR A 1 78  ? -8.734  -1.328  -1.229  1.00 8.06  ? 1184 TYR A CE1 1 
ATOM   599 C  CE2 . TYR A 1 78  ? -7.083  -1.626  0.465   1.00 8.58  ? 1184 TYR A CE2 1 
ATOM   600 C  CZ  . TYR A 1 78  ? -7.485  -1.774  -0.850  1.00 8.43  ? 1184 TYR A CZ  1 
ATOM   601 O  OH  . TYR A 1 78  ? -6.655  -2.389  -1.752  1.00 9.28  ? 1184 TYR A OH  1 
ATOM   602 N  N   . TYR A 1 79  ? -11.366 2.378   3.911   1.00 8.74  ? 1185 TYR A N   1 
ATOM   603 C  CA  . TYR A 1 79  ? -12.496 2.820   4.746   1.00 9.08  ? 1185 TYR A CA  1 
ATOM   604 C  C   . TYR A 1 79  ? -13.007 4.178   4.292   1.00 9.38  ? 1185 TYR A C   1 
ATOM   605 O  O   . TYR A 1 79  ? -14.232 4.331   4.100   1.00 11.01 ? 1185 TYR A O   1 
ATOM   606 C  CB  . TYR A 1 79  ? -12.089 2.918   6.203   1.00 9.08  ? 1185 TYR A CB  1 
ATOM   607 C  CG  . TYR A 1 79  ? -11.802 1.584   6.852   1.00 9.90  ? 1185 TYR A CG  1 
ATOM   608 C  CD1 . TYR A 1 79  ? -12.803 0.755   7.302   1.00 10.38 ? 1185 TYR A CD1 1 
ATOM   609 C  CD2 . TYR A 1 79  ? -10.501 1.175   7.053   1.00 10.03 ? 1185 TYR A CD2 1 
ATOM   610 C  CE1 . TYR A 1 79  ? -12.493 -0.420  7.974   1.00 11.18 ? 1185 TYR A CE1 1 
ATOM   611 C  CE2 . TYR A 1 79  ? -10.186 -0.034  7.642   1.00 9.98  ? 1185 TYR A CE2 1 
ATOM   612 C  CZ  . TYR A 1 79  ? -11.197 -0.818  8.159   1.00 10.54 ? 1185 TYR A CZ  1 
ATOM   613 O  OH  . TYR A 1 79  ? -10.883 -1.986  8.818   1.00 10.61 ? 1185 TYR A OH  1 
ATOM   614 N  N   . CYS A 1 80  ? -12.081 5.134   4.124   1.00 10.10 ? 1186 CYS A N   1 
ATOM   615 C  CA  . CYS A 1 80  ? -12.440 6.532   3.751   1.00 10.61 ? 1186 CYS A CA  1 
ATOM   616 C  C   . CYS A 1 80  ? -12.752 6.539   2.258   1.00 11.17 ? 1186 CYS A C   1 
ATOM   617 O  O   . CYS A 1 80  ? -13.383 7.533   1.810   1.00 12.57 ? 1186 CYS A O   1 
ATOM   618 C  CB  . CYS A 1 80  ? -11.310 7.469   4.156   1.00 11.43 ? 1186 CYS A CB  1 
ATOM   619 S  SG  . CYS A 1 80  ? -11.073 7.560   5.964   1.00 13.36 ? 1186 CYS A SG  1 
ATOM   620 N  N   . GLN A 1 81  ? -12.397 5.506   1.477   1.00 11.09 ? 1187 GLN A N   1 
ATOM   621 C  CA  . GLN A 1 81  ? -12.644 5.444   0.005   1.00 13.00 ? 1187 GLN A CA  1 
ATOM   622 C  C   . GLN A 1 81  ? -12.063 6.702   -0.638  1.00 12.99 ? 1187 GLN A C   1 
ATOM   623 O  O   . GLN A 1 81  ? -12.734 7.408   -1.435  1.00 14.52 ? 1187 GLN A O   1 
ATOM   624 C  CB  . GLN A 1 81  ? -14.139 5.255   -0.279  1.00 15.25 ? 1187 GLN A CB  1 
ATOM   625 C  CG  . GLN A 1 81  ? -14.762 4.179   0.590   1.00 19.69 ? 1187 GLN A CG  1 
ATOM   626 C  CD  . GLN A 1 81  ? -16.243 4.065   0.293   1.00 24.88 ? 1187 GLN A CD  1 
ATOM   627 O  OE1 . GLN A 1 81  ? -17.090 4.543   1.045   1.00 31.02 ? 1187 GLN A OE1 1 
ATOM   628 N  NE2 . GLN A 1 81  ? -16.547 3.479   -0.841  1.00 27.34 ? 1187 GLN A NE2 1 
ATOM   629 N  N   . ALA A 1 82  ? -10.832 6.987   -0.277  1.00 11.47 ? 1188 ALA A N   1 
ATOM   630 C  CA  . ALA A 1 82  ? -10.122 8.194   -0.723  1.00 11.35 ? 1188 ALA A CA  1 
ATOM   631 C  C   . ALA A 1 82  ? -8.628  8.021   -0.642  1.00 10.36 ? 1188 ALA A C   1 
ATOM   632 O  O   . ALA A 1 82  ? -8.101  7.228   0.178   1.00 10.03 ? 1188 ALA A O   1 
ATOM   633 C  CB  . ALA A 1 82  ? -10.516 9.392   0.087   1.00 12.15 ? 1188 ALA A CB  1 
ATOM   634 N  N   . TYR A 1 83  ? -7.923  8.841   -1.400  1.00 10.28 ? 1189 TYR A N   1 
ATOM   635 C  CA  . TYR A 1 83  ? -6.480  9.005   -1.235  1.00 10.07 ? 1189 TYR A CA  1 
ATOM   636 C  C   . TYR A 1 83  ? -6.199  9.897   -0.049  1.00 10.27 ? 1189 TYR A C   1 
ATOM   637 O  O   . TYR A 1 83  ? -6.963  10.842  0.235   1.00 10.25 ? 1189 TYR A O   1 
ATOM   638 C  CB  . TYR A 1 83  ? -5.885  9.595   -2.505  1.00 10.54 ? 1189 TYR A CB  1 
ATOM   639 C  CG  . TYR A 1 83  ? -5.857  8.655   -3.671  1.00 11.84 ? 1189 TYR A CG  1 
ATOM   640 C  CD1 . TYR A 1 83  ? -4.930  7.634   -3.697  1.00 12.76 ? 1189 TYR A CD1 1 
ATOM   641 C  CD2 . TYR A 1 83  ? -6.701  8.836   -4.756  1.00 13.86 ? 1189 TYR A CD2 1 
ATOM   642 C  CE1 . TYR A 1 83  ? -4.838  6.775   -4.784  1.00 14.54 ? 1189 TYR A CE1 1 
ATOM   643 C  CE2 . TYR A 1 83  ? -6.645  7.948   -5.822  1.00 15.93 ? 1189 TYR A CE2 1 
ATOM   644 C  CZ  . TYR A 1 83  ? -5.698  6.948   -5.838  1.00 17.36 ? 1189 TYR A CZ  1 
ATOM   645 O  OH  . TYR A 1 83  ? -5.582  6.140   -6.941  1.00 22.61 ? 1189 TYR A OH  1 
ATOM   646 N  N   . VAL A 1 84  ? -5.140  9.599   0.658   1.00 9.91  ? 1190 VAL A N   1 
ATOM   647 C  CA  . VAL A 1 84  ? -4.713  10.305  1.887   1.00 10.52 ? 1190 VAL A CA  1 
ATOM   648 C  C   . VAL A 1 84  ? -3.235  10.625  1.765   1.00 11.00 ? 1190 VAL A C   1 
ATOM   649 O  O   . VAL A 1 84  ? -2.443  9.809   1.286   1.00 10.86 ? 1190 VAL A O   1 
ATOM   650 C  CB  . VAL A 1 84  ? -4.979  9.462   3.129   1.00 10.90 ? 1190 VAL A CB  1 
ATOM   651 C  CG1 . VAL A 1 84  ? -4.536  10.161  4.395   1.00 11.79 ? 1190 VAL A CG1 1 
ATOM   652 C  CG2 . VAL A 1 84  ? -6.432  9.064   3.203   1.00 12.11 ? 1190 VAL A CG2 1 
ATOM   653 N  N   . HIS A 1 85  ? -2.859  11.842  2.104   1.00 10.21 ? 1191 HIS A N   1 
ATOM   654 C  CA  . HIS A 1 85  ? -1.436  12.199  2.188   1.00 10.52 ? 1191 HIS A CA  1 
ATOM   655 C  C   . HIS A 1 85  ? -1.216  13.005  3.441   1.00 11.57 ? 1191 HIS A C   1 
ATOM   656 O  O   . HIS A 1 85  ? -2.044  13.899  3.708   1.00 13.35 ? 1191 HIS A O   1 
ATOM   657 C  CB  . HIS A 1 85  ? -0.953  12.961  0.964   1.00 11.12 ? 1191 HIS A CB  1 
ATOM   658 C  CG  . HIS A 1 85  ? 0.495   13.259  1.113   1.00 11.27 ? 1191 HIS A CG  1 
ATOM   659 N  ND1 . HIS A 1 85  ? 1.488   12.304  0.907   1.00 11.03 ? 1191 HIS A ND1 1 
ATOM   660 C  CD2 . HIS A 1 85  ? 1.096   14.356  1.582   1.00 11.63 ? 1191 HIS A CD2 1 
ATOM   661 C  CE1 . HIS A 1 85  ? 2.641   12.842  1.214   1.00 12.71 ? 1191 HIS A CE1 1 
ATOM   662 N  NE2 . HIS A 1 85  ? 2.421   14.100  1.689   1.00 13.00 ? 1191 HIS A NE2 1 
ATOM   663 N  N   . HIS A 1 86  ? -0.238  12.608  4.206   1.00 11.76 ? 1192 HIS A N   1 
ATOM   664 C  CA  . HIS A 1 86  ? 0.078   13.269  5.481   1.00 13.39 ? 1192 HIS A CA  1 
ATOM   665 C  C   . HIS A 1 86  ? 1.562   13.103  5.741   1.00 15.42 ? 1192 HIS A C   1 
ATOM   666 O  O   . HIS A 1 86  ? 2.190   12.125  5.226   1.00 13.60 ? 1192 HIS A O   1 
ATOM   667 C  CB  . HIS A 1 86  ? -0.822  12.623  6.533   1.00 13.46 ? 1192 HIS A CB  1 
ATOM   668 C  CG  . HIS A 1 86  ? -0.724  13.198  7.885   1.00 14.93 ? 1192 HIS A CG  1 
ATOM   669 N  ND1 . HIS A 1 86  ? 0.250   12.792  8.761   1.00 18.58 ? 1192 HIS A ND1 1 
ATOM   670 C  CD2 . HIS A 1 86  ? -1.454  14.162  8.476   1.00 16.48 ? 1192 HIS A CD2 1 
ATOM   671 C  CE1 . HIS A 1 86  ? 0.085   13.483  9.881   1.00 18.21 ? 1192 HIS A CE1 1 
ATOM   672 N  NE2 . HIS A 1 86  ? -0.941  14.331  9.726   1.00 19.09 ? 1192 HIS A NE2 1 
ATOM   673 N  N   . GLN A 1 87  ? 2.087   13.968  6.608   1.00 18.01 ? 1193 GLN A N   1 
ATOM   674 C  CA  . GLN A 1 87  ? 3.493   13.926  7.060   1.00 20.91 ? 1193 GLN A CA  1 
ATOM   675 C  C   . GLN A 1 87  ? 3.858   12.495  7.438   1.00 18.47 ? 1193 GLN A C   1 
ATOM   676 O  O   . GLN A 1 87  ? 4.978   12.130  7.072   1.00 20.71 ? 1193 GLN A O   1 
ATOM   677 C  CB  . GLN A 1 87  ? 3.720   14.924  8.214   1.00 22.17 ? 1193 GLN A CB  1 
ATOM   678 N  N   . ALA A 1 88  ? 2.966   11.700  8.053   1.00 20.17 ? 1194 ALA A N   1 
ATOM   679 C  CA  . ALA A 1 88  ? 3.185   10.327  8.573   1.00 19.34 ? 1194 ALA A CA  1 
ATOM   680 C  C   . ALA A 1 88  ? 3.465   9.307   7.447   1.00 19.99 ? 1194 ALA A C   1 
ATOM   681 O  O   . ALA A 1 88  ? 3.776   8.131   7.748   1.00 22.28 ? 1194 ALA A O   1 
ATOM   682 C  CB  . ALA A 1 88  ? 1.999   9.876   9.393   1.00 22.14 ? 1194 ALA A CB  1 
ATOM   683 N  N   . LEU A 1 89  ? 3.138   9.673   6.206   1.00 15.52 ? 1195 LEU A N   1 
ATOM   684 C  CA  . LEU A 1 89  ? 3.364   8.798   5.029   1.00 14.77 ? 1195 LEU A CA  1 
ATOM   685 C  C   . LEU A 1 89  ? 4.634   9.195   4.276   1.00 16.08 ? 1195 LEU A C   1 
ATOM   686 O  O   . LEU A 1 89  ? 4.993   8.479   3.320   1.00 14.32 ? 1195 LEU A O   1 
ATOM   687 C  CB  . LEU A 1 89  ? 2.172   8.847   4.069   1.00 13.43 ? 1195 LEU A CB  1 
ATOM   688 C  CG  . LEU A 1 89  ? 0.838   8.433   4.649   1.00 12.66 ? 1195 LEU A CG  1 
ATOM   689 C  CD1 . LEU A 1 89  ? -0.282  8.579   3.630   1.00 12.01 ? 1195 LEU A CD1 1 
ATOM   690 C  CD2 . LEU A 1 89  ? 0.875   7.046   5.213   1.00 15.19 ? 1195 LEU A CD2 1 
ATOM   691 N  N   . LEU A 1 90  ? 5.286   10.319  4.606   1.00 15.94 ? 1196 LEU A N   1 
ATOM   692 C  CA  . LEU A 1 90  ? 6.450   10.760  3.816   1.00 15.59 ? 1196 LEU A CA  1 
ATOM   693 C  C   . LEU A 1 90  ? 7.567   9.710   3.892   1.00 15.61 ? 1196 LEU A C   1 
ATOM   694 O  O   . LEU A 1 90  ? 8.193   9.489   2.835   1.00 12.89 ? 1196 LEU A O   1 
ATOM   695 C  CB  . LEU A 1 90  ? 6.914   12.181  4.207   1.00 17.77 ? 1196 LEU A CB  1 
ATOM   696 C  CG  . LEU A 1 90  ? 6.039   13.332  3.681   1.00 18.30 ? 1196 LEU A CG  1 
ATOM   697 C  CD1 . LEU A 1 90  ? 6.417   14.682  4.288   1.00 19.77 ? 1196 LEU A CD1 1 
ATOM   698 C  CD2 . LEU A 1 90  ? 6.093   13.423  2.175   1.00 17.33 ? 1196 LEU A CD2 1 
ATOM   699 N  N   . ASP A 1 91  ? 7.873   9.115   5.046   1.00 15.46 ? 1197 ASP A N   1 
ATOM   700 C  CA  . ASP A 1 91  ? 9.042   8.205   5.126   1.00 17.49 ? 1197 ASP A CA  1 
ATOM   701 C  C   . ASP A 1 91  ? 8.827   7.020   4.178   1.00 16.11 ? 1197 ASP A C   1 
ATOM   702 O  O   . ASP A 1 91  ? 9.750   6.693   3.430   1.00 16.27 ? 1197 ASP A O   1 
ATOM   703 C  CB  . ASP A 1 91  ? 9.348   7.708   6.535   1.00 20.56 ? 1197 ASP A CB  1 
ATOM   704 C  CG  . ASP A 1 91  ? 9.925   8.780   7.456   1.00 23.81 ? 1197 ASP A CG  1 
ATOM   705 O  OD1 . ASP A 1 91  ? 10.469  9.803   6.952   1.00 24.36 ? 1197 ASP A OD1 1 
ATOM   706 O  OD2 . ASP A 1 91  ? 9.842   8.566   8.683   1.00 31.99 ? 1197 ASP A OD2 1 
ATOM   707 N  N   . VAL A 1 92  ? 7.641   6.416   4.193   1.00 14.76 ? 1198 VAL A N   1 
ATOM   708 C  CA  . VAL A 1 92  ? 7.409   5.201   3.370   1.00 15.09 ? 1198 VAL A CA  1 
ATOM   709 C  C   . VAL A 1 92  ? 7.385   5.634   1.895   1.00 12.40 ? 1198 VAL A C   1 
ATOM   710 O  O   . VAL A 1 92  ? 7.898   4.904   1.049   1.00 12.61 ? 1198 VAL A O   1 
ATOM   711 C  CB  . VAL A 1 92  ? 6.167   4.425   3.817   1.00 16.58 ? 1198 VAL A CB  1 
ATOM   712 C  CG1 . VAL A 1 92  ? 4.867   5.156   3.547   1.00 16.54 ? 1198 VAL A CG1 1 
ATOM   713 C  CG2 . VAL A 1 92  ? 6.116   3.050   3.194   1.00 17.41 ? 1198 VAL A CG2 1 
ATOM   714 N  N   . LYS A 1 93  ? 6.825   6.791   1.550   1.00 11.13 ? 1199 LYS A N   1 
ATOM   715 C  CA  . LYS A 1 93  ? 6.801   7.203   0.134   1.00 10.63 ? 1199 LYS A CA  1 
ATOM   716 C  C   . LYS A 1 93  ? 8.224   7.452   -0.337  1.00 10.97 ? 1199 LYS A C   1 
ATOM   717 O  O   . LYS A 1 93  ? 8.555   7.133   -1.476  1.00 10.53 ? 1199 LYS A O   1 
ATOM   718 C  CB  . LYS A 1 93  ? 5.942   8.455   -0.050  1.00 10.13 ? 1199 LYS A CB  1 
ATOM   719 C  CG  . LYS A 1 93  ? 4.444   8.141   -0.002  1.00 10.02 ? 1199 LYS A CG  1 
ATOM   720 C  CD  . LYS A 1 93  ? 3.546   9.299   -0.273  1.00 10.15 ? 1199 LYS A CD  1 
ATOM   721 C  CE  . LYS A 1 93  ? 2.068   8.989   -0.240  1.00 10.70 ? 1199 LYS A CE  1 
ATOM   722 N  NZ  . LYS A 1 93  ? 1.279   10.099  -0.835  1.00 11.15 ? 1199 LYS A NZ  1 
ATOM   723 N  N   . ASN A 1 94  ? 9.009   8.072   0.517   1.00 11.39 ? 1200 ASN A N   1 
ATOM   724 C  CA  . ASN A 1 94  ? 10.400  8.421   0.174   1.00 11.74 ? 1200 ASN A CA  1 
ATOM   725 C  C   . ASN A 1 94  ? 11.210  7.150   -0.050  1.00 11.61 ? 1200 ASN A C   1 
ATOM   726 O  O   . ASN A 1 94  ? 11.970  7.129   -1.061  1.00 12.36 ? 1200 ASN A O   1 
ATOM   727 C  CB  . ASN A 1 94  ? 11.024  9.328   1.239   1.00 12.99 ? 1200 ASN A CB  1 
ATOM   728 C  CG  . ASN A 1 94  ? 10.487  10.743  1.262   1.00 15.62 ? 1200 ASN A CG  1 
ATOM   729 O  OD1 . ASN A 1 94  ? 9.857   11.236  0.324   1.00 17.64 ? 1200 ASN A OD1 1 
ATOM   730 N  ND2 . ASN A 1 94  ? 10.715  11.403  2.387   1.00 18.00 ? 1200 ASN A ND2 1 
ATOM   731 N  N   . ILE A 1 95  ? 11.027  6.135   0.780   1.00 11.33 ? 1201 ILE A N   1 
ATOM   732 C  CA  . ILE A 1 95  ? 11.748  4.842   0.635   1.00 12.90 ? 1201 ILE A CA  1 
ATOM   733 C  C   . ILE A 1 95  ? 11.275  4.175   -0.662  1.00 11.54 ? 1201 ILE A C   1 
ATOM   734 O  O   . ILE A 1 95  ? 12.095  3.716   -1.464  1.00 12.93 ? 1201 ILE A O   1 
ATOM   735 C  CB  . ILE A 1 95  ? 11.537  3.961   1.884   1.00 15.16 ? 1201 ILE A CB  1 
ATOM   736 C  CG1 . ILE A 1 95  ? 12.288  4.491   3.103   1.00 20.12 ? 1201 ILE A CG1 1 
ATOM   737 C  CG2 . ILE A 1 95  ? 11.914  2.520   1.614   1.00 17.00 ? 1201 ILE A CG2 1 
ATOM   738 C  CD1 . ILE A 1 95  ? 13.778  4.543   2.925   1.00 23.77 ? 1201 ILE A CD1 1 
ATOM   739 N  N   . ALA A 1 96  ? 9.988   4.182   -0.946  1.00 11.26 ? 1202 ALA A N   1 
ATOM   740 C  CA  . ALA A 1 96  ? 9.497   3.596   -2.213  1.00 10.23 ? 1202 ALA A CA  1 
ATOM   741 C  C   . ALA A 1 96  ? 10.053  4.340   -3.408  1.00 10.84 ? 1202 ALA A C   1 
ATOM   742 O  O   . ALA A 1 96  ? 10.457  3.720   -4.376  1.00 11.51 ? 1202 ALA A O   1 
ATOM   743 C  CB  . ALA A 1 96  ? 8.001   3.597   -2.205  1.00 9.39  ? 1202 ALA A CB  1 
ATOM   744 N  N   . HIS A 1 97  ? 10.056  5.670   -3.361  1.00 10.79 ? 1203 HIS A N   1 
ATOM   745 C  CA  . HIS A 1 97  ? 10.519  6.507   -4.500  1.00 12.55 ? 1203 HIS A CA  1 
ATOM   746 C  C   . HIS A 1 97  ? 12.009  6.206   -4.752  1.00 13.55 ? 1203 HIS A C   1 
ATOM   747 O  O   . HIS A 1 97  ? 12.403  6.028   -5.937  1.00 12.85 ? 1203 HIS A O   1 
ATOM   748 C  CB  . HIS A 1 97  ? 10.290  8.001   -4.229  1.00 13.18 ? 1203 HIS A CB  1 
ATOM   749 C  CG  . HIS A 1 97  ? 10.723  8.817   -5.391  1.00 15.54 ? 1203 HIS A CG  1 
ATOM   750 N  ND1 . HIS A 1 97  ? 12.027  9.251   -5.549  1.00 18.71 ? 1203 HIS A ND1 1 
ATOM   751 C  CD2 . HIS A 1 97  ? 10.027  9.261   -6.452  1.00 17.50 ? 1203 HIS A CD2 1 
ATOM   752 C  CE1 . HIS A 1 97  ? 12.127  9.873   -6.692  1.00 17.70 ? 1203 HIS A CE1 1 
ATOM   753 N  NE2 . HIS A 1 97  ? 10.919  9.949   -7.251  1.00 18.33 ? 1203 HIS A NE2 1 
ATOM   754 N  N   . GLN A 1 98  ? 12.795  6.089   -3.690  1.00 13.11 ? 1204 GLN A N   1 
ATOM   755 C  CA  . GLN A 1 98  ? 14.245  5.808   -3.845  1.00 14.47 ? 1204 GLN A CA  1 
ATOM   756 C  C   . GLN A 1 98  ? 14.390  4.417   -4.501  1.00 14.55 ? 1204 GLN A C   1 
ATOM   757 O  O   . GLN A 1 98  ? 15.296  4.218   -5.323  1.00 15.18 ? 1204 GLN A O   1 
ATOM   758 C  CB  . GLN A 1 98  ? 14.958  5.886   -2.508  1.00 16.80 ? 1204 GLN A CB  1 
ATOM   759 C  CG  . GLN A 1 98  ? 16.468  5.829   -2.619  1.00 19.57 ? 1204 GLN A CG  1 
ATOM   760 N  N   . ASN A 1 99  ? 13.560  3.444   -4.125  1.00 14.21 ? 1205 ASN A N   1 
ATOM   761 C  CA  . ASN A 1 99  ? 13.722  2.069   -4.668  1.00 13.37 ? 1205 ASN A CA  1 
ATOM   762 C  C   . ASN A 1 99  ? 13.280  2.059   -6.131  1.00 13.21 ? 1205 ASN A C   1 
ATOM   763 O  O   . ASN A 1 99  ? 13.917  1.339   -6.988  1.00 12.98 ? 1205 ASN A O   1 
ATOM   764 C  CB  . ASN A 1 99  ? 12.970  1.044   -3.819  1.00 13.12 ? 1205 ASN A CB  1 
ATOM   765 C  CG  . ASN A 1 99  ? 13.171  -0.379  -4.314  1.00 15.75 ? 1205 ASN A CG  1 
ATOM   766 O  OD1 . ASN A 1 99  ? 12.261  -1.014  -4.858  1.00 16.34 ? 1205 ASN A OD1 1 
ATOM   767 N  ND2 . ASN A 1 99  ? 14.383  -0.887  -4.153  1.00 16.74 ? 1205 ASN A ND2 1 
ATOM   768 N  N   . LYS A 1 100 ? 12.233  2.813   -6.459  1.00 11.87 ? 1206 LYS A N   1 
ATOM   769 C  CA  . LYS A 1 100 ? 11.652  2.824   -7.816  1.00 11.88 ? 1206 LYS A CA  1 
ATOM   770 C  C   . LYS A 1 100 ? 12.567  3.567   -8.775  1.00 12.82 ? 1206 LYS A C   1 
ATOM   771 O  O   . LYS A 1 100 ? 12.716  3.109   -9.922  1.00 12.74 ? 1206 LYS A O   1 
ATOM   772 C  CB  . LYS A 1 100 ? 10.272  3.457   -7.813  1.00 11.38 ? 1206 LYS A CB  1 
ATOM   773 C  CG  . LYS A 1 100 ? 9.471   3.358   -9.092  1.00 11.20 ? 1206 LYS A CG  1 
ATOM   774 C  CD  . LYS A 1 100 ? 8.003   3.705   -8.953  1.00 11.76 ? 1206 LYS A CD  1 
ATOM   775 C  CE  . LYS A 1 100 ? 7.204   3.581   -10.240 1.00 12.22 ? 1206 LYS A CE  1 
ATOM   776 N  NZ  . LYS A 1 100 ? 6.808   2.179   -10.551 1.00 14.28 ? 1206 LYS A NZ  1 
ATOM   777 N  N   . PHE A 1 101 ? 13.114  4.724   -8.360  1.00 15.99 ? 1207 PHE A N   1 
ATOM   778 C  CA  . PHE A 1 101 ? 13.800  5.691   -9.271  1.00 17.36 ? 1207 PHE A CA  1 
ATOM   779 C  C   . PHE A 1 101 ? 15.246  5.942   -8.831  1.00 23.67 ? 1207 PHE A C   1 
ATOM   780 O  O   . PHE A 1 101 ? 15.891  5.208   -8.065  1.00 27.48 ? 1207 PHE A O   1 
ATOM   781 C  CB  . PHE A 1 101 ? 13.067  7.038   -9.292  1.00 18.80 ? 1207 PHE A CB  1 
ATOM   782 C  CG  . PHE A 1 101 ? 11.631  7.028   -9.728  1.00 17.01 ? 1207 PHE A CG  1 
ATOM   783 C  CD1 . PHE A 1 101 ? 11.285  6.867   -11.064 1.00 18.80 ? 1207 PHE A CD1 1 
ATOM   784 C  CD2 . PHE A 1 101 ? 10.608  7.094   -8.795  1.00 18.30 ? 1207 PHE A CD2 1 
ATOM   785 C  CE1 . PHE A 1 101 ? 9.949   6.807   -11.443 1.00 17.40 ? 1207 PHE A CE1 1 
ATOM   786 C  CE2 . PHE A 1 101 ? 9.277   7.073   -9.182  1.00 18.52 ? 1207 PHE A CE2 1 
ATOM   787 C  CZ  . PHE A 1 101 ? 8.947   6.930   -10.510 1.00 19.81 ? 1207 PHE A CZ  1 
HETATM 788 ZN ZN  . ZN  B 2 .   ? -2.066  -5.666  5.657   1.00 8.79  ? 1301 ZN  A ZN  1 
HETATM 789 ZN ZN  . ZN  C 2 .   ? -2.885  -10.823 -7.303  1.00 9.45  ? 1302 ZN  A ZN  1 
HETATM 790 ZN ZN  . ZN  D 2 .   ? -9.114  6.291   6.481   1.00 10.15 ? 1303 ZN  A ZN  1 
HETATM 791 C  C10 . ZU6 E 3 .   ? -13.311 0.912   -4.826  1.00 18.98 ? 1304 ZU6 A C10 1 
HETATM 792 C  C11 . ZU6 E 3 .   ? -12.497 1.921   -5.295  1.00 19.70 ? 1304 ZU6 A C11 1 
HETATM 793 C  C13 . ZU6 E 3 .   ? -10.227 2.797   -5.702  1.00 16.13 ? 1304 ZU6 A C13 1 
HETATM 794 O  O3  . ZU6 E 3 .   ? -8.048  2.235   -8.065  1.00 12.73 ? 1304 ZU6 A O3  1 
HETATM 795 C  C1  . ZU6 E 3 .   ? -7.509  3.172   -7.478  1.00 12.35 ? 1304 ZU6 A C1  1 
HETATM 796 N  N   . ZU6 E 3 .   ? -6.536  3.885   -8.032  1.00 12.61 ? 1304 ZU6 A N   1 
HETATM 797 C  C   . ZU6 E 3 .   ? -6.164  3.725   -9.432  1.00 12.82 ? 1304 ZU6 A C   1 
HETATM 798 C  C2  . ZU6 E 3 .   ? -7.917  3.502   -6.050  1.00 12.60 ? 1304 ZU6 A C2  1 
HETATM 799 N  N1  . ZU6 E 3 .   ? -8.864  2.536   -5.528  1.00 12.37 ? 1304 ZU6 A N1  1 
HETATM 800 O  O2  . ZU6 E 3 .   ? -10.590 3.753   -6.380  1.00 18.29 ? 1304 ZU6 A O2  1 
HETATM 801 C  C12 . ZU6 E 3 .   ? -11.111 1.808   -5.147  1.00 16.84 ? 1304 ZU6 A C12 1 
HETATM 802 C  C9  . ZU6 E 3 .   ? -12.776 -0.194  -4.198  1.00 20.41 ? 1304 ZU6 A C9  1 
HETATM 803 C  C8  . ZU6 E 3 .   ? -11.412 -0.321  -4.058  1.00 17.00 ? 1304 ZU6 A C8  1 
HETATM 804 C  C7  . ZU6 E 3 .   ? -10.567 0.679   -4.523  1.00 14.84 ? 1304 ZU6 A C7  1 
HETATM 805 N  N2  . ZU6 E 3 .   ? -9.194  0.495   -4.384  1.00 11.84 ? 1304 ZU6 A N2  1 
HETATM 806 C  C3  . ZU6 E 3 .   ? -8.407  1.379   -4.889  1.00 12.37 ? 1304 ZU6 A C3  1 
HETATM 807 C  C4  . ZU6 E 3 .   ? -6.932  1.187   -4.754  1.00 10.09 ? 1304 ZU6 A C4  1 
HETATM 808 C  C5  . ZU6 E 3 .   ? -6.526  -0.139  -4.149  1.00 9.84  ? 1304 ZU6 A C5  1 
HETATM 809 C  C6  . ZU6 E 3 .   ? -6.907  -1.336  -4.976  1.00 10.33 ? 1304 ZU6 A C6  1 
HETATM 810 O  O1  . ZU6 E 3 .   ? -6.902  -1.289  -6.204  1.00 11.56 ? 1304 ZU6 A O1  1 
HETATM 811 O  O   . ZU6 E 3 .   ? -7.176  -2.393  -4.298  1.00 9.65  ? 1304 ZU6 A O   1 
HETATM 812 O  O   . HOH F 4 .   ? 16.940  -3.943  1.371   1.00 26.78 ? 1401 HOH A O   1 
HETATM 813 O  O   . HOH F 4 .   ? -2.934  5.045   -7.207  1.00 20.43 ? 1402 HOH A O   1 
HETATM 814 O  O   . HOH F 4 .   ? -9.348  -11.260 -12.049 1.00 28.53 ? 1403 HOH A O   1 
HETATM 815 O  O   . HOH F 4 .   ? 9.664   -4.895  3.267   1.00 28.45 ? 1404 HOH A O   1 
HETATM 816 O  O   . HOH F 4 .   ? 5.808   -12.896 -11.478 1.00 16.60 ? 1405 HOH A O   1 
HETATM 817 O  O   . HOH F 4 .   ? 7.092   -8.490  -10.062 1.00 23.88 ? 1406 HOH A O   1 
HETATM 818 O  O   . HOH F 4 .   ? -14.582 2.362   -2.150  1.00 35.50 ? 1407 HOH A O   1 
HETATM 819 O  O   . HOH F 4 .   ? 4.166   6.904   10.026  1.00 34.34 ? 1408 HOH A O   1 
HETATM 820 O  O   . HOH F 4 .   ? -6.148  0.130   -8.289  1.00 11.76 ? 1409 HOH A O   1 
HETATM 821 O  O   . HOH F 4 .   ? 18.313  -2.173  7.160   1.00 21.92 ? 1410 HOH A O   1 
HETATM 822 O  O   . HOH F 4 .   ? 0.881   5.477   12.418  1.00 30.18 ? 1411 HOH A O   1 
HETATM 823 O  O   . HOH F 4 .   ? -12.393 9.132   -3.454  1.00 30.41 ? 1412 HOH A O   1 
HETATM 824 O  O   . HOH F 4 .   ? 1.512   10.170  -5.802  1.00 24.55 ? 1413 HOH A O   1 
HETATM 825 O  O   . HOH F 4 .   ? -7.045  -4.979  -5.023  1.00 8.72  ? 1414 HOH A O   1 
HETATM 826 O  O   . HOH F 4 .   ? -14.175 -2.313  4.781   1.00 18.95 ? 1415 HOH A O   1 
HETATM 827 O  O   . HOH F 4 .   ? 5.310   -4.609  -7.860  1.00 12.87 ? 1416 HOH A O   1 
HETATM 828 O  O   . HOH F 4 .   ? -1.509  9.659   -1.260  1.00 9.72  ? 1417 HOH A O   1 
HETATM 829 O  O   . HOH F 4 .   ? 4.580   -10.681 -2.455  1.00 12.17 ? 1418 HOH A O   1 
HETATM 830 O  O   . HOH F 4 .   ? -12.678 -6.373  0.544   1.00 20.36 ? 1419 HOH A O   1 
HETATM 831 O  O   . HOH F 4 .   ? 13.162  -0.814  -8.465  1.00 13.20 ? 1420 HOH A O   1 
HETATM 832 O  O   . HOH F 4 .   ? -2.323  5.449   -10.574 1.00 20.22 ? 1421 HOH A O   1 
HETATM 833 O  O   . HOH F 4 .   ? 1.432   11.071  -3.375  1.00 17.09 ? 1422 HOH A O   1 
HETATM 834 O  O   . HOH F 4 .   ? -11.014 -8.540  -4.599  1.00 21.66 ? 1423 HOH A O   1 
HETATM 835 O  O   . HOH F 4 .   ? -7.235  -13.812 -13.202 1.00 35.50 ? 1424 HOH A O   1 
HETATM 836 O  O   . HOH F 4 .   ? 7.895   -4.525  -0.917  1.00 11.22 ? 1425 HOH A O   1 
HETATM 837 O  O   . HOH F 4 .   ? -8.172  17.803  0.215   1.00 25.99 ? 1426 HOH A O   1 
HETATM 838 O  O   . HOH F 4 .   ? -16.358 5.986   3.518   1.00 29.44 ? 1427 HOH A O   1 
HETATM 839 O  O   . HOH F 4 .   ? -2.730  0.127   6.575   1.00 10.30 ? 1428 HOH A O   1 
HETATM 840 O  O   . HOH F 4 .   ? 14.230  -3.426  -1.903  1.00 27.43 ? 1429 HOH A O   1 
HETATM 841 O  O   . HOH F 4 .   ? 7.074   -2.317  -10.229 1.00 14.40 ? 1430 HOH A O   1 
HETATM 842 O  O   . HOH F 4 .   ? -7.753  -8.238  11.832  1.00 24.20 ? 1431 HOH A O   1 
HETATM 843 O  O   . HOH F 4 .   ? 14.943  2.750   -11.526 1.00 17.46 ? 1432 HOH A O   1 
HETATM 844 O  O   . HOH F 4 .   ? 0.005   -1.174  -14.728 1.00 17.36 ? 1433 HOH A O   1 
HETATM 845 O  O   . HOH F 4 .   ? 8.556   0.025   -10.671 1.00 13.17 ? 1434 HOH A O   1 
HETATM 846 O  O   . HOH F 4 .   ? 6.422   -8.311  1.763   1.00 27.81 ? 1435 HOH A O   1 
HETATM 847 O  O   . HOH F 4 .   ? 14.549  2.574   -0.814  1.00 20.75 ? 1436 HOH A O   1 
HETATM 848 O  O   . HOH F 4 .   ? -7.141  8.114   14.432  1.00 24.98 ? 1437 HOH A O   1 
HETATM 849 O  O   . HOH F 4 .   ? -3.606  0.782   -9.188  1.00 12.47 ? 1438 HOH A O   1 
HETATM 850 O  O   . HOH F 4 .   ? -1.577  -16.862 -10.662 1.00 29.22 ? 1439 HOH A O   1 
HETATM 851 O  O   . HOH F 4 .   ? -7.554  -7.885  -15.045 1.00 28.07 ? 1440 HOH A O   1 
HETATM 852 O  O   . HOH F 4 .   ? 3.656   -9.377  7.052   1.00 17.75 ? 1441 HOH A O   1 
HETATM 853 O  O   . HOH F 4 .   ? -7.581  -4.410  11.164  1.00 17.72 ? 1442 HOH A O   1 
HETATM 854 O  O   . HOH F 4 .   ? 12.117  10.132  4.699   1.00 25.73 ? 1443 HOH A O   1 
HETATM 855 O  O   . HOH F 4 .   ? -13.026 5.144   -6.176  1.00 27.21 ? 1444 HOH A O   1 
HETATM 856 O  O   . HOH F 4 .   ? 4.459   3.583   12.404  1.00 25.64 ? 1445 HOH A O   1 
HETATM 857 O  O   . HOH F 4 .   ? -3.524  -6.520  12.311  1.00 31.11 ? 1446 HOH A O   1 
HETATM 858 O  O   . HOH F 4 .   ? -5.246  -3.542  3.305   1.00 23.18 ? 1447 HOH A O   1 
HETATM 859 O  O   . HOH F 4 .   ? -10.623 -6.423  -12.410 1.00 21.64 ? 1448 HOH A O   1 
HETATM 860 O  O   . HOH F 4 .   ? 7.233   -4.885  1.713   1.00 15.27 ? 1449 HOH A O   1 
HETATM 861 O  O   . HOH F 4 .   ? 1.729   -12.558 0.855   1.00 22.27 ? 1450 HOH A O   1 
HETATM 862 O  O   . HOH F 4 .   ? -5.522  -1.947  -10.058 1.00 10.08 ? 1451 HOH A O   1 
HETATM 863 O  O   . HOH F 4 .   ? 13.565  0.889   5.485   1.00 31.56 ? 1452 HOH A O   1 
HETATM 864 O  O   . HOH F 4 .   ? -2.186  3.091   -8.882  1.00 13.55 ? 1453 HOH A O   1 
HETATM 865 O  O   . HOH F 4 .   ? 5.145   2.757   -12.796 1.00 27.08 ? 1454 HOH A O   1 
HETATM 866 O  O   . HOH F 4 .   ? -5.202  8.639   12.328  1.00 16.12 ? 1455 HOH A O   1 
HETATM 867 O  O   . HOH F 4 .   ? 9.690   12.555  6.859   1.00 25.34 ? 1456 HOH A O   1 
HETATM 868 O  O   . HOH F 4 .   ? 3.529   -3.722  -9.693  1.00 12.69 ? 1457 HOH A O   1 
HETATM 869 O  O   . HOH F 4 .   ? 5.884   6.592   6.547   1.00 18.96 ? 1458 HOH A O   1 
HETATM 870 O  O   . HOH F 4 .   ? -6.597  -10.310 -14.496 1.00 29.27 ? 1459 HOH A O   1 
HETATM 871 O  O   . HOH F 4 .   ? 6.673   -5.025  -10.966 1.00 15.43 ? 1460 HOH A O   1 
HETATM 872 O  O   . HOH F 4 .   ? -8.488  3.730   12.924  1.00 15.35 ? 1461 HOH A O   1 
HETATM 873 O  O   . HOH F 4 .   ? 12.190  -1.193  11.273  1.00 27.71 ? 1462 HOH A O   1 
HETATM 874 O  O   . HOH F 4 .   ? 2.104   -2.269  -13.370 1.00 19.33 ? 1463 HOH A O   1 
HETATM 875 O  O   . HOH F 4 .   ? 6.904   9.929   7.691   1.00 27.39 ? 1464 HOH A O   1 
HETATM 876 O  O   . HOH F 4 .   ? 11.135  -8.339  -7.210  1.00 26.14 ? 1465 HOH A O   1 
HETATM 877 O  O   . HOH F 4 .   ? 12.690  -3.707  10.828  1.00 23.18 ? 1466 HOH A O   1 
HETATM 878 O  O   . HOH F 4 .   ? -9.803  -13.944 1.459   1.00 31.48 ? 1467 HOH A O   1 
HETATM 879 O  O   . HOH F 4 .   ? 14.150  -0.021  0.295   1.00 27.25 ? 1468 HOH A O   1 
HETATM 880 O  O   . HOH F 4 .   ? 3.511   -10.292 0.202   1.00 13.49 ? 1469 HOH A O   1 
HETATM 881 O  O   . HOH F 4 .   ? 12.661  9.819   -2.296  1.00 24.66 ? 1470 HOH A O   1 
HETATM 882 O  O   . HOH F 4 .   ? -12.330 1.631   -0.892  1.00 16.49 ? 1471 HOH A O   1 
HETATM 883 O  O   . HOH F 4 .   ? 16.039  -2.274  -0.105  1.00 38.04 ? 1472 HOH A O   1 
HETATM 884 O  O   . HOH F 4 .   ? 16.332  0.994   -2.620  1.00 27.77 ? 1473 HOH A O   1 
HETATM 885 O  O   . HOH F 4 .   ? 2.795   -10.999 -14.383 1.00 16.11 ? 1474 HOH A O   1 
HETATM 886 O  O   . HOH F 4 .   ? -9.675  10.571  -3.481  1.00 18.77 ? 1475 HOH A O   1 
HETATM 887 O  O   . HOH F 4 .   ? 9.025   3.998   9.953   1.00 27.10 ? 1476 HOH A O   1 
HETATM 888 O  O   . HOH F 4 .   ? 5.001   -0.777  -10.485 1.00 23.54 ? 1477 HOH A O   1 
HETATM 889 O  O   . HOH F 4 .   ? 10.084  13.918  4.473   1.00 21.21 ? 1478 HOH A O   1 
HETATM 890 O  O   . HOH F 4 .   ? 15.070  -4.251  -4.164  1.00 31.21 ? 1479 HOH A O   1 
HETATM 891 O  O   . HOH F 4 .   ? -15.208 4.369   7.400   1.00 25.59 ? 1480 HOH A O   1 
HETATM 892 O  O   . HOH F 4 .   ? -6.002  -14.872 -9.441  1.00 21.45 ? 1481 HOH A O   1 
HETATM 893 O  O   . HOH F 4 .   ? 5.399   -10.703 1.977   1.00 29.32 ? 1482 HOH A O   1 
HETATM 894 O  O   . HOH F 4 .   ? 15.070  -4.715  -8.162  1.00 20.72 ? 1483 HOH A O   1 
HETATM 895 O  O   . HOH F 4 .   ? 15.282  0.830   3.195   1.00 36.57 ? 1484 HOH A O   1 
HETATM 896 O  O   . HOH F 4 .   ? -0.943  6.301   -12.742 1.00 26.00 ? 1485 HOH A O   1 
HETATM 897 O  O   . HOH F 4 .   ? -13.925 6.711   7.365   1.00 20.27 ? 1486 HOH A O   1 
HETATM 898 O  O   . HOH F 4 .   ? 5.640   -13.065 -2.982  1.00 26.24 ? 1487 HOH A O   1 
HETATM 899 O  O   . HOH F 4 .   ? -14.369 -5.986  2.615   1.00 25.17 ? 1488 HOH A O   1 
HETATM 900 O  O   . HOH F 4 .   ? -8.304  -7.220  -17.857 1.00 9.39  ? 1489 HOH A O   1 
# 
loop_
_pdbx_poly_seq_scheme.asym_id 
_pdbx_poly_seq_scheme.entity_id 
_pdbx_poly_seq_scheme.seq_id 
_pdbx_poly_seq_scheme.mon_id 
_pdbx_poly_seq_scheme.ndb_seq_num 
_pdbx_poly_seq_scheme.pdb_seq_num 
_pdbx_poly_seq_scheme.auth_seq_num 
_pdbx_poly_seq_scheme.pdb_mon_id 
_pdbx_poly_seq_scheme.auth_mon_id 
_pdbx_poly_seq_scheme.pdb_strand_id 
_pdbx_poly_seq_scheme.pdb_ins_code 
_pdbx_poly_seq_scheme.hetero 
A 1 1   GLY 1   1107 ?    ?   ?   A . n 
A 1 2   SER 2   1108 ?    ?   ?   A . n 
A 1 3   PRO 3   1109 1109 PRO PRO A . n 
A 1 4   LEU 4   1110 1110 LEU LEU A . n 
A 1 5   PRO 5   1111 1111 PRO PRO A . n 
A 1 6   TRP 6   1112 1112 TRP TRP A . n 
A 1 7   CYS 7   1113 1113 CYS CYS A . n 
A 1 8   PRO 8   1114 1114 PRO PRO A . n 
A 1 9   HIS 9   1115 1115 HIS HIS A . n 
A 1 10  LEU 10  1116 1116 LEU LEU A . n 
A 1 11  VAL 11  1117 1117 VAL VAL A . n 
A 1 12  ALA 12  1118 1118 ALA ALA A . n 
A 1 13  VAL 13  1119 1119 VAL VAL A . n 
A 1 14  CYS 14  1120 1120 CYS CYS A . n 
A 1 15  PRO 15  1121 1121 PRO PRO A . n 
A 1 16  ILE 16  1122 1122 ILE ILE A . n 
A 1 17  PRO 17  1123 1123 PRO PRO A . n 
A 1 18  ALA 18  1124 1124 ALA ALA A . n 
A 1 19  ALA 19  1125 1125 ALA ALA A . n 
A 1 20  GLY 20  1126 1126 GLY GLY A . n 
A 1 21  LEU 21  1127 1127 LEU LEU A . n 
A 1 22  ASP 22  1128 1128 ASP ASP A . n 
A 1 23  VAL 23  1129 1129 VAL VAL A . n 
A 1 24  THR 24  1130 1130 THR THR A . n 
A 1 25  GLN 25  1131 1131 GLN GLN A . n 
A 1 26  PRO 26  1132 1132 PRO PRO A . n 
A 1 27  CYS 27  1133 1133 CYS CYS A . n 
A 1 28  GLY 28  1134 1134 GLY GLY A . n 
A 1 29  ASP 29  1135 1135 ASP ASP A . n 
A 1 30  CYS 30  1136 1136 CYS CYS A . n 
A 1 31  GLY 31  1137 1137 GLY GLY A . n 
A 1 32  THR 32  1138 1138 THR THR A . n 
A 1 33  ILE 33  1139 1139 ILE ILE A . n 
A 1 34  GLN 34  1140 1140 GLN GLN A . n 
A 1 35  GLU 35  1141 1141 GLU GLU A . n 
A 1 36  ASN 36  1142 1142 ASN ASN A . n 
A 1 37  TRP 37  1143 1143 TRP TRP A . n 
A 1 38  VAL 38  1144 1144 VAL VAL A . n 
A 1 39  CYS 39  1145 1145 CYS CYS A . n 
A 1 40  LEU 40  1146 1146 LEU LEU A . n 
A 1 41  SER 41  1147 1147 SER SER A . n 
A 1 42  CYS 42  1148 1148 CYS CYS A . n 
A 1 43  TYR 43  1149 1149 TYR TYR A . n 
A 1 44  GLN 44  1150 1150 GLN GLN A . n 
A 1 45  VAL 45  1151 1151 VAL VAL A . n 
A 1 46  TYR 46  1152 1152 TYR TYR A . n 
A 1 47  CYS 47  1153 1153 CYS CYS A . n 
A 1 48  GLY 48  1154 1154 GLY GLY A . n 
A 1 49  ARG 49  1155 1155 ARG ARG A . n 
A 1 50  TYR 50  1156 1156 TYR TYR A . n 
A 1 51  ILE 51  1157 1157 ILE ILE A . n 
A 1 52  ASN 52  1158 1158 ASN ASN A . n 
A 1 53  GLY 53  1159 1159 GLY GLY A . n 
A 1 54  HIS 54  1160 1160 HIS HIS A . n 
A 1 55  MET 55  1161 1161 MET MET A . n 
A 1 56  LEU 56  1162 1162 LEU LEU A . n 
A 1 57  GLN 57  1163 1163 GLN GLN A . n 
A 1 58  HIS 58  1164 1164 HIS HIS A . n 
A 1 59  HIS 59  1165 1165 HIS HIS A . n 
A 1 60  GLY 60  1166 1166 GLY GLY A . n 
A 1 61  ASN 61  1167 1167 ASN ASN A . n 
A 1 62  SER 62  1168 1168 SER SER A . n 
A 1 63  GLY 63  1169 1169 GLY GLY A . n 
A 1 64  HIS 64  1170 1170 HIS HIS A . n 
A 1 65  PRO 65  1171 1171 PRO PRO A . n 
A 1 66  LEU 66  1172 1172 LEU LEU A . n 
A 1 67  VAL 67  1173 1173 VAL VAL A . n 
A 1 68  LEU 68  1174 1174 LEU LEU A . n 
A 1 69  SER 69  1175 1175 SER SER A . n 
A 1 70  TYR 70  1176 1176 TYR TYR A . n 
A 1 71  ILE 71  1177 1177 ILE ILE A . n 
A 1 72  ASP 72  1178 1178 ASP ASP A . n 
A 1 73  LEU 73  1179 1179 LEU LEU A . n 
A 1 74  SER 74  1180 1180 SER SER A . n 
A 1 75  ALA 75  1181 1181 ALA ALA A . n 
A 1 76  TRP 76  1182 1182 TRP TRP A . n 
A 1 77  CYS 77  1183 1183 CYS CYS A . n 
A 1 78  TYR 78  1184 1184 TYR TYR A . n 
A 1 79  TYR 79  1185 1185 TYR TYR A . n 
A 1 80  CYS 80  1186 1186 CYS CYS A . n 
A 1 81  GLN 81  1187 1187 GLN GLN A . n 
A 1 82  ALA 82  1188 1188 ALA ALA A . n 
A 1 83  TYR 83  1189 1189 TYR TYR A . n 
A 1 84  VAL 84  1190 1190 VAL VAL A . n 
A 1 85  HIS 85  1191 1191 HIS HIS A . n 
A 1 86  HIS 86  1192 1192 HIS HIS A . n 
A 1 87  GLN 87  1193 1193 GLN GLN A . n 
A 1 88  ALA 88  1194 1194 ALA ALA A . n 
A 1 89  LEU 89  1195 1195 LEU LEU A . n 
A 1 90  LEU 90  1196 1196 LEU LEU A . n 
A 1 91  ASP 91  1197 1197 ASP ASP A . n 
A 1 92  VAL 92  1198 1198 VAL VAL A . n 
A 1 93  LYS 93  1199 1199 LYS LYS A . n 
A 1 94  ASN 94  1200 1200 ASN ASN A . n 
A 1 95  ILE 95  1201 1201 ILE ILE A . n 
A 1 96  ALA 96  1202 1202 ALA ALA A . n 
A 1 97  HIS 97  1203 1203 HIS HIS A . n 
A 1 98  GLN 98  1204 1204 GLN GLN A . n 
A 1 99  ASN 99  1205 1205 ASN ASN A . n 
A 1 100 LYS 100 1206 1206 LYS LYS A . n 
A 1 101 PHE 101 1207 1207 PHE PHE A . n 
A 1 102 GLY 102 1208 ?    ?   ?   A . n 
A 1 103 GLU 103 1209 ?    ?   ?   A . n 
A 1 104 ASP 104 1210 ?    ?   ?   A . n 
A 1 105 MET 105 1211 ?    ?   ?   A . n 
A 1 106 PRO 106 1212 ?    ?   ?   A . n 
A 1 107 HIS 107 1213 ?    ?   ?   A . n 
# 
_pdbx_contact_author.id                 2 
_pdbx_contact_author.email              Cheryl.Arrowsmith@uhnresearch.ca 
_pdbx_contact_author.name_first         Cheryl 
_pdbx_contact_author.name_last          Arrowsmith 
_pdbx_contact_author.name_mi            H 
_pdbx_contact_author.role               'principal investigator/group leader' 
_pdbx_contact_author.identifier_ORCID   0000-0002-4971-3250 
# 
_pdbx_SG_project.id                    1 
_pdbx_SG_project.project_name          ? 
_pdbx_SG_project.full_name_of_center   'Structural Genomics Consortium' 
_pdbx_SG_project.initial_of_center     SGC 
# 
loop_
_pdbx_nonpoly_scheme.asym_id 
_pdbx_nonpoly_scheme.entity_id 
_pdbx_nonpoly_scheme.mon_id 
_pdbx_nonpoly_scheme.ndb_seq_num 
_pdbx_nonpoly_scheme.pdb_seq_num 
_pdbx_nonpoly_scheme.auth_seq_num 
_pdbx_nonpoly_scheme.pdb_mon_id 
_pdbx_nonpoly_scheme.auth_mon_id 
_pdbx_nonpoly_scheme.pdb_strand_id 
_pdbx_nonpoly_scheme.pdb_ins_code 
B 2 ZN  1  1301 1301 ZN  ZN  A . 
C 2 ZN  1  1302 1302 ZN  ZN  A . 
D 2 ZN  1  1303 1303 ZN  ZN  A . 
E 3 ZU6 1  1304 1    ZU6 U77 A . 
F 4 HOH 1  1401 52   HOH HOH A . 
F 4 HOH 2  1402 106  HOH HOH A . 
F 4 HOH 3  1403 89   HOH HOH A . 
F 4 HOH 4  1404 85   HOH HOH A . 
F 4 HOH 5  1405 1410 HOH HOH A . 
F 4 HOH 6  1406 79   HOH HOH A . 
F 4 HOH 7  1407 53   HOH HOH A . 
F 4 HOH 8  1408 47   HOH HOH A . 
F 4 HOH 9  1409 62   HOH HOH A . 
F 4 HOH 10 1410 57   HOH HOH A . 
F 4 HOH 11 1411 49   HOH HOH A . 
F 4 HOH 12 1412 96   HOH HOH A . 
F 4 HOH 13 1413 56   HOH HOH A . 
F 4 HOH 14 1414 1409 HOH HOH A . 
F 4 HOH 15 1415 1413 HOH HOH A . 
F 4 HOH 16 1416 1418 HOH HOH A . 
F 4 HOH 17 1417 38   HOH HOH A . 
F 4 HOH 18 1418 1420 HOH HOH A . 
F 4 HOH 19 1419 1427 HOH HOH A . 
F 4 HOH 20 1420 1428 HOH HOH A . 
F 4 HOH 21 1421 78   HOH HOH A . 
F 4 HOH 22 1422 1434 HOH HOH A . 
F 4 HOH 23 1423 1416 HOH HOH A . 
F 4 HOH 24 1424 88   HOH HOH A . 
F 4 HOH 25 1425 1421 HOH HOH A . 
F 4 HOH 26 1426 1402 HOH HOH A . 
F 4 HOH 27 1427 1429 HOH HOH A . 
F 4 HOH 28 1428 1425 HOH HOH A . 
F 4 HOH 29 1429 93   HOH HOH A . 
F 4 HOH 30 1430 1439 HOH HOH A . 
F 4 HOH 31 1431 99   HOH HOH A . 
F 4 HOH 32 1432 46   HOH HOH A . 
F 4 HOH 33 1433 107  HOH HOH A . 
F 4 HOH 34 1434 1443 HOH HOH A . 
F 4 HOH 35 1435 91   HOH HOH A . 
F 4 HOH 36 1436 1424 HOH HOH A . 
F 4 HOH 37 1437 1455 HOH HOH A . 
F 4 HOH 38 1438 108  HOH HOH A . 
F 4 HOH 39 1439 86   HOH HOH A . 
F 4 HOH 40 1440 51   HOH HOH A . 
F 4 HOH 41 1441 1419 HOH HOH A . 
F 4 HOH 42 1442 1432 HOH HOH A . 
F 4 HOH 43 1443 84   HOH HOH A . 
F 4 HOH 44 1444 100  HOH HOH A . 
F 4 HOH 45 1445 73   HOH HOH A . 
F 4 HOH 46 1446 43   HOH HOH A . 
F 4 HOH 47 1447 44   HOH HOH A . 
F 4 HOH 48 1448 81   HOH HOH A . 
F 4 HOH 49 1449 1447 HOH HOH A . 
F 4 HOH 50 1450 1458 HOH HOH A . 
F 4 HOH 51 1451 1    HOH HOH A . 
F 4 HOH 52 1452 97   HOH HOH A . 
F 4 HOH 53 1453 64   HOH HOH A . 
F 4 HOH 54 1454 1406 HOH HOH A . 
F 4 HOH 55 1455 1437 HOH HOH A . 
F 4 HOH 56 1456 104  HOH HOH A . 
F 4 HOH 57 1457 17   HOH HOH A . 
F 4 HOH 58 1458 1459 HOH HOH A . 
F 4 HOH 59 1459 87   HOH HOH A . 
F 4 HOH 60 1460 1444 HOH HOH A . 
F 4 HOH 61 1461 1440 HOH HOH A . 
F 4 HOH 62 1462 71   HOH HOH A . 
F 4 HOH 63 1463 54   HOH HOH A . 
F 4 HOH 64 1464 42   HOH HOH A . 
F 4 HOH 65 1465 1441 HOH HOH A . 
F 4 HOH 66 1466 72   HOH HOH A . 
F 4 HOH 67 1467 50   HOH HOH A . 
F 4 HOH 68 1468 1461 HOH HOH A . 
F 4 HOH 69 1469 1460 HOH HOH A . 
F 4 HOH 70 1470 76   HOH HOH A . 
F 4 HOH 71 1471 63   HOH HOH A . 
F 4 HOH 72 1472 95   HOH HOH A . 
F 4 HOH 73 1473 1465 HOH HOH A . 
F 4 HOH 74 1474 65   HOH HOH A . 
F 4 HOH 75 1475 48   HOH HOH A . 
F 4 HOH 76 1476 80   HOH HOH A . 
F 4 HOH 77 1477 16   HOH HOH A . 
F 4 HOH 78 1478 77   HOH HOH A . 
F 4 HOH 79 1479 94   HOH HOH A . 
F 4 HOH 80 1480 90   HOH HOH A . 
F 4 HOH 81 1481 69   HOH HOH A . 
F 4 HOH 82 1482 92   HOH HOH A . 
F 4 HOH 83 1483 74   HOH HOH A . 
F 4 HOH 84 1484 98   HOH HOH A . 
F 4 HOH 85 1485 83   HOH HOH A . 
F 4 HOH 86 1486 1478 HOH HOH A . 
F 4 HOH 87 1487 1480 HOH HOH A . 
F 4 HOH 88 1488 75   HOH HOH A . 
F 4 HOH 89 1489 40   HOH HOH A . 
# 
_pdbx_struct_assembly.id                   1 
_pdbx_struct_assembly.details              author_defined_assembly 
_pdbx_struct_assembly.method_details       ? 
_pdbx_struct_assembly.oligomeric_details   monomeric 
_pdbx_struct_assembly.oligomeric_count     1 
# 
_pdbx_struct_assembly_gen.assembly_id       1 
_pdbx_struct_assembly_gen.oper_expression   1 
_pdbx_struct_assembly_gen.asym_id_list      A,B,C,D,E,F 
# 
_pdbx_struct_oper_list.id                   1 
_pdbx_struct_oper_list.type                 'identity operation' 
_pdbx_struct_oper_list.name                 1_555 
_pdbx_struct_oper_list.symmetry_operation   x,y,z 
_pdbx_struct_oper_list.matrix[1][1]         1.0000000000 
_pdbx_struct_oper_list.matrix[1][2]         0.0000000000 
_pdbx_struct_oper_list.matrix[1][3]         0.0000000000 
_pdbx_struct_oper_list.vector[1]            0.0000000000 
_pdbx_struct_oper_list.matrix[2][1]         0.0000000000 
_pdbx_struct_oper_list.matrix[2][2]         1.0000000000 
_pdbx_struct_oper_list.matrix[2][3]         0.0000000000 
_pdbx_struct_oper_list.vector[2]            0.0000000000 
_pdbx_struct_oper_list.matrix[3][1]         0.0000000000 
_pdbx_struct_oper_list.matrix[3][2]         0.0000000000 
_pdbx_struct_oper_list.matrix[3][3]         1.0000000000 
_pdbx_struct_oper_list.vector[3]            0.0000000000 
# 
loop_
_pdbx_struct_conn_angle.id 
_pdbx_struct_conn_angle.ptnr1_label_atom_id 
_pdbx_struct_conn_angle.ptnr1_label_alt_id 
_pdbx_struct_conn_angle.ptnr1_label_asym_id 
_pdbx_struct_conn_angle.ptnr1_label_comp_id 
_pdbx_struct_conn_angle.ptnr1_label_seq_id 
_pdbx_struct_conn_angle.ptnr1_auth_atom_id 
_pdbx_struct_conn_angle.ptnr1_auth_asym_id 
_pdbx_struct_conn_angle.ptnr1_auth_comp_id 
_pdbx_struct_conn_angle.ptnr1_auth_seq_id 
_pdbx_struct_conn_angle.ptnr1_PDB_ins_code 
_pdbx_struct_conn_angle.ptnr1_symmetry 
_pdbx_struct_conn_angle.ptnr2_label_atom_id 
_pdbx_struct_conn_angle.ptnr2_label_alt_id 
_pdbx_struct_conn_angle.ptnr2_label_asym_id 
_pdbx_struct_conn_angle.ptnr2_label_comp_id 
_pdbx_struct_conn_angle.ptnr2_label_seq_id 
_pdbx_struct_conn_angle.ptnr2_auth_atom_id 
_pdbx_struct_conn_angle.ptnr2_auth_asym_id 
_pdbx_struct_conn_angle.ptnr2_auth_comp_id 
_pdbx_struct_conn_angle.ptnr2_auth_seq_id 
_pdbx_struct_conn_angle.ptnr2_PDB_ins_code 
_pdbx_struct_conn_angle.ptnr2_symmetry 
_pdbx_struct_conn_angle.ptnr3_label_atom_id 
_pdbx_struct_conn_angle.ptnr3_label_alt_id 
_pdbx_struct_conn_angle.ptnr3_label_asym_id 
_pdbx_struct_conn_angle.ptnr3_label_comp_id 
_pdbx_struct_conn_angle.ptnr3_label_seq_id 
_pdbx_struct_conn_angle.ptnr3_auth_atom_id 
_pdbx_struct_conn_angle.ptnr3_auth_asym_id 
_pdbx_struct_conn_angle.ptnr3_auth_comp_id 
_pdbx_struct_conn_angle.ptnr3_auth_seq_id 
_pdbx_struct_conn_angle.ptnr3_PDB_ins_code 
_pdbx_struct_conn_angle.ptnr3_symmetry 
_pdbx_struct_conn_angle.value 
_pdbx_struct_conn_angle.value_esd 
1  SG  ? A CYS 7  ? A CYS 1113 ? 1_555 ZN ? D ZN . ? A ZN 1303 ? 1_555 ND1 ? A HIS 9  ? A HIS 1115 ? 1_555 111.1 ? 
2  SG  ? A CYS 7  ? A CYS 1113 ? 1_555 ZN ? D ZN . ? A ZN 1303 ? 1_555 SG  ? A CYS 77 ? A CYS 1183 ? 1_555 116.4 ? 
3  ND1 ? A HIS 9  ? A HIS 1115 ? 1_555 ZN ? D ZN . ? A ZN 1303 ? 1_555 SG  ? A CYS 77 ? A CYS 1183 ? 1_555 98.0  ? 
4  SG  ? A CYS 7  ? A CYS 1113 ? 1_555 ZN ? D ZN . ? A ZN 1303 ? 1_555 SG  ? A CYS 80 ? A CYS 1186 ? 1_555 112.8 ? 
5  ND1 ? A HIS 9  ? A HIS 1115 ? 1_555 ZN ? D ZN . ? A ZN 1303 ? 1_555 SG  ? A CYS 80 ? A CYS 1186 ? 1_555 105.1 ? 
6  SG  ? A CYS 77 ? A CYS 1183 ? 1_555 ZN ? D ZN . ? A ZN 1303 ? 1_555 SG  ? A CYS 80 ? A CYS 1186 ? 1_555 111.9 ? 
7  SG  ? A CYS 27 ? A CYS 1133 ? 1_555 ZN ? C ZN . ? A ZN 1302 ? 1_555 SG  ? A CYS 30 ? A CYS 1136 ? 1_555 110.2 ? 
8  SG  ? A CYS 27 ? A CYS 1133 ? 1_555 ZN ? C ZN . ? A ZN 1302 ? 1_555 SG  ? A CYS 47 ? A CYS 1153 ? 1_555 113.2 ? 
9  SG  ? A CYS 30 ? A CYS 1136 ? 1_555 ZN ? C ZN . ? A ZN 1302 ? 1_555 SG  ? A CYS 47 ? A CYS 1153 ? 1_555 115.8 ? 
10 SG  ? A CYS 27 ? A CYS 1133 ? 1_555 ZN ? C ZN . ? A ZN 1302 ? 1_555 ND1 ? A HIS 54 ? A HIS 1160 ? 1_555 105.8 ? 
11 SG  ? A CYS 30 ? A CYS 1136 ? 1_555 ZN ? C ZN . ? A ZN 1302 ? 1_555 ND1 ? A HIS 54 ? A HIS 1160 ? 1_555 109.0 ? 
12 SG  ? A CYS 47 ? A CYS 1153 ? 1_555 ZN ? C ZN . ? A ZN 1302 ? 1_555 ND1 ? A HIS 54 ? A HIS 1160 ? 1_555 102.0 ? 
13 SG  ? A CYS 39 ? A CYS 1145 ? 1_555 ZN ? B ZN . ? A ZN 1301 ? 1_555 NE2 ? A HIS 58 ? A HIS 1164 ? 1_555 115.7 ? 
14 SG  ? A CYS 39 ? A CYS 1145 ? 1_555 ZN ? B ZN . ? A ZN 1301 ? 1_555 ND1 ? A HIS 64 ? A HIS 1170 ? 1_555 110.2 ? 
15 NE2 ? A HIS 58 ? A HIS 1164 ? 1_555 ZN ? B ZN . ? A ZN 1301 ? 1_555 ND1 ? A HIS 64 ? A HIS 1170 ? 1_555 109.4 ? 
# 
loop_
_pdbx_audit_revision_history.ordinal 
_pdbx_audit_revision_history.data_content_type 
_pdbx_audit_revision_history.major_revision 
_pdbx_audit_revision_history.minor_revision 
_pdbx_audit_revision_history.revision_date 
1 'Structure model' 1 0 2023-05-03 
2 'Structure model' 1 1 2023-08-09 
3 'Structure model' 1 2 2023-08-16 
# 
_pdbx_audit_revision_details.ordinal             1 
_pdbx_audit_revision_details.revision_ordinal    1 
_pdbx_audit_revision_details.data_content_type   'Structure model' 
_pdbx_audit_revision_details.provider            repository 
_pdbx_audit_revision_details.type                'Initial release' 
_pdbx_audit_revision_details.description         ? 
_pdbx_audit_revision_details.details             ? 
# 
loop_
_pdbx_audit_revision_group.ordinal 
_pdbx_audit_revision_group.revision_ordinal 
_pdbx_audit_revision_group.data_content_type 
_pdbx_audit_revision_group.group 
1 2 'Structure model' 'Database references' 
2 3 'Structure model' 'Data collection'     
3 3 'Structure model' 'Database references' 
# 
loop_
_pdbx_audit_revision_category.ordinal 
_pdbx_audit_revision_category.revision_ordinal 
_pdbx_audit_revision_category.data_content_type 
_pdbx_audit_revision_category.category 
1 2 'Structure model' citation        
2 2 'Structure model' citation_author 
3 3 'Structure model' chem_comp_atom  
4 3 'Structure model' chem_comp_bond  
5 3 'Structure model' citation        
# 
loop_
_pdbx_audit_revision_item.ordinal 
_pdbx_audit_revision_item.revision_ordinal 
_pdbx_audit_revision_item.data_content_type 
_pdbx_audit_revision_item.item 
1  2 'Structure model' '_citation.country'                 
2  2 'Structure model' '_citation.journal_abbrev'          
3  2 'Structure model' '_citation.journal_id_ASTM'         
4  2 'Structure model' '_citation.journal_id_CSD'          
5  2 'Structure model' '_citation.journal_id_ISSN'         
6  2 'Structure model' '_citation.pdbx_database_id_DOI'    
7  2 'Structure model' '_citation.pdbx_database_id_PubMed' 
8  2 'Structure model' '_citation.title'                   
9  2 'Structure model' '_citation.year'                    
10 3 'Structure model' '_citation.journal_volume'          
11 3 'Structure model' '_citation.page_first'              
12 3 'Structure model' '_citation.page_last'               
# 
loop_
_software.citation_id 
_software.classification 
_software.compiler_name 
_software.compiler_version 
_software.contact_author 
_software.contact_author_email 
_software.date 
_software.description 
_software.dependencies 
_software.hardware 
_software.language 
_software.location 
_software.mods 
_software.name 
_software.os 
_software.os_version 
_software.type 
_software.version 
_software.pdbx_ordinal 
? 'data scaling'   ? ? ? ? ? ? ? ? ? ? ? Aimless ? ? ? .   1 
? refinement       ? ? ? ? ? ? ? ? ? ? ? REFMAC  ? ? ? 5.5 2 
? 'data reduction' ? ? ? ? ? ? ? ? ? ? ? xia2    ? ? ? .   3 
# 
_pdbx_entry_details.entry_id                 8G43 
_pdbx_entry_details.nonpolymer_details       ? 
_pdbx_entry_details.sequence_details         ? 
_pdbx_entry_details.compound_details         ? 
_pdbx_entry_details.source_details           ? 
_pdbx_entry_details.has_ligand_of_interest   Y 
# 
_pdbx_validate_rmsd_bond.id                        1 
_pdbx_validate_rmsd_bond.PDB_model_num             1 
_pdbx_validate_rmsd_bond.auth_atom_id_1            CD 
_pdbx_validate_rmsd_bond.auth_asym_id_1            A 
_pdbx_validate_rmsd_bond.auth_comp_id_1            GLU 
_pdbx_validate_rmsd_bond.auth_seq_id_1             1141 
_pdbx_validate_rmsd_bond.PDB_ins_code_1            ? 
_pdbx_validate_rmsd_bond.label_alt_id_1            ? 
_pdbx_validate_rmsd_bond.auth_atom_id_2            OE2 
_pdbx_validate_rmsd_bond.auth_asym_id_2            A 
_pdbx_validate_rmsd_bond.auth_comp_id_2            GLU 
_pdbx_validate_rmsd_bond.auth_seq_id_2             1141 
_pdbx_validate_rmsd_bond.PDB_ins_code_2            ? 
_pdbx_validate_rmsd_bond.label_alt_id_2            ? 
_pdbx_validate_rmsd_bond.bond_value                1.170 
_pdbx_validate_rmsd_bond.bond_target_value         1.252 
_pdbx_validate_rmsd_bond.bond_deviation            -0.082 
_pdbx_validate_rmsd_bond.bond_standard_deviation   0.011 
_pdbx_validate_rmsd_bond.linker_flag               N 
# 
loop_
_pdbx_validate_torsion.id 
_pdbx_validate_torsion.PDB_model_num 
_pdbx_validate_torsion.auth_comp_id 
_pdbx_validate_torsion.auth_asym_id 
_pdbx_validate_torsion.auth_seq_id 
_pdbx_validate_torsion.PDB_ins_code 
_pdbx_validate_torsion.label_alt_id 
_pdbx_validate_torsion.phi 
_pdbx_validate_torsion.psi 
1 1 ASP A 1135 ? A -90.78 -65.52 
2 1 ILE A 1157 ? ? -99.89 -98.96 
# 
loop_
_pdbx_unobs_or_zero_occ_atoms.id 
_pdbx_unobs_or_zero_occ_atoms.PDB_model_num 
_pdbx_unobs_or_zero_occ_atoms.polymer_flag 
_pdbx_unobs_or_zero_occ_atoms.occupancy_flag 
_pdbx_unobs_or_zero_occ_atoms.auth_asym_id 
_pdbx_unobs_or_zero_occ_atoms.auth_comp_id 
_pdbx_unobs_or_zero_occ_atoms.auth_seq_id 
_pdbx_unobs_or_zero_occ_atoms.PDB_ins_code 
_pdbx_unobs_or_zero_occ_atoms.auth_atom_id 
_pdbx_unobs_or_zero_occ_atoms.label_alt_id 
_pdbx_unobs_or_zero_occ_atoms.label_asym_id 
_pdbx_unobs_or_zero_occ_atoms.label_comp_id 
_pdbx_unobs_or_zero_occ_atoms.label_seq_id 
_pdbx_unobs_or_zero_occ_atoms.label_atom_id 
1 1 Y 1 A GLN 1193 ? CG  ? A GLN 87 CG  
2 1 Y 1 A GLN 1193 ? CD  ? A GLN 87 CD  
3 1 Y 1 A GLN 1193 ? OE1 ? A GLN 87 OE1 
4 1 Y 1 A GLN 1193 ? NE2 ? A GLN 87 NE2 
5 1 Y 1 A GLN 1204 ? CD  ? A GLN 98 CD  
6 1 Y 1 A GLN 1204 ? OE1 ? A GLN 98 OE1 
7 1 Y 1 A GLN 1204 ? NE2 ? A GLN 98 NE2 
# 
loop_
_pdbx_unobs_or_zero_occ_residues.id 
_pdbx_unobs_or_zero_occ_residues.PDB_model_num 
_pdbx_unobs_or_zero_occ_residues.polymer_flag 
_pdbx_unobs_or_zero_occ_residues.occupancy_flag 
_pdbx_unobs_or_zero_occ_residues.auth_asym_id 
_pdbx_unobs_or_zero_occ_residues.auth_comp_id 
_pdbx_unobs_or_zero_occ_residues.auth_seq_id 
_pdbx_unobs_or_zero_occ_residues.PDB_ins_code 
_pdbx_unobs_or_zero_occ_residues.label_asym_id 
_pdbx_unobs_or_zero_occ_residues.label_comp_id 
_pdbx_unobs_or_zero_occ_residues.label_seq_id 
1 1 Y 1 A GLY 1107 ? A GLY 1   
2 1 Y 1 A SER 1108 ? A SER 2   
3 1 Y 1 A GLY 1208 ? A GLY 102 
4 1 Y 1 A GLU 1209 ? A GLU 103 
5 1 Y 1 A ASP 1210 ? A ASP 104 
6 1 Y 1 A MET 1211 ? A MET 105 
7 1 Y 1 A PRO 1212 ? A PRO 106 
8 1 Y 1 A HIS 1213 ? A HIS 107 
# 
loop_
_chem_comp_atom.comp_id 
_chem_comp_atom.atom_id 
_chem_comp_atom.type_symbol 
_chem_comp_atom.pdbx_aromatic_flag 
_chem_comp_atom.pdbx_stereo_config 
_chem_comp_atom.pdbx_ordinal 
ALA N    N  N N 1   
ALA CA   C  N S 2   
ALA C    C  N N 3   
ALA O    O  N N 4   
ALA CB   C  N N 5   
ALA OXT  O  N N 6   
ALA H    H  N N 7   
ALA H2   H  N N 8   
ALA HA   H  N N 9   
ALA HB1  H  N N 10  
ALA HB2  H  N N 11  
ALA HB3  H  N N 12  
ALA HXT  H  N N 13  
ARG N    N  N N 14  
ARG CA   C  N S 15  
ARG C    C  N N 16  
ARG O    O  N N 17  
ARG CB   C  N N 18  
ARG CG   C  N N 19  
ARG CD   C  N N 20  
ARG NE   N  N N 21  
ARG CZ   C  N N 22  
ARG NH1  N  N N 23  
ARG NH2  N  N N 24  
ARG OXT  O  N N 25  
ARG H    H  N N 26  
ARG H2   H  N N 27  
ARG HA   H  N N 28  
ARG HB2  H  N N 29  
ARG HB3  H  N N 30  
ARG HG2  H  N N 31  
ARG HG3  H  N N 32  
ARG HD2  H  N N 33  
ARG HD3  H  N N 34  
ARG HE   H  N N 35  
ARG HH11 H  N N 36  
ARG HH12 H  N N 37  
ARG HH21 H  N N 38  
ARG HH22 H  N N 39  
ARG HXT  H  N N 40  
ASN N    N  N N 41  
ASN CA   C  N S 42  
ASN C    C  N N 43  
ASN O    O  N N 44  
ASN CB   C  N N 45  
ASN CG   C  N N 46  
ASN OD1  O  N N 47  
ASN ND2  N  N N 48  
ASN OXT  O  N N 49  
ASN H    H  N N 50  
ASN H2   H  N N 51  
ASN HA   H  N N 52  
ASN HB2  H  N N 53  
ASN HB3  H  N N 54  
ASN HD21 H  N N 55  
ASN HD22 H  N N 56  
ASN HXT  H  N N 57  
ASP N    N  N N 58  
ASP CA   C  N S 59  
ASP C    C  N N 60  
ASP O    O  N N 61  
ASP CB   C  N N 62  
ASP CG   C  N N 63  
ASP OD1  O  N N 64  
ASP OD2  O  N N 65  
ASP OXT  O  N N 66  
ASP H    H  N N 67  
ASP H2   H  N N 68  
ASP HA   H  N N 69  
ASP HB2  H  N N 70  
ASP HB3  H  N N 71  
ASP HD2  H  N N 72  
ASP HXT  H  N N 73  
CYS N    N  N N 74  
CYS CA   C  N R 75  
CYS C    C  N N 76  
CYS O    O  N N 77  
CYS CB   C  N N 78  
CYS SG   S  N N 79  
CYS OXT  O  N N 80  
CYS H    H  N N 81  
CYS H2   H  N N 82  
CYS HA   H  N N 83  
CYS HB2  H  N N 84  
CYS HB3  H  N N 85  
CYS HG   H  N N 86  
CYS HXT  H  N N 87  
GLN N    N  N N 88  
GLN CA   C  N S 89  
GLN C    C  N N 90  
GLN O    O  N N 91  
GLN CB   C  N N 92  
GLN CG   C  N N 93  
GLN CD   C  N N 94  
GLN OE1  O  N N 95  
GLN NE2  N  N N 96  
GLN OXT  O  N N 97  
GLN H    H  N N 98  
GLN H2   H  N N 99  
GLN HA   H  N N 100 
GLN HB2  H  N N 101 
GLN HB3  H  N N 102 
GLN HG2  H  N N 103 
GLN HG3  H  N N 104 
GLN HE21 H  N N 105 
GLN HE22 H  N N 106 
GLN HXT  H  N N 107 
GLU N    N  N N 108 
GLU CA   C  N S 109 
GLU C    C  N N 110 
GLU O    O  N N 111 
GLU CB   C  N N 112 
GLU CG   C  N N 113 
GLU CD   C  N N 114 
GLU OE1  O  N N 115 
GLU OE2  O  N N 116 
GLU OXT  O  N N 117 
GLU H    H  N N 118 
GLU H2   H  N N 119 
GLU HA   H  N N 120 
GLU HB2  H  N N 121 
GLU HB3  H  N N 122 
GLU HG2  H  N N 123 
GLU HG3  H  N N 124 
GLU HE2  H  N N 125 
GLU HXT  H  N N 126 
GLY N    N  N N 127 
GLY CA   C  N N 128 
GLY C    C  N N 129 
GLY O    O  N N 130 
GLY OXT  O  N N 131 
GLY H    H  N N 132 
GLY H2   H  N N 133 
GLY HA2  H  N N 134 
GLY HA3  H  N N 135 
GLY HXT  H  N N 136 
HIS N    N  N N 137 
HIS CA   C  N S 138 
HIS C    C  N N 139 
HIS O    O  N N 140 
HIS CB   C  N N 141 
HIS CG   C  Y N 142 
HIS ND1  N  Y N 143 
HIS CD2  C  Y N 144 
HIS CE1  C  Y N 145 
HIS NE2  N  Y N 146 
HIS OXT  O  N N 147 
HIS H    H  N N 148 
HIS H2   H  N N 149 
HIS HA   H  N N 150 
HIS HB2  H  N N 151 
HIS HB3  H  N N 152 
HIS HD1  H  N N 153 
HIS HD2  H  N N 154 
HIS HE1  H  N N 155 
HIS HE2  H  N N 156 
HIS HXT  H  N N 157 
HOH O    O  N N 158 
HOH H1   H  N N 159 
HOH H2   H  N N 160 
ILE N    N  N N 161 
ILE CA   C  N S 162 
ILE C    C  N N 163 
ILE O    O  N N 164 
ILE CB   C  N S 165 
ILE CG1  C  N N 166 
ILE CG2  C  N N 167 
ILE CD1  C  N N 168 
ILE OXT  O  N N 169 
ILE H    H  N N 170 
ILE H2   H  N N 171 
ILE HA   H  N N 172 
ILE HB   H  N N 173 
ILE HG12 H  N N 174 
ILE HG13 H  N N 175 
ILE HG21 H  N N 176 
ILE HG22 H  N N 177 
ILE HG23 H  N N 178 
ILE HD11 H  N N 179 
ILE HD12 H  N N 180 
ILE HD13 H  N N 181 
ILE HXT  H  N N 182 
LEU N    N  N N 183 
LEU CA   C  N S 184 
LEU C    C  N N 185 
LEU O    O  N N 186 
LEU CB   C  N N 187 
LEU CG   C  N N 188 
LEU CD1  C  N N 189 
LEU CD2  C  N N 190 
LEU OXT  O  N N 191 
LEU H    H  N N 192 
LEU H2   H  N N 193 
LEU HA   H  N N 194 
LEU HB2  H  N N 195 
LEU HB3  H  N N 196 
LEU HG   H  N N 197 
LEU HD11 H  N N 198 
LEU HD12 H  N N 199 
LEU HD13 H  N N 200 
LEU HD21 H  N N 201 
LEU HD22 H  N N 202 
LEU HD23 H  N N 203 
LEU HXT  H  N N 204 
LYS N    N  N N 205 
LYS CA   C  N S 206 
LYS C    C  N N 207 
LYS O    O  N N 208 
LYS CB   C  N N 209 
LYS CG   C  N N 210 
LYS CD   C  N N 211 
LYS CE   C  N N 212 
LYS NZ   N  N N 213 
LYS OXT  O  N N 214 
LYS H    H  N N 215 
LYS H2   H  N N 216 
LYS HA   H  N N 217 
LYS HB2  H  N N 218 
LYS HB3  H  N N 219 
LYS HG2  H  N N 220 
LYS HG3  H  N N 221 
LYS HD2  H  N N 222 
LYS HD3  H  N N 223 
LYS HE2  H  N N 224 
LYS HE3  H  N N 225 
LYS HZ1  H  N N 226 
LYS HZ2  H  N N 227 
LYS HZ3  H  N N 228 
LYS HXT  H  N N 229 
MET N    N  N N 230 
MET CA   C  N S 231 
MET C    C  N N 232 
MET O    O  N N 233 
MET CB   C  N N 234 
MET CG   C  N N 235 
MET SD   S  N N 236 
MET CE   C  N N 237 
MET OXT  O  N N 238 
MET H    H  N N 239 
MET H2   H  N N 240 
MET HA   H  N N 241 
MET HB2  H  N N 242 
MET HB3  H  N N 243 
MET HG2  H  N N 244 
MET HG3  H  N N 245 
MET HE1  H  N N 246 
MET HE2  H  N N 247 
MET HE3  H  N N 248 
MET HXT  H  N N 249 
PHE N    N  N N 250 
PHE CA   C  N S 251 
PHE C    C  N N 252 
PHE O    O  N N 253 
PHE CB   C  N N 254 
PHE CG   C  Y N 255 
PHE CD1  C  Y N 256 
PHE CD2  C  Y N 257 
PHE CE1  C  Y N 258 
PHE CE2  C  Y N 259 
PHE CZ   C  Y N 260 
PHE OXT  O  N N 261 
PHE H    H  N N 262 
PHE H2   H  N N 263 
PHE HA   H  N N 264 
PHE HB2  H  N N 265 
PHE HB3  H  N N 266 
PHE HD1  H  N N 267 
PHE HD2  H  N N 268 
PHE HE1  H  N N 269 
PHE HE2  H  N N 270 
PHE HZ   H  N N 271 
PHE HXT  H  N N 272 
PRO N    N  N N 273 
PRO CA   C  N S 274 
PRO C    C  N N 275 
PRO O    O  N N 276 
PRO CB   C  N N 277 
PRO CG   C  N N 278 
PRO CD   C  N N 279 
PRO OXT  O  N N 280 
PRO H    H  N N 281 
PRO HA   H  N N 282 
PRO HB2  H  N N 283 
PRO HB3  H  N N 284 
PRO HG2  H  N N 285 
PRO HG3  H  N N 286 
PRO HD2  H  N N 287 
PRO HD3  H  N N 288 
PRO HXT  H  N N 289 
SER N    N  N N 290 
SER CA   C  N S 291 
SER C    C  N N 292 
SER O    O  N N 293 
SER CB   C  N N 294 
SER OG   O  N N 295 
SER OXT  O  N N 296 
SER H    H  N N 297 
SER H2   H  N N 298 
SER HA   H  N N 299 
SER HB2  H  N N 300 
SER HB3  H  N N 301 
SER HG   H  N N 302 
SER HXT  H  N N 303 
THR N    N  N N 304 
THR CA   C  N S 305 
THR C    C  N N 306 
THR O    O  N N 307 
THR CB   C  N R 308 
THR OG1  O  N N 309 
THR CG2  C  N N 310 
THR OXT  O  N N 311 
THR H    H  N N 312 
THR H2   H  N N 313 
THR HA   H  N N 314 
THR HB   H  N N 315 
THR HG1  H  N N 316 
THR HG21 H  N N 317 
THR HG22 H  N N 318 
THR HG23 H  N N 319 
THR HXT  H  N N 320 
TRP N    N  N N 321 
TRP CA   C  N S 322 
TRP C    C  N N 323 
TRP O    O  N N 324 
TRP CB   C  N N 325 
TRP CG   C  Y N 326 
TRP CD1  C  Y N 327 
TRP CD2  C  Y N 328 
TRP NE1  N  Y N 329 
TRP CE2  C  Y N 330 
TRP CE3  C  Y N 331 
TRP CZ2  C  Y N 332 
TRP CZ3  C  Y N 333 
TRP CH2  C  Y N 334 
TRP OXT  O  N N 335 
TRP H    H  N N 336 
TRP H2   H  N N 337 
TRP HA   H  N N 338 
TRP HB2  H  N N 339 
TRP HB3  H  N N 340 
TRP HD1  H  N N 341 
TRP HE1  H  N N 342 
TRP HE3  H  N N 343 
TRP HZ2  H  N N 344 
TRP HZ3  H  N N 345 
TRP HH2  H  N N 346 
TRP HXT  H  N N 347 
TYR N    N  N N 348 
TYR CA   C  N S 349 
TYR C    C  N N 350 
TYR O    O  N N 351 
TYR CB   C  N N 352 
TYR CG   C  Y N 353 
TYR CD1  C  Y N 354 
TYR CD2  C  Y N 355 
TYR CE1  C  Y N 356 
TYR CE2  C  Y N 357 
TYR CZ   C  Y N 358 
TYR OH   O  N N 359 
TYR OXT  O  N N 360 
TYR H    H  N N 361 
TYR H2   H  N N 362 
TYR HA   H  N N 363 
TYR HB2  H  N N 364 
TYR HB3  H  N N 365 
TYR HD1  H  N N 366 
TYR HD2  H  N N 367 
TYR HE1  H  N N 368 
TYR HE2  H  N N 369 
TYR HH   H  N N 370 
TYR HXT  H  N N 371 
VAL N    N  N N 372 
VAL CA   C  N S 373 
VAL C    C  N N 374 
VAL O    O  N N 375 
VAL CB   C  N N 376 
VAL CG1  C  N N 377 
VAL CG2  C  N N 378 
VAL OXT  O  N N 379 
VAL H    H  N N 380 
VAL H2   H  N N 381 
VAL HA   H  N N 382 
VAL HB   H  N N 383 
VAL HG11 H  N N 384 
VAL HG12 H  N N 385 
VAL HG13 H  N N 386 
VAL HG21 H  N N 387 
VAL HG22 H  N N 388 
VAL HG23 H  N N 389 
VAL HXT  H  N N 390 
ZN  ZN   ZN N N 391 
ZU6 C10  C  Y N 392 
ZU6 C11  C  Y N 393 
ZU6 C13  C  N N 394 
ZU6 O3   O  N N 395 
ZU6 C1   C  N N 396 
ZU6 N    N  N N 397 
ZU6 C    C  N N 398 
ZU6 C2   C  N N 399 
ZU6 N1   N  N N 400 
ZU6 O2   O  N N 401 
ZU6 C12  C  Y N 402 
ZU6 C9   C  Y N 403 
ZU6 C8   C  Y N 404 
ZU6 C7   C  Y N 405 
ZU6 N2   N  N N 406 
ZU6 C3   C  N N 407 
ZU6 C4   C  N N 408 
ZU6 C5   C  N N 409 
ZU6 C6   C  N N 410 
ZU6 O1   O  N N 411 
ZU6 O    O  N N 412 
ZU6 H1   H  N N 413 
ZU6 H2   H  N N 414 
ZU6 H3   H  N N 415 
ZU6 H4   H  N N 416 
ZU6 H5   H  N N 417 
ZU6 H6   H  N N 418 
ZU6 H7   H  N N 419 
ZU6 H8   H  N N 420 
ZU6 H9   H  N N 421 
ZU6 H10  H  N N 422 
ZU6 H11  H  N N 423 
ZU6 H12  H  N N 424 
ZU6 H13  H  N N 425 
ZU6 H14  H  N N 426 
ZU6 H15  H  N N 427 
# 
loop_
_chem_comp_bond.comp_id 
_chem_comp_bond.atom_id_1 
_chem_comp_bond.atom_id_2 
_chem_comp_bond.value_order 
_chem_comp_bond.pdbx_aromatic_flag 
_chem_comp_bond.pdbx_stereo_config 
_chem_comp_bond.pdbx_ordinal 
ALA N   CA   sing N N 1   
ALA N   H    sing N N 2   
ALA N   H2   sing N N 3   
ALA CA  C    sing N N 4   
ALA CA  CB   sing N N 5   
ALA CA  HA   sing N N 6   
ALA C   O    doub N N 7   
ALA C   OXT  sing N N 8   
ALA CB  HB1  sing N N 9   
ALA CB  HB2  sing N N 10  
ALA CB  HB3  sing N N 11  
ALA OXT HXT  sing N N 12  
ARG N   CA   sing N N 13  
ARG N   H    sing N N 14  
ARG N   H2   sing N N 15  
ARG CA  C    sing N N 16  
ARG CA  CB   sing N N 17  
ARG CA  HA   sing N N 18  
ARG C   O    doub N N 19  
ARG C   OXT  sing N N 20  
ARG CB  CG   sing N N 21  
ARG CB  HB2  sing N N 22  
ARG CB  HB3  sing N N 23  
ARG CG  CD   sing N N 24  
ARG CG  HG2  sing N N 25  
ARG CG  HG3  sing N N 26  
ARG CD  NE   sing N N 27  
ARG CD  HD2  sing N N 28  
ARG CD  HD3  sing N N 29  
ARG NE  CZ   sing N N 30  
ARG NE  HE   sing N N 31  
ARG CZ  NH1  sing N N 32  
ARG CZ  NH2  doub N N 33  
ARG NH1 HH11 sing N N 34  
ARG NH1 HH12 sing N N 35  
ARG NH2 HH21 sing N N 36  
ARG NH2 HH22 sing N N 37  
ARG OXT HXT  sing N N 38  
ASN N   CA   sing N N 39  
ASN N   H    sing N N 40  
ASN N   H2   sing N N 41  
ASN CA  C    sing N N 42  
ASN CA  CB   sing N N 43  
ASN CA  HA   sing N N 44  
ASN C   O    doub N N 45  
ASN C   OXT  sing N N 46  
ASN CB  CG   sing N N 47  
ASN CB  HB2  sing N N 48  
ASN CB  HB3  sing N N 49  
ASN CG  OD1  doub N N 50  
ASN CG  ND2  sing N N 51  
ASN ND2 HD21 sing N N 52  
ASN ND2 HD22 sing N N 53  
ASN OXT HXT  sing N N 54  
ASP N   CA   sing N N 55  
ASP N   H    sing N N 56  
ASP N   H2   sing N N 57  
ASP CA  C    sing N N 58  
ASP CA  CB   sing N N 59  
ASP CA  HA   sing N N 60  
ASP C   O    doub N N 61  
ASP C   OXT  sing N N 62  
ASP CB  CG   sing N N 63  
ASP CB  HB2  sing N N 64  
ASP CB  HB3  sing N N 65  
ASP CG  OD1  doub N N 66  
ASP CG  OD2  sing N N 67  
ASP OD2 HD2  sing N N 68  
ASP OXT HXT  sing N N 69  
CYS N   CA   sing N N 70  
CYS N   H    sing N N 71  
CYS N   H2   sing N N 72  
CYS CA  C    sing N N 73  
CYS CA  CB   sing N N 74  
CYS CA  HA   sing N N 75  
CYS C   O    doub N N 76  
CYS C   OXT  sing N N 77  
CYS CB  SG   sing N N 78  
CYS CB  HB2  sing N N 79  
CYS CB  HB3  sing N N 80  
CYS SG  HG   sing N N 81  
CYS OXT HXT  sing N N 82  
GLN N   CA   sing N N 83  
GLN N   H    sing N N 84  
GLN N   H2   sing N N 85  
GLN CA  C    sing N N 86  
GLN CA  CB   sing N N 87  
GLN CA  HA   sing N N 88  
GLN C   O    doub N N 89  
GLN C   OXT  sing N N 90  
GLN CB  CG   sing N N 91  
GLN CB  HB2  sing N N 92  
GLN CB  HB3  sing N N 93  
GLN CG  CD   sing N N 94  
GLN CG  HG2  sing N N 95  
GLN CG  HG3  sing N N 96  
GLN CD  OE1  doub N N 97  
GLN CD  NE2  sing N N 98  
GLN NE2 HE21 sing N N 99  
GLN NE2 HE22 sing N N 100 
GLN OXT HXT  sing N N 101 
GLU N   CA   sing N N 102 
GLU N   H    sing N N 103 
GLU N   H2   sing N N 104 
GLU CA  C    sing N N 105 
GLU CA  CB   sing N N 106 
GLU CA  HA   sing N N 107 
GLU C   O    doub N N 108 
GLU C   OXT  sing N N 109 
GLU CB  CG   sing N N 110 
GLU CB  HB2  sing N N 111 
GLU CB  HB3  sing N N 112 
GLU CG  CD   sing N N 113 
GLU CG  HG2  sing N N 114 
GLU CG  HG3  sing N N 115 
GLU CD  OE1  doub N N 116 
GLU CD  OE2  sing N N 117 
GLU OE2 HE2  sing N N 118 
GLU OXT HXT  sing N N 119 
GLY N   CA   sing N N 120 
GLY N   H    sing N N 121 
GLY N   H2   sing N N 122 
GLY CA  C    sing N N 123 
GLY CA  HA2  sing N N 124 
GLY CA  HA3  sing N N 125 
GLY C   O    doub N N 126 
GLY C   OXT  sing N N 127 
GLY OXT HXT  sing N N 128 
HIS N   CA   sing N N 129 
HIS N   H    sing N N 130 
HIS N   H2   sing N N 131 
HIS CA  C    sing N N 132 
HIS CA  CB   sing N N 133 
HIS CA  HA   sing N N 134 
HIS C   O    doub N N 135 
HIS C   OXT  sing N N 136 
HIS CB  CG   sing N N 137 
HIS CB  HB2  sing N N 138 
HIS CB  HB3  sing N N 139 
HIS CG  ND1  sing Y N 140 
HIS CG  CD2  doub Y N 141 
HIS ND1 CE1  doub Y N 142 
HIS ND1 HD1  sing N N 143 
HIS CD2 NE2  sing Y N 144 
HIS CD2 HD2  sing N N 145 
HIS CE1 NE2  sing Y N 146 
HIS CE1 HE1  sing N N 147 
HIS NE2 HE2  sing N N 148 
HIS OXT HXT  sing N N 149 
HOH O   H1   sing N N 150 
HOH O   H2   sing N N 151 
ILE N   CA   sing N N 152 
ILE N   H    sing N N 153 
ILE N   H2   sing N N 154 
ILE CA  C    sing N N 155 
ILE CA  CB   sing N N 156 
ILE CA  HA   sing N N 157 
ILE C   O    doub N N 158 
ILE C   OXT  sing N N 159 
ILE CB  CG1  sing N N 160 
ILE CB  CG2  sing N N 161 
ILE CB  HB   sing N N 162 
ILE CG1 CD1  sing N N 163 
ILE CG1 HG12 sing N N 164 
ILE CG1 HG13 sing N N 165 
ILE CG2 HG21 sing N N 166 
ILE CG2 HG22 sing N N 167 
ILE CG2 HG23 sing N N 168 
ILE CD1 HD11 sing N N 169 
ILE CD1 HD12 sing N N 170 
ILE CD1 HD13 sing N N 171 
ILE OXT HXT  sing N N 172 
LEU N   CA   sing N N 173 
LEU N   H    sing N N 174 
LEU N   H2   sing N N 175 
LEU CA  C    sing N N 176 
LEU CA  CB   sing N N 177 
LEU CA  HA   sing N N 178 
LEU C   O    doub N N 179 
LEU C   OXT  sing N N 180 
LEU CB  CG   sing N N 181 
LEU CB  HB2  sing N N 182 
LEU CB  HB3  sing N N 183 
LEU CG  CD1  sing N N 184 
LEU CG  CD2  sing N N 185 
LEU CG  HG   sing N N 186 
LEU CD1 HD11 sing N N 187 
LEU CD1 HD12 sing N N 188 
LEU CD1 HD13 sing N N 189 
LEU CD2 HD21 sing N N 190 
LEU CD2 HD22 sing N N 191 
LEU CD2 HD23 sing N N 192 
LEU OXT HXT  sing N N 193 
LYS N   CA   sing N N 194 
LYS N   H    sing N N 195 
LYS N   H2   sing N N 196 
LYS CA  C    sing N N 197 
LYS CA  CB   sing N N 198 
LYS CA  HA   sing N N 199 
LYS C   O    doub N N 200 
LYS C   OXT  sing N N 201 
LYS CB  CG   sing N N 202 
LYS CB  HB2  sing N N 203 
LYS CB  HB3  sing N N 204 
LYS CG  CD   sing N N 205 
LYS CG  HG2  sing N N 206 
LYS CG  HG3  sing N N 207 
LYS CD  CE   sing N N 208 
LYS CD  HD2  sing N N 209 
LYS CD  HD3  sing N N 210 
LYS CE  NZ   sing N N 211 
LYS CE  HE2  sing N N 212 
LYS CE  HE3  sing N N 213 
LYS NZ  HZ1  sing N N 214 
LYS NZ  HZ2  sing N N 215 
LYS NZ  HZ3  sing N N 216 
LYS OXT HXT  sing N N 217 
MET N   CA   sing N N 218 
MET N   H    sing N N 219 
MET N   H2   sing N N 220 
MET CA  C    sing N N 221 
MET CA  CB   sing N N 222 
MET CA  HA   sing N N 223 
MET C   O    doub N N 224 
MET C   OXT  sing N N 225 
MET CB  CG   sing N N 226 
MET CB  HB2  sing N N 227 
MET CB  HB3  sing N N 228 
MET CG  SD   sing N N 229 
MET CG  HG2  sing N N 230 
MET CG  HG3  sing N N 231 
MET SD  CE   sing N N 232 
MET CE  HE1  sing N N 233 
MET CE  HE2  sing N N 234 
MET CE  HE3  sing N N 235 
MET OXT HXT  sing N N 236 
PHE N   CA   sing N N 237 
PHE N   H    sing N N 238 
PHE N   H2   sing N N 239 
PHE CA  C    sing N N 240 
PHE CA  CB   sing N N 241 
PHE CA  HA   sing N N 242 
PHE C   O    doub N N 243 
PHE C   OXT  sing N N 244 
PHE CB  CG   sing N N 245 
PHE CB  HB2  sing N N 246 
PHE CB  HB3  sing N N 247 
PHE CG  CD1  doub Y N 248 
PHE CG  CD2  sing Y N 249 
PHE CD1 CE1  sing Y N 250 
PHE CD1 HD1  sing N N 251 
PHE CD2 CE2  doub Y N 252 
PHE CD2 HD2  sing N N 253 
PHE CE1 CZ   doub Y N 254 
PHE CE1 HE1  sing N N 255 
PHE CE2 CZ   sing Y N 256 
PHE CE2 HE2  sing N N 257 
PHE CZ  HZ   sing N N 258 
PHE OXT HXT  sing N N 259 
PRO N   CA   sing N N 260 
PRO N   CD   sing N N 261 
PRO N   H    sing N N 262 
PRO CA  C    sing N N 263 
PRO CA  CB   sing N N 264 
PRO CA  HA   sing N N 265 
PRO C   O    doub N N 266 
PRO C   OXT  sing N N 267 
PRO CB  CG   sing N N 268 
PRO CB  HB2  sing N N 269 
PRO CB  HB3  sing N N 270 
PRO CG  CD   sing N N 271 
PRO CG  HG2  sing N N 272 
PRO CG  HG3  sing N N 273 
PRO CD  HD2  sing N N 274 
PRO CD  HD3  sing N N 275 
PRO OXT HXT  sing N N 276 
SER N   CA   sing N N 277 
SER N   H    sing N N 278 
SER N   H2   sing N N 279 
SER CA  C    sing N N 280 
SER CA  CB   sing N N 281 
SER CA  HA   sing N N 282 
SER C   O    doub N N 283 
SER C   OXT  sing N N 284 
SER CB  OG   sing N N 285 
SER CB  HB2  sing N N 286 
SER CB  HB3  sing N N 287 
SER OG  HG   sing N N 288 
SER OXT HXT  sing N N 289 
THR N   CA   sing N N 290 
THR N   H    sing N N 291 
THR N   H2   sing N N 292 
THR CA  C    sing N N 293 
THR CA  CB   sing N N 294 
THR CA  HA   sing N N 295 
THR C   O    doub N N 296 
THR C   OXT  sing N N 297 
THR CB  OG1  sing N N 298 
THR CB  CG2  sing N N 299 
THR CB  HB   sing N N 300 
THR OG1 HG1  sing N N 301 
THR CG2 HG21 sing N N 302 
THR CG2 HG22 sing N N 303 
THR CG2 HG23 sing N N 304 
THR OXT HXT  sing N N 305 
TRP N   CA   sing N N 306 
TRP N   H    sing N N 307 
TRP N   H2   sing N N 308 
TRP CA  C    sing N N 309 
TRP CA  CB   sing N N 310 
TRP CA  HA   sing N N 311 
TRP C   O    doub N N 312 
TRP C   OXT  sing N N 313 
TRP CB  CG   sing N N 314 
TRP CB  HB2  sing N N 315 
TRP CB  HB3  sing N N 316 
TRP CG  CD1  doub Y N 317 
TRP CG  CD2  sing Y N 318 
TRP CD1 NE1  sing Y N 319 
TRP CD1 HD1  sing N N 320 
TRP CD2 CE2  doub Y N 321 
TRP CD2 CE3  sing Y N 322 
TRP NE1 CE2  sing Y N 323 
TRP NE1 HE1  sing N N 324 
TRP CE2 CZ2  sing Y N 325 
TRP CE3 CZ3  doub Y N 326 
TRP CE3 HE3  sing N N 327 
TRP CZ2 CH2  doub Y N 328 
TRP CZ2 HZ2  sing N N 329 
TRP CZ3 CH2  sing Y N 330 
TRP CZ3 HZ3  sing N N 331 
TRP CH2 HH2  sing N N 332 
TRP OXT HXT  sing N N 333 
TYR N   CA   sing N N 334 
TYR N   H    sing N N 335 
TYR N   H2   sing N N 336 
TYR CA  C    sing N N 337 
TYR CA  CB   sing N N 338 
TYR CA  HA   sing N N 339 
TYR C   O    doub N N 340 
TYR C   OXT  sing N N 341 
TYR CB  CG   sing N N 342 
TYR CB  HB2  sing N N 343 
TYR CB  HB3  sing N N 344 
TYR CG  CD1  doub Y N 345 
TYR CG  CD2  sing Y N 346 
TYR CD1 CE1  sing Y N 347 
TYR CD1 HD1  sing N N 348 
TYR CD2 CE2  doub Y N 349 
TYR CD2 HD2  sing N N 350 
TYR CE1 CZ   doub Y N 351 
TYR CE1 HE1  sing N N 352 
TYR CE2 CZ   sing Y N 353 
TYR CE2 HE2  sing N N 354 
TYR CZ  OH   sing N N 355 
TYR OH  HH   sing N N 356 
TYR OXT HXT  sing N N 357 
VAL N   CA   sing N N 358 
VAL N   H    sing N N 359 
VAL N   H2   sing N N 360 
VAL CA  C    sing N N 361 
VAL CA  CB   sing N N 362 
VAL CA  HA   sing N N 363 
VAL C   O    doub N N 364 
VAL C   OXT  sing N N 365 
VAL CB  CG1  sing N N 366 
VAL CB  CG2  sing N N 367 
VAL CB  HB   sing N N 368 
VAL CG1 HG11 sing N N 369 
VAL CG1 HG12 sing N N 370 
VAL CG1 HG13 sing N N 371 
VAL CG2 HG21 sing N N 372 
VAL CG2 HG22 sing N N 373 
VAL CG2 HG23 sing N N 374 
VAL OXT HXT  sing N N 375 
ZU6 C9  C10  doub Y N 376 
ZU6 C9  C8   sing Y N 377 
ZU6 C10 C11  sing Y N 378 
ZU6 C8  C7   doub Y N 379 
ZU6 C11 C12  doub Y N 380 
ZU6 C7  C12  sing Y N 381 
ZU6 C7  N2   sing N N 382 
ZU6 C12 C13  sing N N 383 
ZU6 N2  C3   doub N N 384 
ZU6 C13 O2   doub N N 385 
ZU6 C13 N1   sing N N 386 
ZU6 O   C6   doub N N 387 
ZU6 C3  N1   sing N N 388 
ZU6 C3  C4   sing N N 389 
ZU6 N1  C2   sing N N 390 
ZU6 C5  C6   sing N N 391 
ZU6 C5  C4   sing N N 392 
ZU6 C6  O1   sing N N 393 
ZU6 C2  C1   sing N N 394 
ZU6 C1  O3   doub N N 395 
ZU6 C1  N    sing N N 396 
ZU6 N   C    sing N N 397 
ZU6 C10 H1   sing N N 398 
ZU6 C11 H2   sing N N 399 
ZU6 N   H3   sing N N 400 
ZU6 C   H4   sing N N 401 
ZU6 C   H5   sing N N 402 
ZU6 C   H6   sing N N 403 
ZU6 C2  H7   sing N N 404 
ZU6 C2  H8   sing N N 405 
ZU6 C9  H9   sing N N 406 
ZU6 C8  H10  sing N N 407 
ZU6 C4  H11  sing N N 408 
ZU6 C4  H12  sing N N 409 
ZU6 C5  H13  sing N N 410 
ZU6 C5  H14  sing N N 411 
ZU6 O1  H15  sing N N 412 
# 
_pdbx_audit_support.funding_organization   'Other government' 
_pdbx_audit_support.country                ? 
_pdbx_audit_support.grant_number           ? 
_pdbx_audit_support.ordinal                1 
# 
_pdbx_entity_instance_feature.ordinal        1 
_pdbx_entity_instance_feature.comp_id        ZU6 
_pdbx_entity_instance_feature.asym_id        ? 
_pdbx_entity_instance_feature.seq_num        ? 
_pdbx_entity_instance_feature.auth_comp_id   ZU6 
_pdbx_entity_instance_feature.auth_asym_id   ? 
_pdbx_entity_instance_feature.auth_seq_num   ? 
_pdbx_entity_instance_feature.feature_type   'SUBJECT OF INVESTIGATION' 
_pdbx_entity_instance_feature.details        ? 
# 
loop_
_pdbx_entity_nonpoly.entity_id 
_pdbx_entity_nonpoly.name 
_pdbx_entity_nonpoly.comp_id 
2 'ZINC ION'                                                                          ZN  
3 '3-{3-[2-(methylamino)-2-oxoethyl]-4-oxo-3,4-dihydroquinazolin-2-yl}propanoic acid' ZU6 
4 water                                                                               HOH 
# 
_pdbx_initial_refinement_model.id               1 
_pdbx_initial_refinement_model.entity_id_list   ? 
_pdbx_initial_refinement_model.type             'experimental model' 
_pdbx_initial_refinement_model.source_name      PDB 
_pdbx_initial_refinement_model.accession_code   5KH3 
_pdbx_initial_refinement_model.details          ? 
# 
_pdbx_struct_assembly_auth_evidence.id                     1 
_pdbx_struct_assembly_auth_evidence.assembly_id            1 
_pdbx_struct_assembly_auth_evidence.experimental_support   'gel filtration' 
_pdbx_struct_assembly_auth_evidence.details                ? 
# 
